data_7DVF
# 
_entry.id   7DVF 
# 
_audit_conform.dict_name       mmcif_pdbx.dic 
_audit_conform.dict_version    5.380 
_audit_conform.dict_location   http://mmcif.pdb.org/dictionaries/ascii/mmcif_pdbx.dic 
# 
loop_
_database_2.database_id 
_database_2.database_code 
_database_2.pdbx_database_accession 
_database_2.pdbx_DOI 
PDB   7DVF         pdb_00007dvf 10.2210/pdb7dvf/pdb 
WWPDB D_1300020170 ?            ?                   
# 
_pdbx_database_status.status_code                     REL 
_pdbx_database_status.status_code_sf                  REL 
_pdbx_database_status.status_code_mr                  ? 
_pdbx_database_status.entry_id                        7DVF 
_pdbx_database_status.recvd_initial_deposition_date   2021-01-13 
_pdbx_database_status.SG_entry                        N 
_pdbx_database_status.deposit_site                    PDBJ 
_pdbx_database_status.process_site                    PDBJ 
_pdbx_database_status.status_code_cs                  ? 
_pdbx_database_status.status_code_nmr_data            ? 
_pdbx_database_status.methods_development_category    ? 
_pdbx_database_status.pdb_format_compatible           Y 
# 
loop_
_audit_author.name 
_audit_author.pdbx_ordinal 
_audit_author.identifier_ORCID 
'Yagi, S.'      1 ? 
'Tagami, S.'    2 ? 
'Padhi, A.K.'   3 ? 
'Zhang, K.Y.J.' 4 ? 
# 
_citation.abstract                  ? 
_citation.abstract_id_CAS           ? 
_citation.book_id_ISBN              ? 
_citation.book_publisher            ? 
_citation.book_publisher_city       ? 
_citation.book_title                ? 
_citation.coordinate_linkage        ? 
_citation.country                   US 
_citation.database_id_Medline       ? 
_citation.details                   ? 
_citation.id                        primary 
_citation.journal_abbrev            J.Am.Chem.Soc. 
_citation.journal_id_ASTM           JACSAT 
_citation.journal_id_CSD            ? 
_citation.journal_id_ISSN           1520-5126 
_citation.journal_full              ? 
_citation.journal_issue             ? 
_citation.journal_volume            143 
_citation.language                  ? 
_citation.page_first                15998 
_citation.page_last                 16006 
_citation.title                     'Seven Amino Acid Types Suffice to Create the Core Fold of RNA Polymerase.' 
_citation.year                      2021 
_citation.database_id_CSD           ? 
_citation.pdbx_database_id_DOI      10.1021/jacs.1c05367 
_citation.pdbx_database_id_PubMed   34559526 
_citation.pdbx_database_id_patent   ? 
_citation.unpublished_flag          ? 
# 
loop_
_citation_author.citation_id 
_citation_author.name 
_citation_author.ordinal 
_citation_author.identifier_ORCID 
primary 'Yagi, S.'      1 ?                   
primary 'Padhi, A.K.'   2 ?                   
primary 'Vucinic, J.'   3 ?                   
primary 'Barbe, S.'     4 ?                   
primary 'Schiex, T.'    5 ?                   
primary 'Nakagawa, R.'  6 0000-0002-6178-2945 
primary 'Simoncini, D.' 7 ?                   
primary 'Zhang, K.Y.J.' 8 0000-0002-9282-8045 
primary 'Tagami, S.'    9 0000-0002-1720-3627 
# 
_cell.angle_alpha                  90.000 
_cell.angle_alpha_esd              ? 
_cell.angle_beta                   90.000 
_cell.angle_beta_esd               ? 
_cell.angle_gamma                  90.000 
_cell.angle_gamma_esd              ? 
_cell.entry_id                     7DVF 
_cell.details                      ? 
_cell.formula_units_Z              ? 
_cell.length_a                     26.280 
_cell.length_a_esd                 ? 
_cell.length_b                     33.536 
_cell.length_b_esd                 ? 
_cell.length_c                     79.184 
_cell.length_c_esd                 ? 
_cell.volume                       ? 
_cell.volume_esd                   ? 
_cell.Z_PDB                        4 
_cell.reciprocal_angle_alpha       ? 
_cell.reciprocal_angle_beta        ? 
_cell.reciprocal_angle_gamma       ? 
_cell.reciprocal_angle_alpha_esd   ? 
_cell.reciprocal_angle_beta_esd    ? 
_cell.reciprocal_angle_gamma_esd   ? 
_cell.reciprocal_length_a          ? 
_cell.reciprocal_length_b          ? 
_cell.reciprocal_length_c          ? 
_cell.reciprocal_length_a_esd      ? 
_cell.reciprocal_length_b_esd      ? 
_cell.reciprocal_length_c_esd      ? 
_cell.pdbx_unique_axis             ? 
# 
_symmetry.entry_id                         7DVF 
_symmetry.cell_setting                     ? 
_symmetry.Int_Tables_number                19 
_symmetry.space_group_name_Hall            ? 
_symmetry.space_group_name_H-M             'P 21 21 21' 
_symmetry.pdbx_full_space_group_name_H-M   ? 
# 
loop_
_entity.id 
_entity.type 
_entity.src_method 
_entity.pdbx_description 
_entity.formula_weight 
_entity.pdbx_number_of_molecules 
_entity.pdbx_ec 
_entity.pdbx_mutation 
_entity.pdbx_fragment 
_entity.details 
1 polymer     man 'reDPBB_sym2 protein'           9418.103 1   ? ? ? ? 
2 non-polymer syn '(4S)-2-METHYL-2,4-PENTANEDIOL' 118.174  1   ? ? ? ? 
3 water       nat water                           18.015   122 ? ? ? ? 
# 
_entity_poly.entity_id                      1 
_entity_poly.type                           'polypeptide(L)' 
_entity_poly.nstd_linkage                   no 
_entity_poly.nstd_monomer                   no 
_entity_poly.pdbx_seq_one_letter_code       
;GPPMKLRVMEAYPEDVGKGIVRMDKASREKLGVSAGDLVEIKGSKTPMKLRVMEAYPEDVGKGIVRMDKASREKLGVSAG
DLVEIKG
;
_entity_poly.pdbx_seq_one_letter_code_can   
;GPPMKLRVMEAYPEDVGKGIVRMDKASREKLGVSAGDLVEIKGSKTPMKLRVMEAYPEDVGKGIVRMDKASREKLGVSAG
DLVEIKG
;
_entity_poly.pdbx_strand_id                 A 
_entity_poly.pdbx_target_identifier         ? 
# 
loop_
_entity_poly_seq.entity_id 
_entity_poly_seq.num 
_entity_poly_seq.mon_id 
_entity_poly_seq.hetero 
1 1  GLY n 
1 2  PRO n 
1 3  PRO n 
1 4  MET n 
1 5  LYS n 
1 6  LEU n 
1 7  ARG n 
1 8  VAL n 
1 9  MET n 
1 10 GLU n 
1 11 ALA n 
1 12 TYR n 
1 13 PRO n 
1 14 GLU n 
1 15 ASP n 
1 16 VAL n 
1 17 GLY n 
1 18 LYS n 
1 19 GLY n 
1 20 ILE n 
1 21 VAL n 
1 22 ARG n 
1 23 MET n 
1 24 ASP n 
1 25 LYS n 
1 26 ALA n 
1 27 SER n 
1 28 ARG n 
1 29 GLU n 
1 30 LYS n 
1 31 LEU n 
1 32 GLY n 
1 33 VAL n 
1 34 SER n 
1 35 ALA n 
1 36 GLY n 
1 37 ASP n 
1 38 LEU n 
1 39 VAL n 
1 40 GLU n 
1 41 ILE n 
1 42 LYS n 
1 43 GLY n 
1 44 SER n 
1 45 LYS n 
1 46 THR n 
1 47 PRO n 
1 48 MET n 
1 49 LYS n 
1 50 LEU n 
1 51 ARG n 
1 52 VAL n 
1 53 MET n 
1 54 GLU n 
1 55 ALA n 
1 56 TYR n 
1 57 PRO n 
1 58 GLU n 
1 59 ASP n 
1 60 VAL n 
1 61 GLY n 
1 62 LYS n 
1 63 GLY n 
1 64 ILE n 
1 65 VAL n 
1 66 ARG n 
1 67 MET n 
1 68 ASP n 
1 69 LYS n 
1 70 ALA n 
1 71 SER n 
1 72 ARG n 
1 73 GLU n 
1 74 LYS n 
1 75 LEU n 
1 76 GLY n 
1 77 VAL n 
1 78 SER n 
1 79 ALA n 
1 80 GLY n 
1 81 ASP n 
1 82 LEU n 
1 83 VAL n 
1 84 GLU n 
1 85 ILE n 
1 86 LYS n 
1 87 GLY n 
# 
_entity_src_gen.entity_id                          1 
_entity_src_gen.pdbx_src_id                        1 
_entity_src_gen.pdbx_alt_source_flag               sample 
_entity_src_gen.pdbx_seq_type                      'Biological sequence' 
_entity_src_gen.pdbx_beg_seq_num                   1 
_entity_src_gen.pdbx_end_seq_num                   87 
_entity_src_gen.gene_src_common_name               ? 
_entity_src_gen.gene_src_genus                     ? 
_entity_src_gen.pdbx_gene_src_gene                 ? 
_entity_src_gen.gene_src_species                   ? 
_entity_src_gen.gene_src_strain                    ? 
_entity_src_gen.gene_src_tissue                    ? 
_entity_src_gen.gene_src_tissue_fraction           ? 
_entity_src_gen.gene_src_details                   ? 
_entity_src_gen.pdbx_gene_src_fragment             ? 
_entity_src_gen.pdbx_gene_src_scientific_name      'synthetic construct' 
_entity_src_gen.pdbx_gene_src_ncbi_taxonomy_id     32630 
_entity_src_gen.pdbx_gene_src_variant              ? 
_entity_src_gen.pdbx_gene_src_cell_line            ? 
_entity_src_gen.pdbx_gene_src_atcc                 ? 
_entity_src_gen.pdbx_gene_src_organ                ? 
_entity_src_gen.pdbx_gene_src_organelle            ? 
_entity_src_gen.pdbx_gene_src_cell                 ? 
_entity_src_gen.pdbx_gene_src_cellular_location    ? 
_entity_src_gen.host_org_common_name               ? 
_entity_src_gen.pdbx_host_org_scientific_name      'Escherichia coli BL21(DE3)' 
_entity_src_gen.pdbx_host_org_ncbi_taxonomy_id     469008 
_entity_src_gen.host_org_genus                     ? 
_entity_src_gen.pdbx_host_org_gene                 ? 
_entity_src_gen.pdbx_host_org_organ                ? 
_entity_src_gen.host_org_species                   ? 
_entity_src_gen.pdbx_host_org_tissue               ? 
_entity_src_gen.pdbx_host_org_tissue_fraction      ? 
_entity_src_gen.pdbx_host_org_strain               ? 
_entity_src_gen.pdbx_host_org_variant              ? 
_entity_src_gen.pdbx_host_org_cell_line            ? 
_entity_src_gen.pdbx_host_org_atcc                 ? 
_entity_src_gen.pdbx_host_org_culture_collection   ? 
_entity_src_gen.pdbx_host_org_cell                 ? 
_entity_src_gen.pdbx_host_org_organelle            ? 
_entity_src_gen.pdbx_host_org_cellular_location    ? 
_entity_src_gen.pdbx_host_org_vector_type          ? 
_entity_src_gen.pdbx_host_org_vector               ? 
_entity_src_gen.host_org_details                   ? 
_entity_src_gen.expression_system_id               ? 
_entity_src_gen.plasmid_name                       ? 
_entity_src_gen.plasmid_details                    ? 
_entity_src_gen.pdbx_description                   ? 
# 
_struct_ref.id                         1 
_struct_ref.db_name                    PDB 
_struct_ref.db_code                    7DVF 
_struct_ref.pdbx_db_accession          7DVF 
_struct_ref.pdbx_db_isoform            ? 
_struct_ref.entity_id                  1 
_struct_ref.pdbx_seq_one_letter_code   ? 
_struct_ref.pdbx_align_begin           1 
# 
_struct_ref_seq.align_id                      1 
_struct_ref_seq.ref_id                        1 
_struct_ref_seq.pdbx_PDB_id_code              7DVF 
_struct_ref_seq.pdbx_strand_id                A 
_struct_ref_seq.seq_align_beg                 1 
_struct_ref_seq.pdbx_seq_align_beg_ins_code   ? 
_struct_ref_seq.seq_align_end                 87 
_struct_ref_seq.pdbx_seq_align_end_ins_code   ? 
_struct_ref_seq.pdbx_db_accession             7DVF 
_struct_ref_seq.db_align_beg                  1 
_struct_ref_seq.pdbx_db_align_beg_ins_code    ? 
_struct_ref_seq.db_align_end                  87 
_struct_ref_seq.pdbx_db_align_end_ins_code    ? 
_struct_ref_seq.pdbx_auth_seq_align_beg       1 
_struct_ref_seq.pdbx_auth_seq_align_end       87 
# 
loop_
_chem_comp.id 
_chem_comp.type 
_chem_comp.mon_nstd_flag 
_chem_comp.name 
_chem_comp.pdbx_synonyms 
_chem_comp.formula 
_chem_comp.formula_weight 
ALA 'L-peptide linking' y ALANINE                         ? 'C3 H7 N O2'     89.093  
ARG 'L-peptide linking' y ARGININE                        ? 'C6 H15 N4 O2 1' 175.209 
ASP 'L-peptide linking' y 'ASPARTIC ACID'                 ? 'C4 H7 N O4'     133.103 
GLU 'L-peptide linking' y 'GLUTAMIC ACID'                 ? 'C5 H9 N O4'     147.129 
GLY 'peptide linking'   y GLYCINE                         ? 'C2 H5 N O2'     75.067  
HOH non-polymer         . WATER                           ? 'H2 O'           18.015  
ILE 'L-peptide linking' y ISOLEUCINE                      ? 'C6 H13 N O2'    131.173 
LEU 'L-peptide linking' y LEUCINE                         ? 'C6 H13 N O2'    131.173 
LYS 'L-peptide linking' y LYSINE                          ? 'C6 H15 N2 O2 1' 147.195 
MET 'L-peptide linking' y METHIONINE                      ? 'C5 H11 N O2 S'  149.211 
MPD non-polymer         . '(4S)-2-METHYL-2,4-PENTANEDIOL' ? 'C6 H14 O2'      118.174 
PRO 'L-peptide linking' y PROLINE                         ? 'C5 H9 N O2'     115.130 
SER 'L-peptide linking' y SERINE                          ? 'C3 H7 N O3'     105.093 
THR 'L-peptide linking' y THREONINE                       ? 'C4 H9 N O3'     119.119 
TYR 'L-peptide linking' y TYROSINE                        ? 'C9 H11 N O3'    181.189 
VAL 'L-peptide linking' y VALINE                          ? 'C5 H11 N O2'    117.146 
# 
_exptl.absorpt_coefficient_mu     ? 
_exptl.absorpt_correction_T_max   ? 
_exptl.absorpt_correction_T_min   ? 
_exptl.absorpt_correction_type    ? 
_exptl.absorpt_process_details    ? 
_exptl.entry_id                   7DVF 
_exptl.crystals_number            1 
_exptl.details                    ? 
_exptl.method                     'X-RAY DIFFRACTION' 
_exptl.method_details             ? 
# 
_exptl_crystal.colour                      ? 
_exptl_crystal.density_diffrn              ? 
_exptl_crystal.density_Matthews            1.85 
_exptl_crystal.density_method              ? 
_exptl_crystal.density_percent_sol         33.60 
_exptl_crystal.description                 ? 
_exptl_crystal.F_000                       ? 
_exptl_crystal.id                          1 
_exptl_crystal.preparation                 ? 
_exptl_crystal.size_max                    ? 
_exptl_crystal.size_mid                    ? 
_exptl_crystal.size_min                    ? 
_exptl_crystal.size_rad                    ? 
_exptl_crystal.colour_lustre               ? 
_exptl_crystal.colour_modifier             ? 
_exptl_crystal.colour_primary              ? 
_exptl_crystal.density_meas                ? 
_exptl_crystal.density_meas_esd            ? 
_exptl_crystal.density_meas_gt             ? 
_exptl_crystal.density_meas_lt             ? 
_exptl_crystal.density_meas_temp           ? 
_exptl_crystal.density_meas_temp_esd       ? 
_exptl_crystal.density_meas_temp_gt        ? 
_exptl_crystal.density_meas_temp_lt        ? 
_exptl_crystal.pdbx_crystal_image_url      ? 
_exptl_crystal.pdbx_crystal_image_format   ? 
_exptl_crystal.pdbx_mosaicity              ? 
_exptl_crystal.pdbx_mosaicity_esd          ? 
# 
_exptl_crystal_grow.apparatus       ? 
_exptl_crystal_grow.atmosphere      ? 
_exptl_crystal_grow.crystal_id      1 
_exptl_crystal_grow.details         ? 
_exptl_crystal_grow.method          'VAPOR DIFFUSION, SITTING DROP' 
_exptl_crystal_grow.method_ref      ? 
_exptl_crystal_grow.pH              ? 
_exptl_crystal_grow.pressure        ? 
_exptl_crystal_grow.pressure_esd    ? 
_exptl_crystal_grow.seeding         ? 
_exptl_crystal_grow.seeding_ref     ? 
_exptl_crystal_grow.temp            293 
_exptl_crystal_grow.temp_details    ? 
_exptl_crystal_grow.temp_esd        ? 
_exptl_crystal_grow.time            ? 
_exptl_crystal_grow.pdbx_details    '100mM Sodium acetate pH6.2, 35% MPD, 20% PEG1500' 
_exptl_crystal_grow.pdbx_pH_range   ? 
# 
_diffrn.ambient_environment              ? 
_diffrn.ambient_temp                     100 
_diffrn.ambient_temp_details             ? 
_diffrn.ambient_temp_esd                 ? 
_diffrn.crystal_id                       1 
_diffrn.crystal_support                  ? 
_diffrn.crystal_treatment                ? 
_diffrn.details                          ? 
_diffrn.id                               1 
_diffrn.ambient_pressure                 ? 
_diffrn.ambient_pressure_esd             ? 
_diffrn.ambient_pressure_gt              ? 
_diffrn.ambient_pressure_lt              ? 
_diffrn.ambient_temp_gt                  ? 
_diffrn.ambient_temp_lt                  ? 
_diffrn.pdbx_serial_crystal_experiment   N 
# 
_diffrn_detector.details                      ? 
_diffrn_detector.detector                     CCD 
_diffrn_detector.diffrn_id                    1 
_diffrn_detector.type                         'RAYONIX MX225-HS' 
_diffrn_detector.area_resol_mean              ? 
_diffrn_detector.dtime                        ? 
_diffrn_detector.pdbx_frames_total            ? 
_diffrn_detector.pdbx_collection_time_total   ? 
_diffrn_detector.pdbx_collection_date         2020-04-08 
_diffrn_detector.pdbx_frequency               ? 
# 
_diffrn_radiation.collimation                      ? 
_diffrn_radiation.diffrn_id                        1 
_diffrn_radiation.filter_edge                      ? 
_diffrn_radiation.inhomogeneity                    ? 
_diffrn_radiation.monochromator                    ? 
_diffrn_radiation.polarisn_norm                    ? 
_diffrn_radiation.polarisn_ratio                   ? 
_diffrn_radiation.probe                            ? 
_diffrn_radiation.type                             ? 
_diffrn_radiation.xray_symbol                      ? 
_diffrn_radiation.wavelength_id                    1 
_diffrn_radiation.pdbx_monochromatic_or_laue_m_l   M 
_diffrn_radiation.pdbx_wavelength_list             ? 
_diffrn_radiation.pdbx_wavelength                  ? 
_diffrn_radiation.pdbx_diffrn_protocol             'SINGLE WAVELENGTH' 
_diffrn_radiation.pdbx_analyzer                    ? 
_diffrn_radiation.pdbx_scattering_type             x-ray 
# 
_diffrn_radiation_wavelength.id           1 
_diffrn_radiation_wavelength.wavelength   1 
_diffrn_radiation_wavelength.wt           1.0 
# 
_diffrn_source.current                     ? 
_diffrn_source.details                     ? 
_diffrn_source.diffrn_id                   1 
_diffrn_source.power                       ? 
_diffrn_source.size                        ? 
_diffrn_source.source                      SYNCHROTRON 
_diffrn_source.target                      ? 
_diffrn_source.type                        'SPRING-8 BEAMLINE BL26B2' 
_diffrn_source.voltage                     ? 
_diffrn_source.take-off_angle              ? 
_diffrn_source.pdbx_wavelength_list        1 
_diffrn_source.pdbx_wavelength             ? 
_diffrn_source.pdbx_synchrotron_beamline   BL26B2 
_diffrn_source.pdbx_synchrotron_site       SPring-8 
# 
_reflns.B_iso_Wilson_estimate                          ? 
_reflns.entry_id                                       7DVF 
_reflns.data_reduction_details                         ? 
_reflns.data_reduction_method                          ? 
_reflns.d_resolution_high                              1.2 
_reflns.d_resolution_low                               50 
_reflns.details                                        ? 
_reflns.limit_h_max                                    ? 
_reflns.limit_h_min                                    ? 
_reflns.limit_k_max                                    ? 
_reflns.limit_k_min                                    ? 
_reflns.limit_l_max                                    ? 
_reflns.limit_l_min                                    ? 
_reflns.number_all                                     ? 
_reflns.number_obs                                     21779 
_reflns.observed_criterion                             ? 
_reflns.observed_criterion_F_max                       ? 
_reflns.observed_criterion_F_min                       ? 
_reflns.observed_criterion_I_max                       ? 
_reflns.observed_criterion_I_min                       ? 
_reflns.observed_criterion_sigma_F                     ? 
_reflns.observed_criterion_sigma_I                     ? 
_reflns.percent_possible_obs                           98.6 
_reflns.R_free_details                                 ? 
_reflns.Rmerge_F_all                                   ? 
_reflns.Rmerge_F_obs                                   ? 
_reflns.Friedel_coverage                               ? 
_reflns.number_gt                                      ? 
_reflns.threshold_expression                           ? 
_reflns.pdbx_redundancy                                12.1 
_reflns.pdbx_Rmerge_I_obs                              ? 
_reflns.pdbx_Rmerge_I_all                              ? 
_reflns.pdbx_Rsym_value                                ? 
_reflns.pdbx_netI_over_av_sigmaI                       ? 
_reflns.pdbx_netI_over_sigmaI                          29.03 
_reflns.pdbx_res_netI_over_av_sigmaI_2                 ? 
_reflns.pdbx_res_netI_over_sigmaI_2                    ? 
_reflns.pdbx_chi_squared                               ? 
_reflns.pdbx_scaling_rejects                           ? 
_reflns.pdbx_d_res_high_opt                            ? 
_reflns.pdbx_d_res_low_opt                             ? 
_reflns.pdbx_d_res_opt_method                          ? 
_reflns.phase_calculation_details                      ? 
_reflns.pdbx_Rrim_I_all                                ? 
_reflns.pdbx_Rpim_I_all                                ? 
_reflns.pdbx_d_opt                                     ? 
_reflns.pdbx_number_measured_all                       ? 
_reflns.pdbx_diffrn_id                                 1 
_reflns.pdbx_ordinal                                   1 
_reflns.pdbx_CC_half                                   0.999 
_reflns.pdbx_CC_star                                   ? 
_reflns.pdbx_R_split                                   ? 
_reflns.pdbx_aniso_diffraction_limit_axis_1_ortho[1]   ? 
_reflns.pdbx_aniso_diffraction_limit_axis_1_ortho[2]   ? 
_reflns.pdbx_aniso_diffraction_limit_axis_1_ortho[3]   ? 
_reflns.pdbx_aniso_diffraction_limit_axis_2_ortho[1]   ? 
_reflns.pdbx_aniso_diffraction_limit_axis_2_ortho[2]   ? 
_reflns.pdbx_aniso_diffraction_limit_axis_2_ortho[3]   ? 
_reflns.pdbx_aniso_diffraction_limit_axis_3_ortho[1]   ? 
_reflns.pdbx_aniso_diffraction_limit_axis_3_ortho[2]   ? 
_reflns.pdbx_aniso_diffraction_limit_axis_3_ortho[3]   ? 
_reflns.pdbx_aniso_diffraction_limit_1                 ? 
_reflns.pdbx_aniso_diffraction_limit_2                 ? 
_reflns.pdbx_aniso_diffraction_limit_3                 ? 
_reflns.pdbx_aniso_B_tensor_eigenvector_1_ortho[1]     ? 
_reflns.pdbx_aniso_B_tensor_eigenvector_1_ortho[2]     ? 
_reflns.pdbx_aniso_B_tensor_eigenvector_1_ortho[3]     ? 
_reflns.pdbx_aniso_B_tensor_eigenvector_2_ortho[1]     ? 
_reflns.pdbx_aniso_B_tensor_eigenvector_2_ortho[2]     ? 
_reflns.pdbx_aniso_B_tensor_eigenvector_2_ortho[3]     ? 
_reflns.pdbx_aniso_B_tensor_eigenvector_3_ortho[1]     ? 
_reflns.pdbx_aniso_B_tensor_eigenvector_3_ortho[2]     ? 
_reflns.pdbx_aniso_B_tensor_eigenvector_3_ortho[3]     ? 
_reflns.pdbx_aniso_B_tensor_eigenvalue_1               ? 
_reflns.pdbx_aniso_B_tensor_eigenvalue_2               ? 
_reflns.pdbx_aniso_B_tensor_eigenvalue_3               ? 
_reflns.pdbx_orthogonalization_convention              ? 
_reflns.pdbx_percent_possible_ellipsoidal              ? 
_reflns.pdbx_percent_possible_spherical                ? 
_reflns.pdbx_percent_possible_ellipsoidal_anomalous    ? 
_reflns.pdbx_percent_possible_spherical_anomalous      ? 
_reflns.pdbx_redundancy_anomalous                      ? 
_reflns.pdbx_CC_half_anomalous                         ? 
_reflns.pdbx_absDiff_over_sigma_anomalous              ? 
_reflns.pdbx_percent_possible_anomalous                ? 
_reflns.pdbx_observed_signal_threshold                 ? 
_reflns.pdbx_signal_type                               ? 
_reflns.pdbx_signal_details                            ? 
_reflns.pdbx_signal_software_id                        ? 
# 
_reflns_shell.d_res_high                                    1.21 
_reflns_shell.d_res_low                                     1.28 
_reflns_shell.meanI_over_sigI_all                           ? 
_reflns_shell.meanI_over_sigI_obs                           ? 
_reflns_shell.number_measured_all                           ? 
_reflns_shell.number_measured_obs                           ? 
_reflns_shell.number_possible                               ? 
_reflns_shell.number_unique_all                             ? 
_reflns_shell.number_unique_obs                             2768 
_reflns_shell.percent_possible_all                          ? 
_reflns_shell.percent_possible_obs                          ? 
_reflns_shell.Rmerge_F_all                                  ? 
_reflns_shell.Rmerge_F_obs                                  ? 
_reflns_shell.Rmerge_I_all                                  ? 
_reflns_shell.Rmerge_I_obs                                  ? 
_reflns_shell.meanI_over_sigI_gt                            ? 
_reflns_shell.meanI_over_uI_all                             ? 
_reflns_shell.meanI_over_uI_gt                              ? 
_reflns_shell.number_measured_gt                            ? 
_reflns_shell.number_unique_gt                              ? 
_reflns_shell.percent_possible_gt                           ? 
_reflns_shell.Rmerge_F_gt                                   ? 
_reflns_shell.Rmerge_I_gt                                   ? 
_reflns_shell.pdbx_redundancy                               ? 
_reflns_shell.pdbx_Rsym_value                               ? 
_reflns_shell.pdbx_chi_squared                              ? 
_reflns_shell.pdbx_netI_over_sigmaI_all                     ? 
_reflns_shell.pdbx_netI_over_sigmaI_obs                     ? 
_reflns_shell.pdbx_Rrim_I_all                               ? 
_reflns_shell.pdbx_Rpim_I_all                               ? 
_reflns_shell.pdbx_rejects                                  ? 
_reflns_shell.pdbx_ordinal                                  1 
_reflns_shell.pdbx_diffrn_id                                1 
_reflns_shell.pdbx_CC_half                                  0.995 
_reflns_shell.pdbx_CC_star                                  ? 
_reflns_shell.pdbx_R_split                                  ? 
_reflns_shell.pdbx_percent_possible_ellipsoidal             ? 
_reflns_shell.pdbx_percent_possible_spherical               ? 
_reflns_shell.pdbx_percent_possible_ellipsoidal_anomalous   ? 
_reflns_shell.pdbx_percent_possible_spherical_anomalous     ? 
_reflns_shell.pdbx_redundancy_anomalous                     ? 
_reflns_shell.pdbx_CC_half_anomalous                        ? 
_reflns_shell.pdbx_absDiff_over_sigma_anomalous             ? 
_reflns_shell.pdbx_percent_possible_anomalous               ? 
# 
_refine.aniso_B[1][1]                            ? 
_refine.aniso_B[1][2]                            ? 
_refine.aniso_B[1][3]                            ? 
_refine.aniso_B[2][2]                            ? 
_refine.aniso_B[2][3]                            ? 
_refine.aniso_B[3][3]                            ? 
_refine.B_iso_max                                85.930 
_refine.B_iso_mean                               22.1422 
_refine.B_iso_min                                4.130 
_refine.correlation_coeff_Fo_to_Fc               ? 
_refine.correlation_coeff_Fo_to_Fc_free          ? 
_refine.details                                  ? 
_refine.diff_density_max                         ? 
_refine.diff_density_max_esd                     ? 
_refine.diff_density_min                         ? 
_refine.diff_density_min_esd                     ? 
_refine.diff_density_rms                         ? 
_refine.diff_density_rms_esd                     ? 
_refine.entry_id                                 7DVF 
_refine.pdbx_refine_id                           'X-RAY DIFFRACTION' 
_refine.ls_abs_structure_details                 ? 
_refine.ls_abs_structure_Flack                   ? 
_refine.ls_abs_structure_Flack_esd               ? 
_refine.ls_abs_structure_Rogers                  ? 
_refine.ls_abs_structure_Rogers_esd              ? 
_refine.ls_d_res_high                            1.2090 
_refine.ls_d_res_low                             21.8960 
_refine.ls_extinction_coef                       ? 
_refine.ls_extinction_coef_esd                   ? 
_refine.ls_extinction_expression                 ? 
_refine.ls_extinction_method                     ? 
_refine.ls_goodness_of_fit_all                   ? 
_refine.ls_goodness_of_fit_all_esd               ? 
_refine.ls_goodness_of_fit_obs                   ? 
_refine.ls_goodness_of_fit_obs_esd               ? 
_refine.ls_hydrogen_treatment                    ? 
_refine.ls_matrix_type                           ? 
_refine.ls_number_constraints                    ? 
_refine.ls_number_parameters                     ? 
_refine.ls_number_reflns_all                     ? 
_refine.ls_number_reflns_obs                     21775 
_refine.ls_number_reflns_R_free                  2000 
_refine.ls_number_reflns_R_work                  19775 
_refine.ls_number_restraints                     ? 
_refine.ls_percent_reflns_obs                    98.2400 
_refine.ls_percent_reflns_R_free                 9.1800 
_refine.ls_R_factor_all                          ? 
_refine.ls_R_factor_obs                          0.1573 
_refine.ls_R_factor_R_free                       0.1953 
_refine.ls_R_factor_R_free_error                 ? 
_refine.ls_R_factor_R_free_error_details         ? 
_refine.ls_R_factor_R_work                       0.1536 
_refine.ls_R_Fsqd_factor_obs                     ? 
_refine.ls_R_I_factor_obs                        ? 
_refine.ls_redundancy_reflns_all                 ? 
_refine.ls_redundancy_reflns_obs                 ? 
_refine.ls_restrained_S_all                      ? 
_refine.ls_restrained_S_obs                      ? 
_refine.ls_shift_over_esd_max                    ? 
_refine.ls_shift_over_esd_mean                   ? 
_refine.ls_structure_factor_coef                 ? 
_refine.ls_weighting_details                     ? 
_refine.ls_weighting_scheme                      ? 
_refine.ls_wR_factor_all                         ? 
_refine.ls_wR_factor_obs                         ? 
_refine.ls_wR_factor_R_free                      ? 
_refine.ls_wR_factor_R_work                      ? 
_refine.occupancy_max                            ? 
_refine.occupancy_min                            ? 
_refine.solvent_model_details                    'FLAT BULK SOLVENT MODEL' 
_refine.solvent_model_param_bsol                 ? 
_refine.solvent_model_param_ksol                 ? 
_refine.pdbx_R_complete                          ? 
_refine.ls_R_factor_gt                           ? 
_refine.ls_goodness_of_fit_gt                    ? 
_refine.ls_goodness_of_fit_ref                   ? 
_refine.ls_shift_over_su_max                     ? 
_refine.ls_shift_over_su_max_lt                  ? 
_refine.ls_shift_over_su_mean                    ? 
_refine.ls_shift_over_su_mean_lt                 ? 
_refine.pdbx_ls_sigma_I                          ? 
_refine.pdbx_ls_sigma_F                          1.470 
_refine.pdbx_ls_sigma_Fsqd                       ? 
_refine.pdbx_data_cutoff_high_absF               ? 
_refine.pdbx_data_cutoff_high_rms_absF           ? 
_refine.pdbx_data_cutoff_low_absF                ? 
_refine.pdbx_isotropic_thermal_model             ? 
_refine.pdbx_ls_cross_valid_method               THROUGHOUT 
_refine.pdbx_method_to_determine_struct          'MOLECULAR REPLACEMENT' 
_refine.pdbx_starting_model                      7DU6 
_refine.pdbx_stereochemistry_target_values       ML 
_refine.pdbx_R_Free_selection_details            ? 
_refine.pdbx_stereochem_target_val_spec_case     ? 
_refine.pdbx_overall_ESU_R                       ? 
_refine.pdbx_overall_ESU_R_Free                  ? 
_refine.pdbx_solvent_vdw_probe_radii             1.1100 
_refine.pdbx_solvent_ion_probe_radii             ? 
_refine.pdbx_solvent_shrinkage_radii             0.9000 
_refine.pdbx_real_space_R                        ? 
_refine.pdbx_density_correlation                 ? 
_refine.pdbx_pd_number_of_powder_patterns        ? 
_refine.pdbx_pd_number_of_points                 ? 
_refine.pdbx_pd_meas_number_of_points            ? 
_refine.pdbx_pd_proc_ls_prof_R_factor            ? 
_refine.pdbx_pd_proc_ls_prof_wR_factor           ? 
_refine.pdbx_pd_Marquardt_correlation_coeff      ? 
_refine.pdbx_pd_Fsqrd_R_factor                   ? 
_refine.pdbx_pd_ls_matrix_band_width             ? 
_refine.pdbx_overall_phase_error                 17.3600 
_refine.pdbx_overall_SU_R_free_Cruickshank_DPI   ? 
_refine.pdbx_overall_SU_R_free_Blow_DPI          ? 
_refine.pdbx_overall_SU_R_Blow_DPI               ? 
_refine.pdbx_TLS_residual_ADP_flag               ? 
_refine.pdbx_diffrn_id                           1 
_refine.overall_SU_B                             ? 
_refine.overall_SU_ML                            0.1300 
_refine.overall_SU_R_Cruickshank_DPI             ? 
_refine.overall_SU_R_free                        ? 
_refine.overall_FOM_free_R_set                   ? 
_refine.overall_FOM_work_R_set                   ? 
_refine.pdbx_average_fsc_overall                 ? 
_refine.pdbx_average_fsc_work                    ? 
_refine.pdbx_average_fsc_free                    ? 
# 
_refine_hist.pdbx_refine_id                   'X-RAY DIFFRACTION' 
_refine_hist.cycle_id                         final 
_refine_hist.details                          ? 
_refine_hist.d_res_high                       1.2090 
_refine_hist.d_res_low                        21.8960 
_refine_hist.number_atoms_solvent             122 
_refine_hist.number_atoms_total               772 
_refine_hist.number_reflns_all                ? 
_refine_hist.number_reflns_obs                ? 
_refine_hist.number_reflns_R_free             ? 
_refine_hist.number_reflns_R_work             ? 
_refine_hist.R_factor_all                     ? 
_refine_hist.R_factor_obs                     ? 
_refine_hist.R_factor_R_free                  ? 
_refine_hist.R_factor_R_work                  ? 
_refine_hist.pdbx_number_residues_total       84 
_refine_hist.pdbx_B_iso_mean_ligand           22.95 
_refine_hist.pdbx_B_iso_mean_solvent          38.75 
_refine_hist.pdbx_number_atoms_protein        642 
_refine_hist.pdbx_number_atoms_nucleic_acid   0 
_refine_hist.pdbx_number_atoms_ligand         8 
_refine_hist.pdbx_number_atoms_lipid          ? 
_refine_hist.pdbx_number_atoms_carb           ? 
_refine_hist.pdbx_pseudo_atom_details         ? 
# 
loop_
_refine_ls_shell.pdbx_refine_id 
_refine_ls_shell.d_res_high 
_refine_ls_shell.d_res_low 
_refine_ls_shell.number_reflns_all 
_refine_ls_shell.number_reflns_obs 
_refine_ls_shell.number_reflns_R_free 
_refine_ls_shell.number_reflns_R_work 
_refine_ls_shell.percent_reflns_obs 
_refine_ls_shell.percent_reflns_R_free 
_refine_ls_shell.R_factor_all 
_refine_ls_shell.R_factor_obs 
_refine_ls_shell.R_factor_R_free 
_refine_ls_shell.R_factor_R_free_error 
_refine_ls_shell.R_factor_R_work 
_refine_ls_shell.redundancy_reflns_all 
_refine_ls_shell.redundancy_reflns_obs 
_refine_ls_shell.wR_factor_all 
_refine_ls_shell.wR_factor_obs 
_refine_ls_shell.wR_factor_R_free 
_refine_ls_shell.wR_factor_R_work 
_refine_ls_shell.pdbx_R_complete 
_refine_ls_shell.pdbx_total_number_of_bins_used 
_refine_ls_shell.pdbx_phase_error 
_refine_ls_shell.pdbx_fsc_work 
_refine_ls_shell.pdbx_fsc_free 
'X-RAY DIFFRACTION' 1.2090 1.2392  . . 130 1278 91.0000  . . . 0.2824 0.0000 0.2670 . . . . . . . . . . . 
'X-RAY DIFFRACTION' 1.2392 1.2727  . . 139 1377 98.0000  . . . 0.2765 0.0000 0.2672 . . . . . . . . . . . 
'X-RAY DIFFRACTION' 1.2727 1.3101  . . 143 1420 100.0000 . . . 0.2453 0.0000 0.2629 . . . . . . . . . . . 
'X-RAY DIFFRACTION' 1.3101 1.3524  . . 143 1400 100.0000 . . . 0.1974 0.0000 0.1621 . . . . . . . . . . . 
'X-RAY DIFFRACTION' 1.3524 1.4008  . . 144 1429 100.0000 . . . 0.1913 0.0000 0.1373 . . . . . . . . . . . 
'X-RAY DIFFRACTION' 1.4008 1.4568  . . 144 1426 100.0000 . . . 0.2034 0.0000 0.1461 . . . . . . . . . . . 
'X-RAY DIFFRACTION' 1.4568 1.5231  . . 144 1422 100.0000 . . . 0.2047 0.0000 0.1498 . . . . . . . . . . . 
'X-RAY DIFFRACTION' 1.5231 1.6034  . . 142 1411 100.0000 . . . 0.1604 0.0000 0.1239 . . . . . . . . . . . 
'X-RAY DIFFRACTION' 1.6034 1.7038  . . 144 1426 100.0000 . . . 0.1681 0.0000 0.1335 . . . . . . . . . . . 
'X-RAY DIFFRACTION' 1.7038 1.8353  . . 146 1446 100.0000 . . . 0.1668 0.0000 0.1361 . . . . . . . . . . . 
'X-RAY DIFFRACTION' 1.8353 2.0199  . . 146 1444 100.0000 . . . 0.1859 0.0000 0.1393 . . . . . . . . . . . 
'X-RAY DIFFRACTION' 2.0199 2.3119  . . 147 1449 100.0000 . . . 0.1601 0.0000 0.1331 . . . . . . . . . . . 
'X-RAY DIFFRACTION' 2.3119 2.9117  . . 149 1477 100.0000 . . . 0.2014 0.0000 0.1540 . . . . . . . . . . . 
'X-RAY DIFFRACTION' 2.9117 21.8960 . . 139 1370 87.0000  . . . 0.2268 0.0000 0.1675 . . . . . . . . . . . 
# 
_struct.entry_id                     7DVF 
_struct.title                        'Crystal structure of the computationally designed reDPBB_sym2 protein' 
_struct.pdbx_model_details           ? 
_struct.pdbx_formula_weight          ? 
_struct.pdbx_formula_weight_method   ? 
_struct.pdbx_model_type_details      ? 
_struct.pdbx_CASP_flag               N 
# 
_struct_keywords.entry_id        7DVF 
_struct_keywords.text            'Double psi beta barrel, CHAPERONE' 
_struct_keywords.pdbx_keywords   CHAPERONE 
# 
loop_
_struct_asym.id 
_struct_asym.pdbx_blank_PDB_chainid_flag 
_struct_asym.pdbx_modified 
_struct_asym.entity_id 
_struct_asym.details 
A N N 1 ? 
B N N 2 ? 
C N N 3 ? 
# 
loop_
_struct_conf.conf_type_id 
_struct_conf.id 
_struct_conf.pdbx_PDB_helix_id 
_struct_conf.beg_label_comp_id 
_struct_conf.beg_label_asym_id 
_struct_conf.beg_label_seq_id 
_struct_conf.pdbx_beg_PDB_ins_code 
_struct_conf.end_label_comp_id 
_struct_conf.end_label_asym_id 
_struct_conf.end_label_seq_id 
_struct_conf.pdbx_end_PDB_ins_code 
_struct_conf.beg_auth_comp_id 
_struct_conf.beg_auth_asym_id 
_struct_conf.beg_auth_seq_id 
_struct_conf.end_auth_comp_id 
_struct_conf.end_auth_asym_id 
_struct_conf.end_auth_seq_id 
_struct_conf.pdbx_PDB_helix_class 
_struct_conf.details 
_struct_conf.pdbx_PDB_helix_length 
HELX_P HELX_P1 AA1 TYR A 12 ? VAL A 16 ? TYR A 12 VAL A 16 5 ? 5 
HELX_P HELX_P2 AA2 ASP A 24 ? GLY A 32 ? ASP A 24 GLY A 32 1 ? 9 
HELX_P HELX_P3 AA3 TYR A 56 ? VAL A 60 ? TYR A 56 VAL A 60 5 ? 5 
HELX_P HELX_P4 AA4 ASP A 68 ? GLY A 76 ? ASP A 68 GLY A 76 1 ? 9 
# 
_struct_conf_type.id          HELX_P 
_struct_conf_type.criteria    ? 
_struct_conf_type.reference   ? 
# 
_struct_sheet.id               AA1 
_struct_sheet.type             ? 
_struct_sheet.number_strands   7 
_struct_sheet.details          ? 
# 
loop_
_struct_sheet_order.sheet_id 
_struct_sheet_order.range_id_1 
_struct_sheet_order.range_id_2 
_struct_sheet_order.offset 
_struct_sheet_order.sense 
AA1 1 2 ? parallel      
AA1 2 3 ? anti-parallel 
AA1 3 4 ? parallel      
AA1 4 5 ? anti-parallel 
AA1 5 6 ? anti-parallel 
AA1 6 7 ? anti-parallel 
# 
loop_
_struct_sheet_range.sheet_id 
_struct_sheet_range.id 
_struct_sheet_range.beg_label_comp_id 
_struct_sheet_range.beg_label_asym_id 
_struct_sheet_range.beg_label_seq_id 
_struct_sheet_range.pdbx_beg_PDB_ins_code 
_struct_sheet_range.end_label_comp_id 
_struct_sheet_range.end_label_asym_id 
_struct_sheet_range.end_label_seq_id 
_struct_sheet_range.pdbx_end_PDB_ins_code 
_struct_sheet_range.beg_auth_comp_id 
_struct_sheet_range.beg_auth_asym_id 
_struct_sheet_range.beg_auth_seq_id 
_struct_sheet_range.end_auth_comp_id 
_struct_sheet_range.end_auth_asym_id 
_struct_sheet_range.end_auth_seq_id 
AA1 1 MET A 4  ? GLU A 10 ? MET A 4  GLU A 10 
AA1 2 ILE A 64 ? MET A 67 ? ILE A 64 MET A 67 
AA1 3 ILE A 20 ? ARG A 22 ? ILE A 20 ARG A 22 
AA1 4 MET A 48 ? MET A 53 ? MET A 48 MET A 53 
AA1 5 LEU A 38 ? LYS A 42 ? LEU A 38 LYS A 42 
AA1 6 LEU A 82 ? LYS A 86 ? LEU A 82 LYS A 86 
AA1 7 MET A 4  ? GLU A 10 ? MET A 4  GLU A 10 
# 
loop_
_pdbx_struct_sheet_hbond.sheet_id 
_pdbx_struct_sheet_hbond.range_id_1 
_pdbx_struct_sheet_hbond.range_id_2 
_pdbx_struct_sheet_hbond.range_1_label_atom_id 
_pdbx_struct_sheet_hbond.range_1_label_comp_id 
_pdbx_struct_sheet_hbond.range_1_label_asym_id 
_pdbx_struct_sheet_hbond.range_1_label_seq_id 
_pdbx_struct_sheet_hbond.range_1_PDB_ins_code 
_pdbx_struct_sheet_hbond.range_1_auth_atom_id 
_pdbx_struct_sheet_hbond.range_1_auth_comp_id 
_pdbx_struct_sheet_hbond.range_1_auth_asym_id 
_pdbx_struct_sheet_hbond.range_1_auth_seq_id 
_pdbx_struct_sheet_hbond.range_2_label_atom_id 
_pdbx_struct_sheet_hbond.range_2_label_comp_id 
_pdbx_struct_sheet_hbond.range_2_label_asym_id 
_pdbx_struct_sheet_hbond.range_2_label_seq_id 
_pdbx_struct_sheet_hbond.range_2_PDB_ins_code 
_pdbx_struct_sheet_hbond.range_2_auth_atom_id 
_pdbx_struct_sheet_hbond.range_2_auth_comp_id 
_pdbx_struct_sheet_hbond.range_2_auth_asym_id 
_pdbx_struct_sheet_hbond.range_2_auth_seq_id 
AA1 1 2 N MET A 9  ? N MET A 9  O VAL A 65 ? O VAL A 65 
AA1 2 3 O ARG A 66 ? O ARG A 66 N ARG A 22 ? N ARG A 22 
AA1 3 4 N VAL A 21 ? N VAL A 21 O MET A 53 ? O MET A 53 
AA1 4 5 O MET A 48 ? O MET A 48 N ILE A 41 ? N ILE A 41 
AA1 5 6 N GLU A 40 ? N GLU A 40 O LYS A 86 ? O LYS A 86 
AA1 6 7 O ILE A 85 ? O ILE A 85 N MET A 4  ? N MET A 4  
# 
_atom_sites.entry_id                    7DVF 
_atom_sites.Cartn_transf_matrix[1][1]   ? 
_atom_sites.Cartn_transf_matrix[1][2]   ? 
_atom_sites.Cartn_transf_matrix[1][3]   ? 
_atom_sites.Cartn_transf_matrix[2][1]   ? 
_atom_sites.Cartn_transf_matrix[2][2]   ? 
_atom_sites.Cartn_transf_matrix[2][3]   ? 
_atom_sites.Cartn_transf_matrix[3][1]   ? 
_atom_sites.Cartn_transf_matrix[3][2]   ? 
_atom_sites.Cartn_transf_matrix[3][3]   ? 
_atom_sites.Cartn_transf_vector[1]      ? 
_atom_sites.Cartn_transf_vector[2]      ? 
_atom_sites.Cartn_transf_vector[3]      ? 
_atom_sites.fract_transf_matrix[1][1]   0.00765202 
_atom_sites.fract_transf_matrix[1][2]   -0.03624285 
_atom_sites.fract_transf_matrix[1][3]   -0.00870959 
_atom_sites.fract_transf_matrix[2][1]   0.02918814 
_atom_sites.fract_transf_matrix[2][2]   0.00609471 
_atom_sites.fract_transf_matrix[2][3]   0.00028226 
_atom_sites.fract_transf_matrix[3][1]   0.00047695 
_atom_sites.fract_transf_matrix[3][2]   -0.00285349 
_atom_sites.fract_transf_matrix[3][3]   0.01229316 
_atom_sites.fract_transf_vector[1]      0.255194 
_atom_sites.fract_transf_vector[2]      0.026767 
_atom_sites.fract_transf_vector[3]      0.117241 
_atom_sites.solution_primary            ? 
_atom_sites.solution_secondary          ? 
_atom_sites.solution_hydrogens          ? 
_atom_sites.special_details             ? 
# 
loop_
_atom_type.symbol 
C 
N 
O 
S 
# 
loop_
_atom_site.group_PDB 
_atom_site.id 
_atom_site.type_symbol 
_atom_site.label_atom_id 
_atom_site.label_alt_id 
_atom_site.label_comp_id 
_atom_site.label_asym_id 
_atom_site.label_entity_id 
_atom_site.label_seq_id 
_atom_site.pdbx_PDB_ins_code 
_atom_site.Cartn_x 
_atom_site.Cartn_y 
_atom_site.Cartn_z 
_atom_site.occupancy 
_atom_site.B_iso_or_equiv 
_atom_site.pdbx_formal_charge 
_atom_site.auth_seq_id 
_atom_site.auth_comp_id 
_atom_site.auth_asym_id 
_atom_site.auth_atom_id 
_atom_site.pdbx_PDB_model_num 
ATOM   1   N N   . PRO A 1 3  ? -12.525 0.994   -6.512  1.00 22.93  ?  3   PRO A N   1 
ATOM   2   C CA  . PRO A 1 3  ? -11.248 1.401   -5.914  1.00 22.61  ?  3   PRO A CA  1 
ATOM   3   C C   . PRO A 1 3  ? -11.433 1.916   -4.515  1.00 21.22  ?  3   PRO A C   1 
ATOM   4   O O   . PRO A 1 3  ? -12.549 2.289   -4.160  1.00 24.62  ?  3   PRO A O   1 
ATOM   5   C CB  . PRO A 1 3  ? -10.817 2.578   -6.778  1.00 24.53  ?  3   PRO A CB  1 
ATOM   6   C CG  . PRO A 1 3  ? -12.096 3.133   -7.316  1.00 26.95  ?  3   PRO A CG  1 
ATOM   7   C CD  . PRO A 1 3  ? -12.997 1.957   -7.519  1.00 26.20  ?  3   PRO A CD  1 
ATOM   8   N N   . MET A 1 4  ? -10.358 1.956   -3.728  1.00 18.23  ?  4   MET A N   1 
ATOM   9   C CA  . MET A 1 4  ? -10.446 2.530   -2.405  1.00 18.57  ?  4   MET A CA  1 
ATOM   10  C C   . MET A 1 4  ? -9.206  3.365   -2.161  1.00 16.87  ?  4   MET A C   1 
ATOM   11  O O   . MET A 1 4  ? -8.195  3.231   -2.848  1.00 18.67  ?  4   MET A O   1 
ATOM   12  C CB  . MET A 1 4  ? -10.651 1.461   -1.327  1.00 24.28  ?  4   MET A CB  1 
ATOM   13  C CG  . MET A 1 4  ? -9.400  0.736   -0.887  1.00 28.80  ?  4   MET A CG  1 
ATOM   14  S SD  . MET A 1 4  ? -9.761  -0.314  0.539   1.00 31.25  ?  4   MET A SD  1 
ATOM   15  C CE  . MET A 1 4  ? -10.340 0.903   1.711   1.00 33.54  ?  4   MET A CE  1 
ATOM   16  N N   . LYS A 1 5  ? -9.300  4.270   -1.198  1.00 16.06  ?  5   LYS A N   1 
ATOM   17  C CA  . LYS A 1 5  ? -8.159  5.077   -0.807  1.00 16.39  ?  5   LYS A CA  1 
ATOM   18  C C   . LYS A 1 5  ? -7.688  4.687   0.590   1.00 14.83  ?  5   LYS A C   1 
ATOM   19  O O   . LYS A 1 5  ? -8.495  4.387   1.474   1.00 16.86  ?  5   LYS A O   1 
ATOM   20  C CB  . LYS A 1 5  ? -8.493  6.561   -0.914  1.00 20.92  ?  5   LYS A CB  1 
ATOM   21  C CG  . LYS A 1 5  ? -8.775  6.989   -2.354  1.00 24.47  ?  5   LYS A CG  1 
ATOM   22  C CD  . LYS A 1 5  ? -8.525  8.453   -2.563  1.00 32.26  ?  5   LYS A CD  1 
ATOM   23  C CE  . LYS A 1 5  ? -7.157  8.642   -3.177  1.00 40.22  ?  5   LYS A CE  1 
ATOM   24  N NZ  . LYS A 1 5  ? -7.287  8.845   -4.640  1.00 43.80  ?  5   LYS A NZ  1 
ATOM   25  N N   . LEU A 1 6  ? -6.374  4.666   0.780   1.00 12.93  ?  6   LEU A N   1 
ATOM   26  C CA  . LEU A 1 6  ? -5.793  4.381   2.086   1.00 12.14  ?  6   LEU A CA  1 
ATOM   27  C C   . LEU A 1 6  ? -4.691  5.398   2.311   1.00 11.17  ?  6   LEU A C   1 
ATOM   28  O O   . LEU A 1 6  ? -4.158  5.970   1.358   1.00 11.57  ?  6   LEU A O   1 
ATOM   29  C CB  . LEU A 1 6  ? -5.230  2.945   2.159   1.00 12.73  ?  6   LEU A CB  1 
ATOM   30  C CG  . LEU A 1 6  ? -6.298  1.855   2.202   1.00 15.29  ?  6   LEU A CG  1 
ATOM   31  C CD1 . LEU A 1 6  ? -5.652  0.503   1.986   1.00 16.99  ?  6   LEU A CD1 1 
ATOM   32  C CD2 . LEU A 1 6  ? -6.982  1.856   3.547   1.00 17.84  ?  6   LEU A CD2 1 
ATOM   33  N N   . ARG A 1 7  ? -4.325  5.583   3.576   1.00 11.14  ?  7   ARG A N   1 
ATOM   34  C CA  . ARG A 1 7  ? -3.310  6.576   3.948   1.00 10.40  ?  7   ARG A CA  1 
ATOM   35  C C   . ARG A 1 7  ? -1.915  5.956   3.876   1.00 9.42   ?  7   ARG A C   1 
ATOM   36  O O   . ARG A 1 7  ? -1.654  4.917   4.501   1.00 11.20  ?  7   ARG A O   1 
ATOM   37  C CB  . ARG A 1 7  ? -3.542  7.053   5.383   1.00 12.11  ?  7   ARG A CB  1 
ATOM   38  C CG  . ARG A 1 7  ? -4.888  7.743   5.664   1.00 14.08  ?  7   ARG A CG  1 
ATOM   39  C CD  . ARG A 1 7  ? -4.969  9.151   5.065   1.00 14.60  ?  7   ARG A CD  1 
ATOM   40  N NE  . ARG A 1 7  ? -4.209  10.217  5.761   1.00 14.41  ?  7   ARG A NE  1 
ATOM   41  C CZ  . ARG A 1 7  ? -4.559  10.770  6.922   1.00 14.25  ?  7   ARG A CZ  1 
ATOM   42  N NH1 . ARG A 1 7  ? -5.636  10.318  7.545   1.00 14.61  ?  7   ARG A NH1 1 
ATOM   43  N NH2 . ARG A 1 7  ? -3.826  11.770  7.441   1.00 14.89  ?  7   ARG A NH2 1 
ATOM   44  N N   . VAL A 1 8  ? -1.028  6.583   3.116   1.00 11.36  ?  8   VAL A N   1 
ATOM   45  C CA  . VAL A 1 8  ? 0.337   6.091   2.960   1.00 12.00  ?  8   VAL A CA  1 
ATOM   46  C C   . VAL A 1 8  ? 1.063   6.180   4.283   1.00 10.60  ?  8   VAL A C   1 
ATOM   47  O O   . VAL A 1 8  ? 1.088   7.253   4.922   1.00 11.98  ?  8   VAL A O   1 
ATOM   48  C CB  . VAL A 1 8  ? 1.062   6.983   1.934   1.00 14.25  ?  8   VAL A CB  1 
ATOM   49  C CG1 . VAL A 1 8  ? 2.524   6.649   1.839   1.00 15.67  ?  8   VAL A CG1 1 
ATOM   50  C CG2 . VAL A 1 8  ? 0.427   6.856   0.581   1.00 15.65  ?  8   VAL A CG2 1 
ATOM   51  N N   . MET A 1 9  ? 1.744   5.100   4.669   1.00 11.63  ?  9   MET A N   1 
ATOM   52  C CA  . MET A 1 9  ? 2.621   5.091   5.822   1.00 11.41  ?  9   MET A CA  1 
ATOM   53  C C   . MET A 1 9  ? 3.920   4.407   5.448   1.00 10.90  ?  9   MET A C   1 
ATOM   54  O O   . MET A 1 9  ? 4.011   3.714   4.431   1.00 11.38  ?  9   MET A O   1 
ATOM   55  C CB  . MET A 1 9  ? 1.958   4.402   6.995   1.00 13.13  ?  9   MET A CB  1 
ATOM   56  C CG  . MET A 1 9  ? 0.737   5.183   7.460   1.00 15.91  ?  9   MET A CG  1 
ATOM   57  S SD  . MET A 1 9  ? 1.076   6.758   8.270   1.00 20.70  ?  9   MET A SD  1 
ATOM   58  C CE  . MET A 1 9  ? 1.615   6.165   9.864   1.00 25.49  ?  9   MET A CE  1 
ATOM   59  N N   . GLU A 1 10 ? 4.907   4.690   6.260   1.00 11.49  ?  10  GLU A N   1 
ATOM   60  C CA  A GLU A 1 10 ? 6.250   4.077   6.015   0.30 11.67  ?  10  GLU A CA  1 
ATOM   61  C CA  B GLU A 1 10 ? 6.251   4.066   6.042   0.70 11.56  ?  10  GLU A CA  1 
ATOM   62  C C   . GLU A 1 10 ? 6.281   2.502   6.176   1.00 10.62  ?  10  GLU A C   1 
ATOM   63  O O   . GLU A 1 10 ? 5.471   1.825   6.866   1.00 12.17  ?  10  GLU A O   1 
ATOM   64  C CB  A GLU A 1 10 ? 7.246   4.673   7.004   0.30 13.91  ?  10  GLU A CB  1 
ATOM   65  C CB  B GLU A 1 10 ? 7.237   4.647   7.061   0.70 14.62  ?  10  GLU A CB  1 
ATOM   66  C CG  A GLU A 1 10 ? 7.399   6.160   6.822   0.30 15.65  ?  10  GLU A CG  1 
ATOM   67  C CG  B GLU A 1 10 ? 8.692   4.201   6.901   0.70 17.51  ?  10  GLU A CG  1 
ATOM   68  C CD  A GLU A 1 10 ? 8.848   6.570   6.677   0.30 21.88  ?  10  GLU A CD  1 
ATOM   69  C CD  B GLU A 1 10 ? 9.289   4.638   5.583   0.70 19.23  ?  10  GLU A CD  1 
ATOM   70  O OE1 A GLU A 1 10 ? 9.578   5.906   5.902   0.30 24.93  ?  10  GLU A OE1 1 
ATOM   71  O OE1 B GLU A 1 10 ? 9.811   5.773   5.527   0.70 26.83  ?  10  GLU A OE1 1 
ATOM   72  O OE2 A GLU A 1 10 ? 9.218   7.563   7.316   0.30 24.98  -1 10  GLU A OE2 1 
ATOM   73  O OE2 B GLU A 1 10 ? 9.232   3.873   4.584   0.70 16.94  -1 10  GLU A OE2 1 
ATOM   74  N N   . ALA A 1 11 ? 7.170   1.920   5.385   1.00 10.67  ?  11  ALA A N   1 
ATOM   75  C CA  . ALA A 1 11 ? 7.387   0.483   5.426   1.00 10.02  ?  11  ALA A CA  1 
ATOM   76  C C   . ALA A 1 11 ? 8.172   0.109   6.668   1.00 10.27  ?  11  ALA A C   1 
ATOM   77  O O   . ALA A 1 11 ? 9.029   0.854   7.142   1.00 11.40  ?  11  ALA A O   1 
ATOM   78  C CB  . ALA A 1 11 ? 8.191   0.038   4.204   1.00 11.84  ?  11  ALA A CB  1 
ATOM   79  N N   . TYR A 1 12 ? 7.946   -1.109  7.143   1.00 10.03  ?  12  TYR A N   1 
ATOM   80  C CA  . TYR A 1 12 ? 8.845   -1.659  8.151   1.00 10.98  ?  12  TYR A CA  1 
ATOM   81  C C   . TYR A 1 12 ? 10.220  -1.877  7.517   1.00 9.87   ?  12  TYR A C   1 
ATOM   82  O O   . TYR A 1 12 ? 10.314  -2.213  6.329   1.00 10.50  ?  12  TYR A O   1 
ATOM   83  C CB  . TYR A 1 12 ? 8.301   -2.985  8.713   1.00 10.59  ?  12  TYR A CB  1 
ATOM   84  C CG  . TYR A 1 12 ? 7.095   -2.753  9.589   1.00 10.46  ?  12  TYR A CG  1 
ATOM   85  C CD1 . TYR A 1 12 ? 7.229   -2.151  10.835  1.00 11.25  ?  12  TYR A CD1 1 
ATOM   86  C CD2 . TYR A 1 12 ? 5.811   -3.068  9.150   1.00 11.17  ?  12  TYR A CD2 1 
ATOM   87  C CE1 . TYR A 1 12 ? 6.135   -1.896  11.634  1.00 12.21  ?  12  TYR A CE1 1 
ATOM   88  C CE2 . TYR A 1 12 ? 4.700   -2.830  9.960   1.00 11.27  ?  12  TYR A CE2 1 
ATOM   89  C CZ  . TYR A 1 12 ? 4.881   -2.231  11.181  1.00 11.37  ?  12  TYR A CZ  1 
ATOM   90  O OH  . TYR A 1 12 ? 3.804   -1.983  12.005  1.00 11.90  ?  12  TYR A OH  1 
ATOM   91  N N   . PRO A 1 13 ? 11.302  -1.663  8.290   1.00 10.07  ?  13  PRO A N   1 
ATOM   92  C CA  . PRO A 1 13 ? 12.658  -1.743  7.718   1.00 10.81  ?  13  PRO A CA  1 
ATOM   93  C C   . PRO A 1 13 ? 12.932  -2.976  6.870   1.00 10.87  ?  13  PRO A C   1 
ATOM   94  O O   . PRO A 1 13 ? 13.506  -2.855  5.785   1.00 11.76  ?  13  PRO A O   1 
ATOM   95  C CB  . PRO A 1 13 ? 13.539  -1.692  8.978   1.00 12.11  ?  13  PRO A CB  1 
ATOM   96  C CG  . PRO A 1 13 ? 12.762  -0.839  9.948   1.00 12.26  ?  13  PRO A CG  1 
ATOM   97  C CD  . PRO A 1 13 ? 11.304  -1.166  9.674   1.00 12.02  ?  13  PRO A CD  1 
ATOM   98  N N   . GLU A 1 14 ? 12.525  -4.179  7.316   1.00 10.31  ?  14  GLU A N   1 
ATOM   99  C CA  . GLU A 1 14 ? 12.877  -5.387  6.583   1.00 9.66   ?  14  GLU A CA  1 
ATOM   100 C C   . GLU A 1 14 ? 12.138  -5.488  5.259   1.00 9.84   ?  14  GLU A C   1 
ATOM   101 O O   . GLU A 1 14 ? 12.517  -6.308  4.423   1.00 11.88  ?  14  GLU A O   1 
ATOM   102 C CB  . GLU A 1 14 ? 12.649  -6.635  7.440   1.00 10.84  ?  14  GLU A CB  1 
ATOM   103 C CG  . GLU A 1 14 ? 11.178  -6.982  7.585   1.00 10.37  ?  14  GLU A CG  1 
ATOM   104 C CD  . GLU A 1 14 ? 10.924  -8.305  8.266   1.00 10.59  ?  14  GLU A CD  1 
ATOM   105 O OE1 . GLU A 1 14 ? 9.883   -8.945  7.925   1.00 11.90  ?  14  GLU A OE1 1 
ATOM   106 O OE2 . GLU A 1 14 ? 11.712  -8.701  9.155   1.00 11.31  -1 14  GLU A OE2 1 
ATOM   107 N N   . ASP A 1 15 ? 11.101  -4.676  5.044   1.00 9.71   ?  15  ASP A N   1 
ATOM   108 C CA  . ASP A 1 15 ? 10.331  -4.715  3.814   1.00 11.34  ?  15  ASP A CA  1 
ATOM   109 C C   . ASP A 1 15 ? 10.867  -3.751  2.772   1.00 12.12  ?  15  ASP A C   1 
ATOM   110 O O   . ASP A 1 15 ? 10.403  -3.772  1.621   1.00 15.49  ?  15  ASP A O   1 
ATOM   111 C CB  . ASP A 1 15 ? 8.861   -4.341  4.093   1.00 11.26  ?  15  ASP A CB  1 
ATOM   112 C CG  . ASP A 1 15 ? 8.125   -5.407  4.880   1.00 10.90  ?  15  ASP A CG  1 
ATOM   113 O OD1 . ASP A 1 15 ? 8.393   -6.588  4.655   1.00 12.74  ?  15  ASP A OD1 1 
ATOM   114 O OD2 . ASP A 1 15 ? 7.267   -5.091  5.699   1.00 11.38  -1 15  ASP A OD2 1 
ATOM   115 N N   . VAL A 1 16 ? 11.827  -2.931  3.140   1.00 12.94  ?  16  VAL A N   1 
ATOM   116 C CA  . VAL A 1 16 ? 12.320  -1.899  2.221   1.00 14.53  ?  16  VAL A CA  1 
ATOM   117 C C   . VAL A 1 16 ? 13.013  -2.548  1.034   1.00 16.77  ?  16  VAL A C   1 
ATOM   118 O O   . VAL A 1 16 ? 13.838  -3.460  1.192   1.00 18.15  ?  16  VAL A O   1 
ATOM   119 C CB  . VAL A 1 16 ? 13.224  -0.912  2.976   1.00 16.15  ?  16  VAL A CB  1 
ATOM   120 C CG1 . VAL A 1 16 ? 13.902  0.105   2.028   1.00 18.11  ?  16  VAL A CG1 1 
ATOM   121 C CG2 . VAL A 1 16 ? 12.429  -0.157  4.038   1.00 16.49  ?  16  VAL A CG2 1 
ATOM   122 N N   . GLY A 1 17 ? 12.609  -2.155  -0.174  1.00 15.59  ?  17  GLY A N   1 
ATOM   123 C CA  . GLY A 1 17 ? 13.204  -2.649  -1.389  1.00 15.44  ?  17  GLY A CA  1 
ATOM   124 C C   . GLY A 1 17 ? 12.544  -3.874  -1.954  1.00 16.10  ?  17  GLY A C   1 
ATOM   125 O O   . GLY A 1 17 ? 13.028  -4.411  -2.953  1.00 19.44  ?  17  GLY A O   1 
ATOM   126 N N   . LYS A 1 18 ? 11.471  -4.357  -1.337  1.00 17.05  ?  18  LYS A N   1 
ATOM   127 C CA  . LYS A 1 18 ? 10.811  -5.576  -1.790  1.00 17.93  ?  18  LYS A CA  1 
ATOM   128 C C   . LYS A 1 18 ? 9.626   -5.295  -2.702  1.00 17.93  ?  18  LYS A C   1 
ATOM   129 O O   . LYS A 1 18 ? 8.966   -6.233  -3.143  1.00 20.33  ?  18  LYS A O   1 
ATOM   130 C CB  . LYS A 1 18 ? 10.332  -6.430  -0.606  1.00 20.43  ?  18  LYS A CB  1 
ATOM   131 C CG  . LYS A 1 18 ? 11.447  -6.949  0.294   1.00 21.68  ?  18  LYS A CG  1 
ATOM   132 C CD  . LYS A 1 18 ? 10.900  -7.920  1.343   1.00 22.73  ?  18  LYS A CD  1 
ATOM   133 C CE  . LYS A 1 18 ? 11.972  -8.479  2.270   1.00 28.13  ?  18  LYS A CE  1 
ATOM   134 N NZ  . LYS A 1 18 ? 11.926  -9.936  2.458   1.00 37.83  ?  18  LYS A NZ  1 
ATOM   135 N N   . GLY A 1 19 ? 9.323   -4.026  -2.946  1.00 19.00  ?  19  GLY A N   1 
ATOM   136 C CA  . GLY A 1 19 ? 8.197   -3.656  -3.791  1.00 19.36  ?  19  GLY A CA  1 
ATOM   137 C C   . GLY A 1 19 ? 6.854   -4.126  -3.275  1.00 18.53  ?  19  GLY A C   1 
ATOM   138 O O   . GLY A 1 19 ? 6.001   -4.549  -4.064  1.00 19.25  ?  19  GLY A O   1 
ATOM   139 N N   . ILE A 1 20 ? 6.675   -4.097  -1.961  1.00 14.74  ?  20  ILE A N   1 
ATOM   140 C CA  . ILE A 1 20 ? 5.386   -4.590  -1.425  1.00 14.08  ?  20  ILE A CA  1 
ATOM   141 C C   . ILE A 1 20 ? 4.620   -3.459  -0.738  1.00 11.99  ?  20  ILE A C   1 
ATOM   142 O O   . ILE A 1 20 ? 5.144   -2.436  -0.450  1.00 13.34  ?  20  ILE A O   1 
ATOM   143 C CB  . ILE A 1 20 ? 5.621   -5.757  -0.451  1.00 17.98  ?  20  ILE A CB  1 
ATOM   144 C CG1 . ILE A 1 20 ? 6.300   -5.275  0.810   1.00 16.72  ?  20  ILE A CG1 1 
ATOM   145 C CG2 . ILE A 1 20 ? 6.335   -6.957  -1.067  1.00 18.60  ?  20  ILE A CG2 1 
ATOM   146 C CD1 . ILE A 1 20 ? 6.154   -6.240  1.976   1.00 21.41  ?  20  ILE A CD1 1 
ATOM   147 N N   . VAL A 1 21 ? 3.337   -3.718  -0.590  1.00 10.26  ?  21  VAL A N   1 
ATOM   148 C CA  . VAL A 1 21 ? 2.509   -2.824  0.247   1.00 12.30  ?  21  VAL A CA  1 
ATOM   149 C C   . VAL A 1 21 ? 1.833   -3.716  1.278   1.00 11.22  ?  21  VAL A C   1 
ATOM   150 O O   . VAL A 1 21 ? 1.575   -4.878  0.991   1.00 17.24  ?  21  VAL A O   1 
ATOM   151 C CB  . VAL A 1 21 ? 1.522   -1.992  -0.570  1.00 13.71  ?  21  VAL A CB  1 
ATOM   152 C CG1 . VAL A 1 21 ? 2.272   -0.946  -1.385  1.00 17.34  ?  21  VAL A CG1 1 
ATOM   153 C CG2 . VAL A 1 21 ? 0.654   -2.854  -1.477  1.00 15.39  ?  21  VAL A CG2 1 
ATOM   154 N N   . ARG A 1 22 ? 1.626   -3.194  2.452   1.00 9.09   ?  22  ARG A N   1 
ATOM   155 C CA  . ARG A 1 22 ? 0.861   -3.963  3.444   1.00 9.53   ?  22  ARG A CA  1 
ATOM   156 C C   . ARG A 1 22 ? -0.431  -3.219  3.753   1.00 8.22   ?  22  ARG A C   1 
ATOM   157 O O   . ARG A 1 22 ? -0.419  -2.050  3.983   1.00 9.67   ?  22  ARG A O   1 
ATOM   158 C CB  . ARG A 1 22 ? 1.672   -4.132  4.728   1.00 8.75   ?  22  ARG A CB  1 
ATOM   159 C CG  . ARG A 1 22 ? 2.881   -5.048  4.520   1.00 9.71   ?  22  ARG A CG  1 
ATOM   160 C CD  . ARG A 1 22 ? 3.565   -5.381  5.850   1.00 9.63   ?  22  ARG A CD  1 
ATOM   161 N NE  . ARG A 1 22 ? 4.716   -6.244  5.587   1.00 10.23  ?  22  ARG A NE  1 
ATOM   162 C CZ  . ARG A 1 22 ? 4.671   -7.536  5.392   1.00 9.31   ?  22  ARG A CZ  1 
ATOM   163 N NH1 . ARG A 1 22 ? 3.543   -8.216  5.453   1.00 10.40  ?  22  ARG A NH1 1 
ATOM   164 N NH2 . ARG A 1 22 ? 5.800   -8.157  5.098   1.00 11.16  ?  22  ARG A NH2 1 
ATOM   165 N N   . MET A 1 23 ? -1.536  -3.939  3.691   1.00 9.99   ?  23  MET A N   1 
ATOM   166 C CA  . MET A 1 23 ? -2.810  -3.367  4.111   1.00 9.86   ?  23  MET A CA  1 
ATOM   167 C C   . MET A 1 23 ? -3.620  -4.495  4.719   1.00 9.51   ?  23  MET A C   1 
ATOM   168 O O   . MET A 1 23 ? -3.338  -5.669  4.483   1.00 10.13  ?  23  MET A O   1 
ATOM   169 C CB  . MET A 1 23 ? -3.563  -2.758  2.922   1.00 12.48  ?  23  MET A CB  1 
ATOM   170 C CG  . MET A 1 23 ? -4.025  -3.825  1.950   1.00 12.85  ?  23  MET A CG  1 
ATOM   171 S SD  . MET A 1 23 ? -4.924  -3.216  0.531   1.00 15.36  ?  23  MET A SD  1 
ATOM   172 C CE  . MET A 1 23 ? -3.625  -2.312  -0.327  1.00 17.13  ?  23  MET A CE  1 
ATOM   173 N N   . ASP A 1 24 ? -4.657  -4.133  5.469   1.00 10.05  ?  24  ASP A N   1 
ATOM   174 C CA  . ASP A 1 24 ? -5.346  -5.154  6.234   1.00 10.48  ?  24  ASP A CA  1 
ATOM   175 C C   . ASP A 1 24 ? -6.318  -5.967  5.375   1.00 9.51   ?  24  ASP A C   1 
ATOM   176 O O   . ASP A 1 24 ? -6.585  -5.687  4.203   1.00 10.18  ?  24  ASP A O   1 
ATOM   177 C CB  . ASP A 1 24 ? -5.963  -4.579  7.514   1.00 10.52  ?  24  ASP A CB  1 
ATOM   178 C CG  . ASP A 1 24 ? -7.120  -3.615  7.271   1.00 11.79  ?  24  ASP A CG  1 
ATOM   179 O OD1 . ASP A 1 24 ? -7.714  -3.582  6.188   1.00 11.40  ?  24  ASP A OD1 1 
ATOM   180 O OD2 . ASP A 1 24 ? -7.431  -2.872  8.242   1.00 12.38  -1 24  ASP A OD2 1 
ATOM   181 N N   . LYS A 1 25 ? -6.835  -7.019  6.013   1.00 9.44   ?  25  LYS A N   1 
ATOM   182 C CA  . LYS A 1 25 ? -7.629  -7.994  5.284   1.00 10.42  ?  25  LYS A CA  1 
ATOM   183 C C   . LYS A 1 25 ? -8.978  -7.412  4.847   1.00 10.15  ?  25  LYS A C   1 
ATOM   184 O O   . LYS A 1 25 ? -9.419  -7.656  3.727   1.00 11.47  ?  25  LYS A O   1 
ATOM   185 C CB  . LYS A 1 25 ? -7.786  -9.287  6.087   1.00 10.44  ?  25  LYS A CB  1 
ATOM   186 C CG  . LYS A 1 25 ? -8.456  -10.382 5.279   1.00 10.53  ?  25  LYS A CG  1 
ATOM   187 C CD  . LYS A 1 25 ? -8.287  -11.742 5.979   1.00 12.23  ?  25  LYS A CD  1 
ATOM   188 C CE  . LYS A 1 25 ? -9.140  -12.848 5.351   1.00 12.72  ?  25  LYS A CE  1 
ATOM   189 N NZ  . LYS A 1 25 ? -8.660  -13.088 3.962   1.00 15.92  ?  25  LYS A NZ  1 
ATOM   190 N N   . ALA A 1 26 ? -9.622  -6.614  5.705   1.00 11.48  ?  26  ALA A N   1 
ATOM   191 C CA  . ALA A 1 26 ? -10.864 -5.943  5.302   1.00 11.80  ?  26  ALA A CA  1 
ATOM   192 C C   . ALA A 1 26 ? -10.640 -5.086  4.065   1.00 11.69  ?  26  ALA A C   1 
ATOM   193 O O   . ALA A 1 26 ? -11.478 -5.048  3.152   1.00 12.93  ?  26  ALA A O   1 
ATOM   194 C CB  . ALA A 1 26 ? -11.407 -5.101  6.454   1.00 13.84  ?  26  ALA A CB  1 
ATOM   195 N N   . SER A 1 27 ? -9.499  -4.404  4.010   1.00 11.70  ?  27  SER A N   1 
ATOM   196 C CA  . SER A 1 27 ? -9.211  -3.574  2.846   1.00 11.47  ?  27  SER A CA  1 
ATOM   197 C C   . SER A 1 27 ? -9.036  -4.433  1.598   1.00 11.35  ?  27  SER A C   1 
ATOM   198 O O   . SER A 1 27 ? -9.557  -4.113  0.523   1.00 12.43  ?  27  SER A O   1 
ATOM   199 C CB  . SER A 1 27 ? -7.968  -2.713  3.088   1.00 12.66  ?  27  SER A CB  1 
ATOM   200 O OG  . SER A 1 27 ? -8.194  -1.825  4.173   1.00 13.29  ?  27  SER A OG  1 
ATOM   201 N N   . ARG A 1 28 ? -8.288  -5.539  1.719   1.00 10.74  ?  28  ARG A N   1 
ATOM   202 C CA  . ARG A 1 28 ? -8.112  -6.412  0.566   1.00 11.55  ?  28  ARG A CA  1 
ATOM   203 C C   . ARG A 1 28 ? -9.444  -6.964  0.094   1.00 12.03  ?  28  ARG A C   1 
ATOM   204 O O   . ARG A 1 28 ? -9.682  -7.093  -1.119  1.00 13.19  ?  28  ARG A O   1 
ATOM   205 C CB  . ARG A 1 28 ? -7.163  -7.564  0.875   1.00 12.13  ?  28  ARG A CB  1 
ATOM   206 C CG  . ARG A 1 28 ? -5.760  -7.093  1.189   1.00 10.77  ?  28  ARG A CG  1 
ATOM   207 C CD  . ARG A 1 28 ? -4.749  -8.251  1.173   1.00 11.90  ?  28  ARG A CD  1 
ATOM   208 N NE  . ARG A 1 28 ? -5.090  -9.360  2.072   1.00 11.68  ?  28  ARG A NE  1 
ATOM   209 C CZ  . ARG A 1 28 ? -4.802  -9.423  3.365   1.00 9.58   ?  28  ARG A CZ  1 
ATOM   210 N NH1 . ARG A 1 28 ? -4.196  -8.401  3.966   1.00 11.00  ?  28  ARG A NH1 1 
ATOM   211 N NH2 . ARG A 1 28 ? -5.139  -10.505 4.073   1.00 11.37  ?  28  ARG A NH2 1 
ATOM   212 N N   . GLU A 1 29 ? -10.302 -7.341  1.047   1.00 13.09  ?  29  GLU A N   1 
ATOM   213 C CA  . GLU A 1 29 ? -11.614 -7.880  0.701   1.00 15.54  ?  29  GLU A CA  1 
ATOM   214 C C   . GLU A 1 29 ? -12.424 -6.851  -0.068  1.00 15.16  ?  29  GLU A C   1 
ATOM   215 O O   . GLU A 1 29 ? -13.112 -7.186  -1.036  1.00 16.57  ?  29  GLU A O   1 
ATOM   216 C CB  . GLU A 1 29 ? -12.350 -8.247  1.992   1.00 19.81  ?  29  GLU A CB  1 
ATOM   217 C CG  . GLU A 1 29 ? -11.950 -9.568  2.539   1.00 25.43  ?  29  GLU A CG  1 
ATOM   218 C CD  . GLU A 1 29 ? -12.471 -10.708 1.673   1.00 34.65  ?  29  GLU A CD  1 
ATOM   219 O OE1 . GLU A 1 29 ? -11.686 -11.244 0.864   1.00 35.47  ?  29  GLU A OE1 1 
ATOM   220 O OE2 . GLU A 1 29 ? -13.668 -11.051 1.784   1.00 41.42  -1 29  GLU A OE2 1 
ATOM   221 N N   . LYS A 1 30 ? -12.365 -5.593  0.362   1.00 16.30  ?  30  LYS A N   1 
ATOM   222 C CA  . LYS A 1 30 ? -13.090 -4.529  -0.328  1.00 20.26  ?  30  LYS A CA  1 
ATOM   223 C C   . LYS A 1 30 ? -12.599 -4.371  -1.757  1.00 19.25  ?  30  LYS A C   1 
ATOM   224 O O   . LYS A 1 30 ? -13.389 -4.166  -2.694  1.00 21.49  ?  30  LYS A O   1 
ATOM   225 C CB  . LYS A 1 30 ? -12.911 -3.224  0.451   1.00 25.59  ?  30  LYS A CB  1 
ATOM   226 C CG  . LYS A 1 30 ? -13.750 -2.045  -0.035  1.00 35.02  ?  30  LYS A CG  1 
ATOM   227 C CD  . LYS A 1 30 ? -14.148 -1.167  1.141   1.00 42.38  ?  30  LYS A CD  1 
ATOM   228 C CE  . LYS A 1 30 ? -14.173 0.301   0.762   1.00 47.07  ?  30  LYS A CE  1 
ATOM   229 N NZ  . LYS A 1 30 ? -14.189 1.183   1.964   1.00 50.20  ?  30  LYS A NZ  1 
ATOM   230 N N   . LEU A 1 31 ? -11.278 -4.464  -1.963  1.00 17.57  ?  31  LEU A N   1 
ATOM   231 C CA  . LEU A 1 31 ? -10.690 -4.376  -3.288  1.00 18.12  ?  31  LEU A CA  1 
ATOM   232 C C   . LEU A 1 31 ? -10.849 -5.649  -4.104  1.00 19.59  ?  31  LEU A C   1 
ATOM   233 O O   . LEU A 1 31 ? -10.586 -5.634  -5.313  1.00 23.64  ?  31  LEU A O   1 
ATOM   234 C CB  . LEU A 1 31 ? -9.199  -4.065  -3.137  1.00 18.34  ?  31  LEU A CB  1 
ATOM   235 C CG  . LEU A 1 31 ? -8.862  -2.684  -2.570  1.00 19.59  ?  31  LEU A CG  1 
ATOM   236 C CD1 . LEU A 1 31 ? -7.457  -2.679  -1.975  1.00 20.61  ?  31  LEU A CD1 1 
ATOM   237 C CD2 . LEU A 1 31 ? -8.969  -1.660  -3.680  1.00 18.67  ?  31  LEU A CD2 1 
ATOM   238 N N   . GLY A 1 32 ? -11.236 -6.760  -3.489  1.00 17.28  ?  32  GLY A N   1 
ATOM   239 C CA  . GLY A 1 32 ? -11.296 -7.998  -4.232  1.00 19.85  ?  32  GLY A CA  1 
ATOM   240 C C   . GLY A 1 32 ? -9.944  -8.593  -4.541  1.00 22.37  ?  32  GLY A C   1 
ATOM   241 O O   . GLY A 1 32 ? -9.826  -9.395  -5.476  1.00 27.37  ?  32  GLY A O   1 
ATOM   242 N N   . VAL A 1 33 ? -8.912  -8.238  -3.777  1.00 19.73  ?  33  VAL A N   1 
ATOM   243 C CA  . VAL A 1 33 ? -7.567  -8.768  -4.001  1.00 20.32  ?  33  VAL A CA  1 
ATOM   244 C C   . VAL A 1 33 ? -7.188  -9.754  -2.909  1.00 18.00  ?  33  VAL A C   1 
ATOM   245 O O   . VAL A 1 33 ? -7.701  -9.727  -1.793  1.00 18.64  ?  33  VAL A O   1 
ATOM   246 C CB  . VAL A 1 33 ? -6.491  -7.679  -4.121  1.00 22.01  ?  33  VAL A CB  1 
ATOM   247 C CG1 . VAL A 1 33 ? -6.731  -6.847  -5.339  1.00 25.96  ?  33  VAL A CG1 1 
ATOM   248 C CG2 . VAL A 1 33 ? -6.460  -6.817  -2.878  1.00 20.44  ?  33  VAL A CG2 1 
ATOM   249 N N   . SER A 1 34 ? -6.260  -10.646 -3.252  1.00 19.14  ?  34  SER A N   1 
ATOM   250 C CA  . SER A 1 34 ? -5.731  -11.637 -2.333  1.00 18.54  ?  34  SER A CA  1 
ATOM   251 C C   . SER A 1 34 ? -4.313  -11.242 -1.952  1.00 16.72  ?  34  SER A C   1 
ATOM   252 O O   . SER A 1 34 ? -3.588  -10.656 -2.747  1.00 16.96  ?  34  SER A O   1 
ATOM   253 C CB  . SER A 1 34 ? -5.668  -13.019 -3.005  1.00 19.03  ?  34  SER A CB  1 
ATOM   254 O OG  . SER A 1 34 ? -6.969  -13.542 -3.212  1.00 22.84  ?  34  SER A OG  1 
ATOM   255 N N   . ALA A 1 35 ? -3.933  -11.559 -0.714  1.00 17.09  ?  35  ALA A N   1 
ATOM   256 C CA  . ALA A 1 35 ? -2.553  -11.355 -0.312  1.00 16.18  ?  35  ALA A CA  1 
ATOM   257 C C   . ALA A 1 35 ? -1.648  -12.121 -1.265  1.00 14.88  ?  35  ALA A C   1 
ATOM   258 O O   . ALA A 1 35 ? -1.886  -13.303 -1.552  1.00 15.10  ?  35  ALA A O   1 
ATOM   259 C CB  . ALA A 1 35 ? -2.322  -11.858 1.109   1.00 17.40  ?  35  ALA A CB  1 
ATOM   260 N N   . GLY A 1 36 ? -0.597  -11.467 -1.726  1.00 13.51  ?  36  GLY A N   1 
ATOM   261 C CA  . GLY A 1 36 ? 0.288   -12.017 -2.724  1.00 15.20  ?  36  GLY A CA  1 
ATOM   262 C C   . GLY A 1 36 ? 0.010   -11.590 -4.152  1.00 15.18  ?  36  GLY A C   1 
ATOM   263 O O   . GLY A 1 36 ? 0.837   -11.849 -5.022  1.00 16.04  ?  36  GLY A O   1 
ATOM   264 N N   . ASP A 1 37 ? -1.129  -10.927 -4.409  1.00 16.61  ?  37  ASP A N   1 
ATOM   265 C CA  . ASP A 1 37 ? -1.462  -10.403 -5.727  1.00 17.88  ?  37  ASP A CA  1 
ATOM   266 C C   . ASP A 1 37 ? -0.749  -9.067  -5.941  1.00 17.57  ?  37  ASP A C   1 
ATOM   267 O O   . ASP A 1 37 ? -0.356  -8.393  -4.990  1.00 17.09  ?  37  ASP A O   1 
ATOM   268 C CB  . ASP A 1 37 ? -2.964  -10.078 -5.792  1.00 24.05  ?  37  ASP A CB  1 
ATOM   269 C CG  . ASP A 1 37 ? -3.838  -11.277 -6.094  1.00 29.18  ?  37  ASP A CG  1 
ATOM   270 O OD1 . ASP A 1 37 ? -3.352  -12.257 -6.664  1.00 27.37  ?  37  ASP A OD1 1 
ATOM   271 O OD2 . ASP A 1 37 ? -5.043  -11.222 -5.766  1.00 33.07  -1 37  ASP A OD2 1 
ATOM   272 N N   . LEU A 1 38 ? -0.575  -8.693  -7.207  1.00 21.24  ?  38  LEU A N   1 
ATOM   273 C CA  . LEU A 1 38 ? -0.242  -7.318  -7.559  1.00 24.20  ?  38  LEU A CA  1 
ATOM   274 C C   . LEU A 1 38 ? -1.481  -6.423  -7.452  1.00 25.11  ?  38  LEU A C   1 
ATOM   275 O O   . LEU A 1 38 ? -2.595  -6.827  -7.798  1.00 28.35  ?  38  LEU A O   1 
ATOM   276 C CB  . LEU A 1 38 ? 0.291   -7.271  -8.992  1.00 29.46  ?  38  LEU A CB  1 
ATOM   277 C CG  . LEU A 1 38 ? 1.739   -7.696  -9.244  1.00 31.24  ?  38  LEU A CG  1 
ATOM   278 C CD1 . LEU A 1 38 ? 2.040   -7.770  -10.744 1.00 32.88  ?  38  LEU A CD1 1 
ATOM   279 C CD2 . LEU A 1 38 ? 2.699   -6.745  -8.568  1.00 31.87  ?  38  LEU A CD2 1 
ATOM   280 N N   . VAL A 1 39 ? -1.286  -5.201  -6.952  1.00 20.25  ?  39  VAL A N   1 
ATOM   281 C CA  . VAL A 1 39 ? -2.326  -4.173  -6.938  1.00 18.97  ?  39  VAL A CA  1 
ATOM   282 C C   . VAL A 1 39 ? -1.778  -2.939  -7.648  1.00 15.11  ?  39  VAL A C   1 
ATOM   283 O O   . VAL A 1 39 ? -0.581  -2.669  -7.619  1.00 16.19  ?  39  VAL A O   1 
ATOM   284 C CB  . VAL A 1 39 ? -2.863  -3.806  -5.530  1.00 20.99  ?  39  VAL A CB  1 
ATOM   285 C CG1 . VAL A 1 39 ? -3.481  -5.028  -4.845  1.00 24.04  ?  39  VAL A CG1 1 
ATOM   286 C CG2 . VAL A 1 39 ? -1.781  -3.200  -4.657  1.00 18.48  ?  39  VAL A CG2 1 
ATOM   287 N N   . GLU A 1 40 ? -2.676  -2.178  -8.283  1.00 16.43  ?  40  GLU A N   1 
ATOM   288 C CA  . GLU A 1 40 ? -2.295  -0.934  -8.948  1.00 16.25  ?  40  GLU A CA  1 
ATOM   289 C C   . GLU A 1 40 ? -2.567  0.224   -8.008  1.00 15.66  ?  40  GLU A C   1 
ATOM   290 O O   . GLU A 1 40 ? -3.678  0.358   -7.493  1.00 16.38  ?  40  GLU A O   1 
ATOM   291 C CB  . GLU A 1 40 ? -3.066  -0.736  -10.255 1.00 17.98  ?  40  GLU A CB  1 
ATOM   292 C CG  . GLU A 1 40 ? -2.532  0.437   -11.059 1.00 24.85  ?  40  GLU A CG  1 
ATOM   293 C CD  . GLU A 1 40 ? -3.323  0.714   -12.333 1.00 33.27  ?  40  GLU A CD  1 
ATOM   294 O OE1 . GLU A 1 40 ? -4.566  0.662   -12.295 1.00 37.39  ?  40  GLU A OE1 1 
ATOM   295 O OE2 . GLU A 1 40 ? -2.693  0.971   -13.377 1.00 38.62  -1 40  GLU A OE2 1 
ATOM   296 N N   . ILE A 1 41 ? -1.562  1.061   -7.796  1.00 14.75  ?  41  ILE A N   1 
ATOM   297 C CA  . ILE A 1 41 ? -1.673  2.226   -6.925  1.00 15.51  ?  41  ILE A CA  1 
ATOM   298 C C   . ILE A 1 41 ? -1.393  3.477   -7.744  1.00 17.38  ?  41  ILE A C   1 
ATOM   299 O O   . ILE A 1 41 ? -0.504  3.483   -8.599  1.00 17.54  ?  41  ILE A O   1 
ATOM   300 C CB  . ILE A 1 41 ? -0.712  2.114   -5.730  1.00 16.44  ?  41  ILE A CB  1 
ATOM   301 C CG1 . ILE A 1 41 ? -1.048  0.828   -4.971  1.00 19.38  ?  41  ILE A CG1 1 
ATOM   302 C CG2 . ILE A 1 41 ? -0.818  3.326   -4.808  1.00 18.26  ?  41  ILE A CG2 1 
ATOM   303 C CD1 . ILE A 1 41 ? -0.332  0.650   -3.647  1.00 23.49  ?  41  ILE A CD1 1 
ATOM   304 N N   . LYS A 1 42 ? -2.175  4.523   -7.479  1.00 21.74  ?  42  LYS A N   1 
ATOM   305 C CA  . LYS A 1 42 ? -2.084  5.812   -8.158  1.00 29.21  ?  42  LYS A CA  1 
ATOM   306 C C   . LYS A 1 42 ? -1.877  6.906   -7.124  1.00 31.24  ?  42  LYS A C   1 
ATOM   307 O O   . LYS A 1 42 ? -2.620  6.984   -6.137  1.00 30.04  ?  42  LYS A O   1 
ATOM   308 C CB  . LYS A 1 42 ? -3.383  6.102   -8.912  1.00 39.31  ?  42  LYS A CB  1 
ATOM   309 C CG  . LYS A 1 42 ? -3.650  5.167   -10.070 1.00 48.82  ?  42  LYS A CG  1 
ATOM   310 C CD  . LYS A 1 42 ? -2.855  5.593   -11.286 1.00 56.35  ?  42  LYS A CD  1 
ATOM   311 C CE  . LYS A 1 42 ? -3.560  5.208   -12.583 1.00 61.74  ?  42  LYS A CE  1 
ATOM   312 N NZ  . LYS A 1 42 ? -5.032  4.992   -12.423 1.00 65.19  ?  42  LYS A NZ  1 
ATOM   313 N N   . GLY A 1 43 ? -0.932  7.781   -7.439  1.00 35.52  ?  43  GLY A N   1 
ATOM   314 C CA  . GLY A 1 43 ? -0.578  9.004   -6.716  1.00 45.26  ?  43  GLY A CA  1 
ATOM   315 C C   . GLY A 1 43 ? -0.499  10.164  -7.722  1.00 59.22  ?  43  GLY A C   1 
ATOM   316 O O   . GLY A 1 43 ? -1.364  10.257  -8.511  1.00 54.39  ?  43  GLY A O   1 
ATOM   317 N N   . SER A 1 44 ? 0.595   10.928  -7.807  0.00 81.00  ?  44  SER A N   1 
ATOM   318 C CA  . SER A 1 44 ? 0.601   12.093  -8.750  0.00 84.69  ?  44  SER A CA  1 
ATOM   319 C C   . SER A 1 44 ? 1.263   11.792  -10.102 0.00 111.06 ?  44  SER A C   1 
ATOM   320 O O   . SER A 1 44 ? 1.158   12.633  -11.046 0.00 118.44 ?  44  SER A O   1 
ATOM   321 C CB  . SER A 1 44 ? 1.267   13.236  -8.101  0.00 72.13  ?  44  SER A CB  1 
ATOM   322 O OG  . SER A 1 44 ? 2.574   12.861  -7.749  0.00 88.38  ?  44  SER A OG  1 
ATOM   323 N N   . LYS A 1 45 ? 1.921   10.654  -10.224 1.00 84.26  ?  45  LYS A N   1 
ATOM   324 C CA  . LYS A 1 45 ? 2.664   10.359  -11.427 1.00 60.77  ?  45  LYS A CA  1 
ATOM   325 C C   . LYS A 1 45 ? 2.070   9.134   -12.099 1.00 48.80  ?  45  LYS A C   1 
ATOM   326 O O   . LYS A 1 45 ? 0.842   8.959   -12.131 1.00 47.19  ?  45  LYS A O   1 
ATOM   327 C CB  . LYS A 1 45 ? 4.129   10.154  -11.062 1.00 53.27  ?  45  LYS A CB  1 
ATOM   328 C CG  . LYS A 1 45 ? 4.688   11.327  -10.243 1.00 48.62  ?  45  LYS A CG  1 
ATOM   329 C CD  . LYS A 1 45 ? 6.142   11.429  -10.398 1.00 47.54  ?  45  LYS A CD  1 
ATOM   330 C CE  . LYS A 1 45 ? 6.852   10.850  -9.238  1.00 43.99  ?  45  LYS A CE  1 
ATOM   331 N NZ  . LYS A 1 45 ? 7.977   10.062  -9.703  1.00 44.33  ?  45  LYS A NZ  1 
ATOM   332 N N   . THR A 1 46 ? 2.919   8.287   -12.633 1.00 40.43  ?  46  THR A N   1 
ATOM   333 C CA  . THR A 1 46 ? 2.408   7.090   -13.271 1.00 36.55  ?  46  THR A CA  1 
ATOM   334 C C   . THR A 1 46 ? 1.906   6.107   -12.209 1.00 30.61  ?  46  THR A C   1 
ATOM   335 O O   . THR A 1 46 ? 2.368   6.126   -11.069 1.00 27.29  ?  46  THR A O   1 
ATOM   336 C CB  . THR A 1 46 ? 3.512   6.454   -14.113 1.00 40.43  ?  46  THR A CB  1 
ATOM   337 O OG1 . THR A 1 46 ? 3.000   5.316   -14.815 1.00 42.84  ?  46  THR A OG1 1 
ATOM   338 C CG2 . THR A 1 46 ? 4.714   6.043   -13.243 1.00 41.42  ?  46  THR A CG2 1 
ATOM   339 N N   . PRO A 1 47 ? 0.932   5.265   -12.554 1.00 29.09  ?  47  PRO A N   1 
ATOM   340 C CA  . PRO A 1 47 ? 0.568   4.161   -11.661 1.00 26.45  ?  47  PRO A CA  1 
ATOM   341 C C   . PRO A 1 47 ? 1.754   3.248   -11.429 1.00 23.58  ?  47  PRO A C   1 
ATOM   342 O O   . PRO A 1 47 ? 2.710   3.207   -12.209 1.00 26.19  ?  47  PRO A O   1 
ATOM   343 C CB  . PRO A 1 47 ? -0.513  3.415   -12.450 1.00 28.49  ?  47  PRO A CB  1 
ATOM   344 C CG  . PRO A 1 47 ? -0.286  3.802   -13.874 1.00 31.83  ?  47  PRO A CG  1 
ATOM   345 C CD  . PRO A 1 47 ? 0.140   5.236   -13.792 1.00 31.32  ?  47  PRO A CD  1 
ATOM   346 N N   . MET A 1 48 ? 1.674   2.504   -10.331 1.00 19.50  ?  48  MET A N   1 
ATOM   347 C CA  . MET A 1 48 ? 2.659   1.496   -9.997  1.00 19.87  ?  48  MET A CA  1 
ATOM   348 C C   . MET A 1 48 ? 1.907   0.251   -9.561  1.00 19.40  ?  48  MET A C   1 
ATOM   349 O O   . MET A 1 48 ? 0.836   0.346   -8.950  1.00 20.33  ?  48  MET A O   1 
ATOM   350 C CB  . MET A 1 48 ? 3.564   2.042   -8.884  1.00 25.25  ?  48  MET A CB  1 
ATOM   351 C CG  . MET A 1 48 ? 4.670   1.161   -8.403  1.00 28.20  ?  48  MET A CG  1 
ATOM   352 S SD  . MET A 1 48 ? 5.729   2.157   -7.319  1.00 26.79  ?  48  MET A SD  1 
ATOM   353 C CE  . MET A 1 48 ? 7.229   1.206   -7.453  1.00 28.56  ?  48  MET A CE  1 
ATOM   354 N N   . LYS A 1 49 ? 2.433   -0.910  -9.919  1.00 16.55  ?  49  LYS A N   1 
ATOM   355 C CA  . LYS A 1 49 ? 1.949   -2.172  -9.379  1.00 16.92  ?  49  LYS A CA  1 
ATOM   356 C C   . LYS A 1 49 ? 2.870   -2.586  -8.246  1.00 17.14  ?  49  LYS A C   1 
ATOM   357 O O   . LYS A 1 49 ? 4.099   -2.503  -8.369  1.00 19.28  ?  49  LYS A O   1 
ATOM   358 C CB  . LYS A 1 49 ? 1.853   -3.239  -10.469 1.00 20.53  ?  49  LYS A CB  1 
ATOM   359 C CG  . LYS A 1 49 ? 0.824   -2.840  -11.512 1.00 24.73  ?  49  LYS A CG  1 
ATOM   360 C CD  . LYS A 1 49 ? 0.292   -4.000  -12.323 1.00 30.18  ?  49  LYS A CD  1 
ATOM   361 C CE  . LYS A 1 49 ? -0.796  -3.513  -13.266 1.00 33.88  ?  49  LYS A CE  1 
ATOM   362 N NZ  . LYS A 1 49 ? -1.385  -4.643  -14.024 1.00 37.92  ?  49  LYS A NZ  1 
ATOM   363 N N   . LEU A 1 50 ? 2.272   -2.941  -7.114  1.00 15.77  ?  50  LEU A N   1 
ATOM   364 C CA  . LEU A 1 50 ? 3.032   -3.404  -5.962  1.00 15.19  ?  50  LEU A CA  1 
ATOM   365 C C   . LEU A 1 50 ? 2.364   -4.669  -5.451  1.00 13.61  ?  50  LEU A C   1 
ATOM   366 O O   . LEU A 1 50 ? 1.187   -4.920  -5.704  1.00 13.62  ?  50  LEU A O   1 
ATOM   367 C CB  . LEU A 1 50 ? 3.144   -2.351  -4.845  1.00 15.95  ?  50  LEU A CB  1 
ATOM   368 C CG  . LEU A 1 50 ? 3.912   -1.086  -5.270  1.00 16.97  ?  50  LEU A CG  1 
ATOM   369 C CD1 . LEU A 1 50 ? 3.436   0.162   -4.534  1.00 21.84  ?  50  LEU A CD1 1 
ATOM   370 C CD2 . LEU A 1 50 ? 5.415   -1.266  -5.110  1.00 21.72  ?  50  LEU A CD2 1 
ATOM   371 N N   . ARG A 1 51 ? 3.144   -5.516  -4.808  1.00 14.44  ?  51  ARG A N   1 
ATOM   372 C CA  . ARG A 1 51 ? 2.587   -6.789  -4.274  1.00 14.43  ?  51  ARG A CA  1 
ATOM   373 C C   . ARG A 1 51 ? 1.942   -6.538  -2.901  1.00 12.57  ?  51  ARG A C   1 
ATOM   374 O O   . ARG A 1 51 ? 2.617   -6.080  -2.008  1.00 12.44  ?  51  ARG A O   1 
ATOM   375 C CB  . ARG A 1 51 ? 3.620   -7.927  -4.184  1.00 20.85  ?  51  ARG A CB  1 
ATOM   376 C CG  . ARG A 1 51 ? 3.858   -8.672  -5.502  1.00 27.13  ?  51  ARG A CG  1 
ATOM   377 C CD  . ARG A 1 51 ? 3.050   -9.922  -5.864  1.00 32.24  ?  51  ARG A CD  1 
ATOM   378 N NE  . ARG A 1 51 ? 3.423   -10.217 -7.230  1.00 39.43  ?  51  ARG A NE  1 
ATOM   379 C CZ  . ARG A 1 51 ? 2.755   -10.967 -8.084  1.00 47.50  ?  51  ARG A CZ  1 
ATOM   380 N NH1 . ARG A 1 51 ? 1.640   -11.583 -7.738  1.00 50.56  ?  51  ARG A NH1 1 
ATOM   381 N NH2 . ARG A 1 51 ? 3.219   -11.084 -9.323  1.00 50.50  ?  51  ARG A NH2 1 
ATOM   382 N N   . VAL A 1 52 ? 0.667   -6.887  -2.798  1.00 11.39  ?  52  VAL A N   1 
ATOM   383 C CA  . VAL A 1 52 ? -0.007  -6.620  -1.540  1.00 11.34  ?  52  VAL A CA  1 
ATOM   384 C C   . VAL A 1 52 ? 0.245   -7.773  -0.582  1.00 11.39  ?  52  VAL A C   1 
ATOM   385 O O   . VAL A 1 52 ? 0.127   -8.941  -0.964  1.00 16.85  ?  52  VAL A O   1 
ATOM   386 C CB  . VAL A 1 52 ? -1.504  -6.321  -1.751  1.00 14.36  ?  52  VAL A CB  1 
ATOM   387 C CG1 . VAL A 1 52 ? -2.241  -7.509  -2.283  1.00 18.26  ?  52  VAL A CG1 1 
ATOM   388 C CG2 . VAL A 1 52 ? -2.141  -5.846  -0.441  1.00 16.27  ?  52  VAL A CG2 1 
ATOM   389 N N   . MET A 1 53 ? 0.705   -7.480  0.617   1.00 10.57  ?  53  MET A N   1 
ATOM   390 C CA  . MET A 1 53 ? 0.957   -8.444  1.668   1.00 10.04  ?  53  MET A CA  1 
ATOM   391 C C   . MET A 1 53 ? 0.117   -8.095  2.884   1.00 9.77   ?  53  MET A C   1 
ATOM   392 O O   . MET A 1 53 ? -0.468  -6.994  3.000   1.00 10.36  ?  53  MET A O   1 
ATOM   393 C CB  . MET A 1 53 ? 2.443   -8.466  2.032   1.00 11.95  ?  53  MET A CB  1 
ATOM   394 C CG  . MET A 1 53 ? 3.340   -8.775  0.818   1.00 12.98  ?  53  MET A CG  1 
ATOM   395 S SD  . MET A 1 53 ? 3.085   -10.418 0.103   1.00 16.13  ?  53  MET A SD  1 
ATOM   396 C CE  . MET A 1 53 ? 4.132   -10.310 -1.337  1.00 17.92  ?  53  MET A CE  1 
ATOM   397 N N   . GLU A 1 54 ? 0.115   -9.025  3.829   1.00 9.67   ?  54  GLU A N   1 
ATOM   398 C CA  . GLU A 1 54 ? -0.710  -8.895  5.015   1.00 9.88   ?  54  GLU A CA  1 
ATOM   399 C C   . GLU A 1 54 ? -0.263  -7.731  5.892   1.00 8.57   ?  54  GLU A C   1 
ATOM   400 O O   . GLU A 1 54 ? 0.914   -7.347  5.936   1.00 9.95   ?  54  GLU A O   1 
ATOM   401 C CB  . GLU A 1 54 ? -0.636  -10.187 5.837   1.00 10.61  ?  54  GLU A CB  1 
ATOM   402 C CG  . GLU A 1 54 ? -1.360  -11.359 5.182   1.00 11.31  ?  54  GLU A CG  1 
ATOM   403 C CD  . GLU A 1 54 ? -0.529  -12.190 4.213   1.00 12.38  ?  54  GLU A CD  1 
ATOM   404 O OE1 . GLU A 1 54 ? 0.569   -11.800 3.771   1.00 11.87  ?  54  GLU A OE1 1 
ATOM   405 O OE2 . GLU A 1 54 ? -1.035  -13.290 3.849   1.00 14.04  -1 54  GLU A OE2 1 
ATOM   406 N N   . ALA A 1 55 ? -1.212  -7.194  6.643   1.00 9.03   ?  55  ALA A N   1 
ATOM   407 C CA  . ALA A 1 55 ? -0.922  -6.255  7.707   1.00 9.49   ?  55  ALA A CA  1 
ATOM   408 C C   . ALA A 1 55 ? -0.486  -7.011  8.948   1.00 9.48   ?  55  ALA A C   1 
ATOM   409 O O   . ALA A 1 55 ? -0.944  -8.126  9.222   1.00 10.72  ?  55  ALA A O   1 
ATOM   410 C CB  . ALA A 1 55 ? -2.144  -5.417  8.052   1.00 10.24  ?  55  ALA A CB  1 
ATOM   411 N N   . TYR A 1 56 ? 0.377   -6.370  9.722   1.00 9.41   ?  56  TYR A N   1 
ATOM   412 C CA  . TYR A 1 56 ? 0.664   -6.845  11.063  1.00 10.99  ?  56  TYR A CA  1 
ATOM   413 C C   . TYR A 1 56 ? -0.524  -6.579  11.975  1.00 11.76  ?  56  TYR A C   1 
ATOM   414 O O   . TYR A 1 56 ? -1.270  -5.620  11.761  1.00 10.94  ?  56  TYR A O   1 
ATOM   415 C CB  . TYR A 1 56 ? 1.937   -6.196  11.607  1.00 12.06  ?  56  TYR A CB  1 
ATOM   416 C CG  . TYR A 1 56 ? 3.130   -6.837  10.949  1.00 11.64  ?  56  TYR A CG  1 
ATOM   417 C CD1 . TYR A 1 56 ? 3.651   -8.037  11.442  1.00 11.20  ?  56  TYR A CD1 1 
ATOM   418 C CD2 . TYR A 1 56 ? 3.694   -6.305  9.776   1.00 11.54  ?  56  TYR A CD2 1 
ATOM   419 C CE1 . TYR A 1 56 ? 4.721   -8.659  10.819  1.00 12.60  ?  56  TYR A CE1 1 
ATOM   420 C CE2 . TYR A 1 56 ? 4.755   -6.937  9.148   1.00 11.78  ?  56  TYR A CE2 1 
ATOM   421 C CZ  . TYR A 1 56 ? 5.243   -8.109  9.676   1.00 12.50  ?  56  TYR A CZ  1 
ATOM   422 O OH  . TYR A 1 56 ? 6.294   -8.708  9.047   1.00 13.68  ?  56  TYR A OH  1 
ATOM   423 N N   . PRO A 1 57 ? -0.718  -7.428  12.998  1.00 11.44  ?  57  PRO A N   1 
ATOM   424 C CA  . PRO A 1 57 ? -1.873  -7.263  13.900  1.00 12.90  ?  57  PRO A CA  1 
ATOM   425 C C   . PRO A 1 57 ? -2.076  -5.846  14.408  1.00 12.76  ?  57  PRO A C   1 
ATOM   426 O O   . PRO A 1 57 ? -3.211  -5.350  14.447  1.00 14.19  ?  57  PRO A O   1 
ATOM   427 C CB  . PRO A 1 57 ? -1.561  -8.245  15.037  1.00 13.25  ?  57  PRO A CB  1 
ATOM   428 C CG  . PRO A 1 57 ? -0.754  -9.350  14.339  1.00 14.96  ?  57  PRO A CG  1 
ATOM   429 C CD  . PRO A 1 57 ? 0.102   -8.619  13.316  1.00 12.56  ?  57  PRO A CD  1 
ATOM   430 N N   . GLU A 1 58 ? -0.993  -5.181  14.816  1.00 13.09  ?  58  GLU A N   1 
ATOM   431 C CA  . GLU A 1 58 ? -1.098  -3.844  15.364  1.00 15.62  ?  58  GLU A CA  1 
ATOM   432 C C   . GLU A 1 58 ? -1.558  -2.810  14.341  1.00 13.23  ?  58  GLU A C   1 
ATOM   433 O O   . GLU A 1 58 ? -1.967  -1.713  14.742  1.00 16.94  ?  58  GLU A O   1 
ATOM   434 C CB  . GLU A 1 58 ? 0.255   -3.410  15.921  1.00 21.48  ?  58  GLU A CB  1 
ATOM   435 C CG  . GLU A 1 58 ? 1.395   -3.579  14.936  1.00 28.50  ?  58  GLU A CG  1 
ATOM   436 C CD  . GLU A 1 58 ? 2.232   -4.824  15.192  1.00 33.66  ?  58  GLU A CD  1 
ATOM   437 O OE1 . GLU A 1 58 ? 1.701   -5.963  15.182  1.00 27.20  ?  58  GLU A OE1 1 
ATOM   438 O OE2 . GLU A 1 58 ? 3.443   -4.649  15.413  1.00 38.83  -1 58  GLU A OE2 1 
ATOM   439 N N   . ASP A 1 59 ? -1.484  -3.099  13.045  1.00 11.58  ?  59  ASP A N   1 
ATOM   440 C CA  . ASP A 1 59 ? -1.870  -2.133  12.028  1.00 11.46  ?  59  ASP A CA  1 
ATOM   441 C C   . ASP A 1 59 ? -3.278  -2.324  11.535  1.00 10.47  ?  59  ASP A C   1 
ATOM   442 O O   . ASP A 1 59 ? -3.737  -1.532  10.719  1.00 13.00  ?  59  ASP A O   1 
ATOM   443 C CB  . ASP A 1 59 ? -0.888  -2.166  10.849  1.00 11.10  ?  59  ASP A CB  1 
ATOM   444 C CG  . ASP A 1 59 ? 0.474   -1.636  11.227  1.00 11.56  ?  59  ASP A CG  1 
ATOM   445 O OD1 . ASP A 1 59 ? 1.495   -2.119  10.704  1.00 11.15  ?  59  ASP A OD1 1 
ATOM   446 O OD2 . ASP A 1 59 ? 0.511   -0.693  12.055  1.00 13.16  -1 59  ASP A OD2 1 
ATOM   447 N N   . VAL A 1 60 ? -3.988  -3.337  12.018  1.00 10.94  ?  60  VAL A N   1 
ATOM   448 C CA  . VAL A 1 60 ? -5.324  -3.614  11.502  1.00 11.44  ?  60  VAL A CA  1 
ATOM   449 C C   . VAL A 1 60 ? -6.251  -2.457  11.851  1.00 12.25  ?  60  VAL A C   1 
ATOM   450 O O   . VAL A 1 60 ? -6.237  -1.953  12.982  1.00 14.40  ?  60  VAL A O   1 
ATOM   451 C CB  . VAL A 1 60 ? -5.838  -4.939  12.090  1.00 11.39  ?  60  VAL A CB  1 
ATOM   452 C CG1 . VAL A 1 60 ? -7.306  -5.187  11.683  1.00 13.29  ?  60  VAL A CG1 1 
ATOM   453 C CG2 . VAL A 1 60 ? -5.008  -6.111  11.561  1.00 11.84  ?  60  VAL A CG2 1 
ATOM   454 N N   . GLY A 1 61 ? -7.087  -2.073  10.894  1.00 11.98  ?  61  GLY A N   1 
ATOM   455 C CA  . GLY A 1 61 ? -8.099  -1.068  11.144  1.00 14.55  ?  61  GLY A CA  1 
ATOM   456 C C   . GLY A 1 61 ? -7.598  0.352   11.098  1.00 15.07  ?  61  GLY A C   1 
ATOM   457 O O   . GLY A 1 61 ? -8.403  1.270   11.307  1.00 18.23  ?  61  GLY A O   1 
ATOM   458 N N   . LYS A 1 62 ? -6.314  0.583   10.853  1.00 14.22  ?  62  LYS A N   1 
ATOM   459 C CA  . LYS A 1 62 ? -5.781  1.940   10.868  1.00 14.71  ?  62  LYS A CA  1 
ATOM   460 C C   . LYS A 1 62 ? -6.054  2.701   9.572   1.00 14.97  ?  62  LYS A C   1 
ATOM   461 O O   . LYS A 1 62 ? -5.831  3.923   9.556   1.00 17.05  ?  62  LYS A O   1 
ATOM   462 C CB  . LYS A 1 62 ? -4.270  1.913   11.120  1.00 16.74  ?  62  LYS A CB  1 
ATOM   463 C CG  . LYS A 1 62 ? -3.858  1.610   12.539  1.00 20.59  ?  62  LYS A CG  1 
ATOM   464 C CD  . LYS A 1 62 ? -2.347  1.555   12.619  1.00 24.82  ?  62  LYS A CD  1 
ATOM   465 C CE  . LYS A 1 62 ? -1.860  1.433   14.037  1.00 25.25  ?  62  LYS A CE  1 
ATOM   466 N NZ  . LYS A 1 62 ? -0.403  1.227   13.993  1.00 23.74  ?  62  LYS A NZ  1 
ATOM   467 N N   . GLY A 1 63 ? -6.562  2.061   8.513   1.00 14.45  ?  63  GLY A N   1 
ATOM   468 C CA  . GLY A 1 63 ? -6.848  2.770   7.270   1.00 14.60  ?  63  GLY A CA  1 
ATOM   469 C C   . GLY A 1 63 ? -5.592  3.154   6.517   1.00 12.70  ?  63  GLY A C   1 
ATOM   470 O O   . GLY A 1 63 ? -5.573  4.167   5.798   1.00 12.63  ?  63  GLY A O   1 
ATOM   471 N N   . ILE A 1 64 ? -4.530  2.359   6.666   1.00 12.04  ?  64  ILE A N   1 
ATOM   472 C CA  . ILE A 1 64 ? -3.232  2.695   6.108   1.00 11.55  ?  64  ILE A CA  1 
ATOM   473 C C   . ILE A 1 64 ? -2.782  1.653   5.093   1.00 11.16  ?  64  ILE A C   1 
ATOM   474 O O   . ILE A 1 64 ? -3.282  0.522   5.048   1.00 12.09  ?  64  ILE A O   1 
ATOM   475 C CB  . ILE A 1 64 ? -2.157  2.843   7.200   1.00 13.16  ?  64  ILE A CB  1 
ATOM   476 C CG1 . ILE A 1 64 ? -1.897  1.485   7.899   1.00 13.88  ?  64  ILE A CG1 1 
ATOM   477 C CG2 . ILE A 1 64 ? -2.547  3.945   8.173   1.00 13.73  ?  64  ILE A CG2 1 
ATOM   478 C CD1 . ILE A 1 64 ? -0.676  1.495   8.850   1.00 14.40  ?  64  ILE A CD1 1 
ATOM   479 N N   . VAL A 1 65 ? -1.811  2.056   4.289   1.00 10.47  ?  65  VAL A N   1 
ATOM   480 C CA  . VAL A 1 65 ? -1.071  1.175   3.380   1.00 10.79  ?  65  VAL A CA  1 
ATOM   481 C C   . VAL A 1 65 ? 0.403   1.495   3.580   1.00 10.57  ?  65  VAL A C   1 
ATOM   482 O O   . VAL A 1 65 ? 0.813   2.654   3.421   1.00 13.10  ?  65  VAL A O   1 
ATOM   483 C CB  . VAL A 1 65 ? -1.486  1.352   1.901   1.00 11.65  ?  65  VAL A CB  1 
ATOM   484 C CG1 . VAL A 1 65 ? -1.388  2.799   1.380   1.00 12.74  ?  65  VAL A CG1 1 
ATOM   485 C CG2 . VAL A 1 65 ? -0.661  0.395   1.020   1.00 13.88  ?  65  VAL A CG2 1 
ATOM   486 N N   . ARG A 1 66 ? 1.206   0.506   3.973   1.00 9.37   ?  66  ARG A N   1 
ATOM   487 C CA  . ARG A 1 66 ? 2.625   0.742   4.208   1.00 9.15   ?  66  ARG A CA  1 
ATOM   488 C C   . ARG A 1 66 ? 3.381   0.477   2.921   1.00 8.59   ?  66  ARG A C   1 
ATOM   489 O O   . ARG A 1 66 ? 3.217   -0.577  2.310   1.00 9.11   ?  66  ARG A O   1 
ATOM   490 C CB  . ARG A 1 66 ? 3.147   -0.171  5.313   1.00 9.62   ?  66  ARG A CB  1 
ATOM   491 C CG  . ARG A 1 66 ? 2.550   0.189   6.664   1.00 10.23  ?  66  ARG A CG  1 
ATOM   492 C CD  . ARG A 1 66 ? 3.328   -0.465  7.786   1.00 9.99   ?  66  ARG A CD  1 
ATOM   493 N NE  . ARG A 1 66 ? 2.824   -0.086  9.112   1.00 9.98   ?  66  ARG A NE  1 
ATOM   494 C CZ  . ARG A 1 66 ? 3.086   1.041   9.761   1.00 11.33  ?  66  ARG A CZ  1 
ATOM   495 N NH1 . ARG A 1 66 ? 3.872   1.970   9.221   1.00 12.44  ?  66  ARG A NH1 1 
ATOM   496 N NH2 . ARG A 1 66 ? 2.553   1.235   10.971  1.00 12.79  ?  66  ARG A NH2 1 
ATOM   497 N N   . MET A 1 67 ? 4.246   1.414   2.543   1.00 9.54   ?  67  MET A N   1 
ATOM   498 C CA  . MET A 1 67 ? 5.104   1.243   1.379   1.00 10.82  ?  67  MET A CA  1 
ATOM   499 C C   . MET A 1 67 ? 6.390   2.021   1.602   1.00 10.78  ?  67  MET A C   1 
ATOM   500 O O   . MET A 1 67 ? 6.437   2.973   2.376   1.00 11.14  ?  67  MET A O   1 
ATOM   501 C CB  . MET A 1 67 ? 4.446   1.699   0.076   1.00 15.05  ?  67  MET A CB  1 
ATOM   502 C CG  . MET A 1 67 ? 4.228   3.192   0.064   1.00 16.44  ?  67  MET A CG  1 
ATOM   503 S SD  . MET A 1 67 ? 3.475   3.907   -1.439  1.00 17.34  ?  67  MET A SD  1 
ATOM   504 C CE  . MET A 1 67 ? 1.817   3.249   -1.281  1.00 17.27  ?  67  MET A CE  1 
ATOM   505 N N   . ASP A 1 68 ? 7.436   1.581   0.919   1.00 10.24  ?  68  ASP A N   1 
ATOM   506 C CA  . ASP A 1 68 ? 8.765   2.109   1.176   1.00 10.83  ?  68  ASP A CA  1 
ATOM   507 C C   . ASP A 1 68 ? 8.993   3.433   0.450   1.00 11.52  ?  68  ASP A C   1 
ATOM   508 O O   . ASP A 1 68 ? 8.188   3.888   -0.361  1.00 11.67  ?  68  ASP A O   1 
ATOM   509 C CB  . ASP A 1 68 ? 9.850   1.077   0.879   1.00 12.05  ?  68  ASP A CB  1 
ATOM   510 C CG  . ASP A 1 68 ? 9.937   0.654   -0.592  1.00 13.06  ?  68  ASP A CG  1 
ATOM   511 O OD1 . ASP A 1 68 ? 10.486  -0.457  -0.849  1.00 14.55  ?  68  ASP A OD1 1 
ATOM   512 O OD2 . ASP A 1 68 ? 9.506   1.379   -1.499  1.00 12.39  -1 68  ASP A OD2 1 
ATOM   513 N N   . LYS A 1 69 ? 10.137  4.036   0.754   1.00 12.32  ?  69  LYS A N   1 
ATOM   514 C CA  . LYS A 1 69 ? 10.412  5.378   0.257   1.00 15.16  ?  69  LYS A CA  1 
ATOM   515 C C   . LYS A 1 69 ? 10.542  5.393   -1.261  1.00 15.49  ?  69  LYS A C   1 
ATOM   516 O O   . LYS A 1 69 ? 10.010  6.294   -1.927  1.00 14.30  ?  69  LYS A O   1 
ATOM   517 C CB  . LYS A 1 69 ? 11.696  5.891   0.909   1.00 21.27  ?  69  LYS A CB  1 
ATOM   518 C CG  . LYS A 1 69 ? 12.000  7.360   0.567   1.00 29.61  ?  69  LYS A CG  1 
ATOM   519 C CD  . LYS A 1 69 ? 13.064  7.907   1.524   1.00 43.07  ?  69  LYS A CD  1 
ATOM   520 C CE  . LYS A 1 69 ? 14.293  7.006   1.525   1.00 56.28  ?  69  LYS A CE  1 
ATOM   521 N NZ  . LYS A 1 69 ? 15.144  7.180   2.737   1.00 63.18  ?  69  LYS A NZ  1 
ATOM   522 N N   . ALA A 1 70 ? 11.253  4.423   -1.820  1.00 14.74  ?  70  ALA A N   1 
ATOM   523 C CA  . ALA A 1 70 ? 11.377  4.368   -3.277  1.00 15.97  ?  70  ALA A CA  1 
ATOM   524 C C   . ALA A 1 70 ? 10.004  4.283   -3.945  1.00 15.02  ?  70  ALA A C   1 
ATOM   525 O O   . ALA A 1 70 ? 9.766   4.896   -4.997  1.00 16.27  ?  70  ALA A O   1 
ATOM   526 C CB  . ALA A 1 70 ? 12.256  3.188   -3.691  1.00 17.25  ?  70  ALA A CB  1 
ATOM   527 N N   . SER A 1 71 ? 9.064   3.554   -3.326  1.00 12.70  ?  71  SER A N   1 
ATOM   528 C CA  . SER A 1 71 ? 7.736   3.412   -3.895  1.00 13.08  ?  71  SER A CA  1 
ATOM   529 C C   . SER A 1 71 ? 6.970   4.729   -3.782  1.00 13.00  ?  71  SER A C   1 
ATOM   530 O O   . SER A 1 71 ? 6.306   5.166   -4.735  1.00 14.13  ?  71  SER A O   1 
ATOM   531 C CB  . SER A 1 71 ? 7.013   2.335   -3.094  1.00 12.18  ?  71  SER A CB  1 
ATOM   532 O OG  . SER A 1 71 ? 7.610   1.058   -3.378  1.00 13.33  ?  71  SER A OG  1 
ATOM   533 N N   . ARG A 1 72 ? 7.074   5.392   -2.626  1.00 12.41  ?  72  ARG A N   1 
ATOM   534 C CA  . ARG A 1 72 ? 6.404   6.680   -2.466  1.00 13.15  ?  72  ARG A CA  1 
ATOM   535 C C   . ARG A 1 72 ? 6.948   7.702   -3.461  1.00 13.17  ?  72  ARG A C   1 
ATOM   536 O O   . ARG A 1 72 ? 6.178   8.468   -4.049  1.00 14.92  ?  72  ARG A O   1 
ATOM   537 C CB  . ARG A 1 72 ? 6.585   7.205   -1.040  1.00 13.79  ?  72  ARG A CB  1 
ATOM   538 C CG  . ARG A 1 72 ? 5.947   6.333   0.018   1.00 13.05  ?  72  ARG A CG  1 
ATOM   539 C CD  . ARG A 1 72 ? 5.920   7.039   1.384   1.00 14.26  ?  72  ARG A CD  1 
ATOM   540 N NE  . ARG A 1 72 ? 7.216   7.474   1.895   1.00 14.96  ?  72  ARG A NE  1 
ATOM   541 C CZ  . ARG A 1 72 ? 8.044   6.739   2.631   1.00 14.43  ?  72  ARG A CZ  1 
ATOM   542 N NH1 . ARG A 1 72 ? 7.758   5.469   2.896   1.00 14.19  ?  72  ARG A NH1 1 
ATOM   543 N NH2 . ARG A 1 72 ? 9.179   7.262   3.089   1.00 17.13  ?  72  ARG A NH2 1 
ATOM   544 N N   . GLU A 1 73 ? 8.239   7.667   -3.680  1.00 14.21  ?  73  GLU A N   1 
ATOM   545 C CA  . GLU A 1 73 ? 8.856   8.648   -4.604  1.00 16.81  ?  73  GLU A CA  1 
ATOM   546 C C   . GLU A 1 73 ? 8.379   8.390   -6.029  1.00 16.49  ?  73  GLU A C   1 
ATOM   547 O O   . GLU A 1 73 ? 8.129   9.344   -6.711  1.00 17.12  ?  73  GLU A O   1 
ATOM   548 C CB  . GLU A 1 73 ? 10.366  8.594   -4.446  1.00 21.01  ?  73  GLU A CB  1 
ATOM   549 C CG  . GLU A 1 73 ? 10.865  9.272   -3.183  1.00 26.01  ?  73  GLU A CG  1 
ATOM   550 C CD  . GLU A 1 73 ? 12.365  9.172   -2.961  1.00 33.60  ?  73  GLU A CD  1 
ATOM   551 O OE1 . GLU A 1 73 ? 13.023  8.420   -3.707  1.00 37.53  ?  73  GLU A OE1 1 
ATOM   552 O OE2 . GLU A 1 73 ? 12.872  9.845   -2.042  1.00 35.68  -1 73  GLU A OE2 1 
ATOM   553 N N   . LYS A 1 74 ? 8.308   7.142   -6.463  1.00 15.95  ?  74  LYS A N   1 
ATOM   554 C CA  . LYS A 1 74 ? 7.844   6.800   -7.823  1.00 18.06  ?  74  LYS A CA  1 
ATOM   555 C C   . LYS A 1 74 ? 6.395   7.221   -7.984  1.00 16.80  ?  74  LYS A C   1 
ATOM   556 O O   . LYS A 1 74 ? 6.031   7.695   -9.034  1.00 18.03  ?  74  LYS A O   1 
ATOM   557 C CB  . LYS A 1 74 ? 8.003   5.300   -8.029  1.00 21.50  ?  74  LYS A CB  1 
ATOM   558 C CG  . LYS A 1 74 ? 9.431   4.982   -8.398  1.00 28.84  ?  74  LYS A CG  1 
ATOM   559 C CD  . LYS A 1 74 ? 9.747   3.518   -8.556  1.00 33.72  ?  74  LYS A CD  1 
ATOM   560 C CE  . LYS A 1 74 ? 11.082  3.340   -9.251  1.00 37.34  ?  74  LYS A CE  1 
ATOM   561 N NZ  . LYS A 1 74 ? 11.332  1.915   -9.488  1.00 39.82  ?  74  LYS A NZ  1 
ATOM   562 N N   . LEU A 1 75 ? 5.613   7.066   -6.914  1.00 15.33  ?  75  LEU A N   1 
ATOM   563 C CA  . LEU A 1 75 ? 4.215   7.432   -7.006  1.00 16.05  ?  75  LEU A CA  1 
ATOM   564 C C   . LEU A 1 75 ? 3.997   8.924   -6.875  1.00 17.34  ?  75  LEU A C   1 
ATOM   565 O O   . LEU A 1 75 ? 2.932   9.413   -7.262  1.00 19.15  ?  75  LEU A O   1 
ATOM   566 C CB  . LEU A 1 75 ? 3.445   6.726   -5.896  1.00 16.67  ?  75  LEU A CB  1 
ATOM   567 C CG  . LEU A 1 75 ? 3.247   5.245   -6.179  1.00 16.67  ?  75  LEU A CG  1 
ATOM   568 C CD1 . LEU A 1 75 ? 2.842   4.500   -4.895  1.00 16.51  ?  75  LEU A CD1 1 
ATOM   569 C CD2 . LEU A 1 75 ? 2.242   5.034   -7.299  1.00 16.94  ?  75  LEU A CD2 1 
ATOM   570 N N   . GLY A 1 76 ? 4.963   9.646   -6.314  1.00 16.63  ?  76  GLY A N   1 
ATOM   571 C CA  . GLY A 1 76 ? 4.806   11.066  -6.051  1.00 17.15  ?  76  GLY A CA  1 
ATOM   572 C C   . GLY A 1 76 ? 4.042   11.414  -4.785  1.00 17.38  ?  76  GLY A C   1 
ATOM   573 O O   . GLY A 1 76 ? 3.355   12.438  -4.749  1.00 19.06  ?  76  GLY A O   1 
ATOM   574 N N   . VAL A 1 77 ? 4.136   10.585  -3.742  1.00 17.14  ?  77  VAL A N   1 
ATOM   575 C CA  . VAL A 1 77 ? 3.365   10.760  -2.519  1.00 16.86  ?  77  VAL A CA  1 
ATOM   576 C C   . VAL A 1 77 ? 4.303   10.799  -1.325  1.00 15.59  ?  77  VAL A C   1 
ATOM   577 O O   . VAL A 1 77 ? 5.475   10.452  -1.413  1.00 15.80  ?  77  VAL A O   1 
ATOM   578 C CB  . VAL A 1 77 ? 2.305   9.663   -2.325  1.00 18.68  ?  77  VAL A CB  1 
ATOM   579 C CG1 . VAL A 1 77 ? 1.309   9.691   -3.474  1.00 21.11  ?  77  VAL A CG1 1 
ATOM   580 C CG2 . VAL A 1 77 ? 2.970   8.284   -2.196  1.00 17.47  ?  77  VAL A CG2 1 
ATOM   581 N N   . SER A 1 78 ? 3.747   11.219  -0.184  1.00 15.31  ?  78  SER A N   1 
ATOM   582 C CA  . SER A 1 78 ? 4.460   11.268  1.086   1.00 16.33  ?  78  SER A CA  1 
ATOM   583 C C   . SER A 1 78 ? 3.626   10.565  2.150   1.00 15.16  ?  78  SER A C   1 
ATOM   584 O O   . SER A 1 78 ? 2.427   10.373  1.969   1.00 15.24  ?  78  SER A O   1 
ATOM   585 C CB  . SER A 1 78 ? 4.689   12.717  1.545   1.00 20.32  ?  78  SER A CB  1 
ATOM   586 O OG  . SER A 1 78 ? 5.245   13.505  0.498   1.00 25.25  ?  78  SER A OG  1 
ATOM   587 N N   . ALA A 1 79 ? 4.250   10.199  3.265   1.00 16.47  ?  79  ALA A N   1 
ATOM   588 C CA  . ALA A 1 79 ? 3.472   9.636   4.359   1.00 15.85  ?  79  ALA A CA  1 
ATOM   589 C C   . ALA A 1 79 ? 2.344   10.602  4.714   1.00 14.23  ?  79  ALA A C   1 
ATOM   590 O O   . ALA A 1 79 ? 2.557   11.819  4.798   1.00 16.09  ?  79  ALA A O   1 
ATOM   591 C CB  . ALA A 1 79 ? 4.372   9.307   5.577   1.00 18.47  ?  79  ALA A CB  1 
ATOM   592 N N   . GLY A 1 80 ? 1.156   10.055  4.925   1.00 12.85  ?  80  GLY A N   1 
ATOM   593 C CA  . GLY A 1 80 ? -0.056  10.804  5.304   1.00 13.04  ?  80  GLY A CA  1 
ATOM   594 C C   . GLY A 1 80 ? -0.974  11.096  4.138   1.00 13.35  ?  80  GLY A C   1 
ATOM   595 O O   . GLY A 1 80 ? -2.085  11.420  4.362   1.00 14.69  ?  80  GLY A O   1 
ATOM   596 N N   . ASP A 1 81 ? -0.475  11.001  2.918   1.00 12.78  ?  81  ASP A N   1 
ATOM   597 C CA  . ASP A 1 81 ? -1.329  11.240  1.738   1.00 14.33  ?  81  ASP A CA  1 
ATOM   598 C C   . ASP A 1 81 ? -2.272  10.061  1.513   1.00 13.74  ?  81  ASP A C   1 
ATOM   599 O O   . ASP A 1 81 ? -1.925  8.966   1.820   1.00 14.39  ?  81  ASP A O   1 
ATOM   600 C CB  . ASP A 1 81 ? -0.477  11.328  0.467   1.00 15.26  ?  81  ASP A CB  1 
ATOM   601 C CG  . ASP A 1 81 ? 0.349   12.593  0.343   1.00 18.44  ?  81  ASP A CG  1 
ATOM   602 O OD1 . ASP A 1 81 ? 0.111   13.475  1.104   1.00 18.66  ?  81  ASP A OD1 1 
ATOM   603 O OD2 . ASP A 1 81 ? 1.176   12.626  -0.465  1.00 20.04  -1 81  ASP A OD2 1 
ATOM   604 N N   . LEU A 1 82 ? -3.489  10.342  1.117   1.00 15.06  ?  82  LEU A N   1 
ATOM   605 C CA  . LEU A 1 82 ? -4.285  9.263   0.544   1.00 16.45  ?  82  LEU A CA  1 
ATOM   606 C C   . LEU A 1 82 ? -3.701  8.845   -0.810  1.00 18.94  ?  82  LEU A C   1 
ATOM   607 O O   . LEU A 1 82 ? -3.191  9.671   -1.585  1.00 22.54  ?  82  LEU A O   1 
ATOM   608 C CB  . LEU A 1 82 ? -5.720  9.735   0.359   1.00 17.47  ?  82  LEU A CB  1 
ATOM   609 C CG  . LEU A 1 82 ? -6.537  9.763   1.637   1.00 17.84  ?  82  LEU A CG  1 
ATOM   610 C CD1 . LEU A 1 82 ? -7.862  10.497  1.384   1.00 19.44  ?  82  LEU A CD1 1 
ATOM   611 C CD2 . LEU A 1 82 ? -6.820  8.353   2.130   1.00 16.32  ?  82  LEU A CD2 1 
ATOM   612 N N   . VAL A 1 83 ? -3.778  7.547   -1.104  1.00 17.67  ?  83  VAL A N   1 
ATOM   613 C CA  . VAL A 1 83 ? -3.472  7.014   -2.425  1.00 15.66  ?  83  VAL A CA  1 
ATOM   614 C C   . VAL A 1 83 ? -4.654  6.141   -2.815  1.00 15.81  ?  83  VAL A C   1 
ATOM   615 O O   . VAL A 1 83 ? -5.308  5.539   -1.965  1.00 15.12  ?  83  VAL A O   1 
ATOM   616 C CB  . VAL A 1 83 ? -2.165  6.197   -2.525  1.00 18.54  ?  83  VAL A CB  1 
ATOM   617 C CG1 . VAL A 1 83 ? -0.960  7.114   -2.470  1.00 23.50  ?  83  VAL A CG1 1 
ATOM   618 C CG2 . VAL A 1 83 ? -2.128  5.083   -1.477  1.00 18.70  ?  83  VAL A CG2 1 
ATOM   619 N N   . GLU A 1 84 ? -4.897  6.040   -4.119  1.00 17.14  ?  84  GLU A N   1 
ATOM   620 C CA  . GLU A 1 84 ? -5.970  5.206   -4.638  1.00 16.79  ?  84  GLU A CA  1 
ATOM   621 C C   . GLU A 1 84 ? -5.403  3.860   -5.036  1.00 15.38  ?  84  GLU A C   1 
ATOM   622 O O   . GLU A 1 84 ? -4.421  3.792   -5.773  1.00 18.48  ?  84  GLU A O   1 
ATOM   623 C CB  . GLU A 1 84 ? -6.574  5.870   -5.872  1.00 21.25  ?  84  GLU A CB  1 
ATOM   624 C CG  . GLU A 1 84 ? -7.841  5.193   -6.363  1.00 27.90  ?  84  GLU A CG  1 
ATOM   625 C CD  . GLU A 1 84 ? -8.127  5.382   -7.842  1.00 36.28  ?  84  GLU A CD  1 
ATOM   626 O OE1 . GLU A 1 84 ? -7.271  4.996   -8.662  1.00 40.30  ?  84  GLU A OE1 1 
ATOM   627 O OE2 . GLU A 1 84 ? -9.206  5.915   -8.172  1.00 38.49  -1 84  GLU A OE2 1 
ATOM   628 N N   . ILE A 1 85 ? -6.059  2.799   -4.578  1.00 14.13  ?  85  ILE A N   1 
ATOM   629 C CA  . ILE A 1 85 ? -5.703  1.438   -4.910  1.00 13.79  ?  85  ILE A CA  1 
ATOM   630 C C   . ILE A 1 85 ? -6.820  0.832   -5.743  1.00 14.10  ?  85  ILE A C   1 
ATOM   631 O O   . ILE A 1 85 ? -8.003  0.977   -5.432  1.00 14.46  ?  85  ILE A O   1 
ATOM   632 C CB  . ILE A 1 85 ? -5.445  0.616   -3.634  1.00 15.71  ?  85  ILE A CB  1 
ATOM   633 C CG1 . ILE A 1 85 ? -4.407  1.333   -2.772  1.00 20.20  ?  85  ILE A CG1 1 
ATOM   634 C CG2 . ILE A 1 85 ? -4.956  -0.796  -4.002  1.00 16.87  ?  85  ILE A CG2 1 
ATOM   635 C CD1 . ILE A 1 85 ? -4.954  1.823   -1.469  1.00 23.01  ?  85  ILE A CD1 1 
ATOM   636 N N   . LYS A 1 86 ? -6.425  0.103   -6.761  1.00 18.71  ?  86  LYS A N   1 
ATOM   637 C CA  . LYS A 1 86 ? -7.328  -0.719  -7.602  1.00 28.32  ?  86  LYS A CA  1 
ATOM   638 C C   . LYS A 1 86 ? -6.943  -2.196  -7.457  1.00 30.66  ?  86  LYS A C   1 
ATOM   639 O O   . LYS A 1 86 ? -5.755  -2.499  -7.525  1.00 32.54  ?  86  LYS A O   1 
ATOM   640 C CB  . LYS A 1 86 ? -7.034  -0.291  -9.033  1.00 36.59  ?  86  LYS A CB  1 
ATOM   641 C CG  . LYS A 1 86 ? -7.605  1.057   -9.310  1.00 46.52  ?  86  LYS A CG  1 
ATOM   642 C CD  . LYS A 1 86 ? -8.996  0.918   -8.820  1.00 54.62  ?  86  LYS A CD  1 
ATOM   643 C CE  . LYS A 1 86 ? -9.651  -0.350  -9.337  1.00 58.90  ?  86  LYS A CE  1 
ATOM   644 N NZ  . LYS A 1 86 ? -11.118 -0.206  -9.311  1.00 60.39  ?  86  LYS A NZ  1 
ATOM   645 N N   . GLY A 1 87 ? -7.906  -3.104  -7.360  1.00 35.89  ?  87  GLY A N   1 
ATOM   646 C CA  . GLY A 1 87 ? -7.556  -4.539  -7.400  1.00 40.20  ?  87  GLY A CA  1 
ATOM   647 C C   . GLY A 1 87 ? -7.911  -5.184  -8.746  1.00 42.16  ?  87  GLY A C   1 
ATOM   648 O O   . GLY A 1 87 ? -7.584  -6.367  -8.949  1.00 43.84  ?  87  GLY A O   1 
HETATM 649 C C1  . MPD B 2 .  ? 1.663   -13.681 11.822  1.00 22.94  ?  101 MPD A C1  1 
HETATM 650 C C2  . MPD B 2 .  ? 2.241   -12.300 12.109  1.00 20.14  ?  101 MPD A C2  1 
HETATM 651 O O2  . MPD B 2 .  ? 1.649   -11.731 13.314  1.00 24.00  ?  101 MPD A O2  1 
HETATM 652 C CM  . MPD B 2 .  ? 3.738   -12.346 12.394  1.00 17.38  ?  101 MPD A CM  1 
HETATM 653 C C3  . MPD B 2 .  ? 1.974   -11.317 10.967  1.00 21.19  ?  101 MPD A C3  1 
HETATM 654 C C4  . MPD B 2 .  ? 2.236   -11.775 9.527   1.00 24.32  ?  101 MPD A C4  1 
HETATM 655 O O4  . MPD B 2 .  ? 1.973   -10.672 8.681   1.00 27.88  ?  101 MPD A O4  1 
HETATM 656 C C5  . MPD B 2 .  ? 3.660   -12.236 9.224   1.00 25.78  ?  101 MPD A C5  1 
HETATM 657 O O   . HOH C 3 .  ? -12.638 -0.522  -5.842  1.00 38.95  ?  201 HOH A O   1 
HETATM 658 O O   . HOH C 3 .  ? -6.540  9.439   -6.241  1.00 50.87  ?  202 HOH A O   1 
HETATM 659 O O   . HOH C 3 .  ? 8.814   8.149   9.153   1.00 50.70  ?  203 HOH A O   1 
HETATM 660 O O   . HOH C 3 .  ? 4.630   -3.239  14.319  1.00 27.71  ?  204 HOH A O   1 
HETATM 661 O O   . HOH C 3 .  ? 11.275  -11.711 1.390   1.00 38.71  ?  205 HOH A O   1 
HETATM 662 O O   . HOH C 3 .  ? 13.918  6.150   4.234   1.00 59.45  ?  206 HOH A O   1 
HETATM 663 O O   . HOH C 3 .  ? -9.655  -11.184 2.018   1.00 33.43  ?  207 HOH A O   1 
HETATM 664 O O   . HOH C 3 .  ? -1.739  -13.044 -8.194  1.00 54.04  ?  208 HOH A O   1 
HETATM 665 O O   . HOH C 3 .  ? -0.894  10.141  -13.330 1.00 59.79  ?  209 HOH A O   1 
HETATM 666 O O   . HOH C 3 .  ? -10.308 -3.168  -6.697  1.00 37.00  ?  210 HOH A O   1 
HETATM 667 O O   . HOH C 3 .  ? 14.108  -6.706  -3.010  1.00 47.55  ?  211 HOH A O   1 
HETATM 668 O O   . HOH C 3 .  ? -4.335  8.782   -5.588  1.00 46.69  ?  212 HOH A O   1 
HETATM 669 O O   . HOH C 3 .  ? -5.376  -0.333  8.647   1.00 65.53  ?  213 HOH A O   1 
HETATM 670 O O   . HOH C 3 .  ? 7.790   -7.022  7.795   1.00 14.15  ?  214 HOH A O   1 
HETATM 671 O O   . HOH C 3 .  ? 13.028  -7.161  10.812  1.00 10.79  ?  215 HOH A O   1 
HETATM 672 O O   . HOH C 3 .  ? 10.530  -1.456  -3.270  1.00 21.23  ?  216 HOH A O   1 
HETATM 673 O O   . HOH C 3 .  ? -10.446 -0.482  4.374   1.00 40.28  ?  217 HOH A O   1 
HETATM 674 O O   . HOH C 3 .  ? -9.456  5.684   3.554   1.00 43.61  ?  218 HOH A O   1 
HETATM 675 O O   . HOH C 3 .  ? -7.338  -0.357  7.470   1.00 20.86  ?  219 HOH A O   1 
HETATM 676 O O   . HOH C 3 .  ? -5.024  -1.187  6.051   1.00 14.14  ?  220 HOH A O   1 
HETATM 677 O O   . HOH C 3 .  ? 9.516   -8.980  4.945   1.00 22.48  ?  221 HOH A O   1 
HETATM 678 O O   . HOH C 3 .  ? -3.641  -15.137 -0.750  1.00 20.76  ?  222 HOH A O   1 
HETATM 679 O O   . HOH C 3 .  ? 9.174   -11.293 8.976   1.00 14.40  ?  223 HOH A O   1 
HETATM 680 O O   . HOH C 3 .  ? 6.074   -11.179 8.064   1.00 20.56  ?  224 HOH A O   1 
HETATM 681 O O   . HOH C 3 .  ? 8.436   9.803   6.064   1.00 46.49  ?  225 HOH A O   1 
HETATM 682 O O   . HOH C 3 .  ? -3.315  10.968  -3.933  1.00 44.07  ?  226 HOH A O   1 
HETATM 683 O O   . HOH C 3 .  ? 1.268   -3.752  8.566   1.00 10.18  ?  227 HOH A O   1 
HETATM 684 O O   . HOH C 3 .  ? -10.591 -13.513 -0.110  1.00 49.63  ?  228 HOH A O   1 
HETATM 685 O O   . HOH C 3 .  ? 1.193   8.171   -9.069  1.00 26.11  ?  229 HOH A O   1 
HETATM 686 O O   . HOH C 3 .  ? 6.060   -2.672  5.515   1.00 13.14  ?  230 HOH A O   1 
HETATM 687 O O   . HOH C 3 .  ? 11.398  3.139   3.100   1.00 22.54  ?  231 HOH A O   1 
HETATM 688 O O   . HOH C 3 .  ? 6.993   -0.508  -1.046  1.00 13.71  ?  232 HOH A O   1 
HETATM 689 O O   . HOH C 3 .  ? -9.786  -3.646  9.421   1.00 33.42  ?  233 HOH A O   1 
HETATM 690 O O   . HOH C 3 .  ? -14.160 -5.357  3.645   1.00 26.38  ?  234 HOH A O   1 
HETATM 691 O O   . HOH C 3 .  ? 8.157   -2.526  0.649   1.00 24.52  ?  235 HOH A O   1 
HETATM 692 O O   . HOH C 3 .  ? 9.106   -0.120  -5.358  1.00 29.38  ?  236 HOH A O   1 
HETATM 693 O O   . HOH C 3 .  ? -6.049  -13.116 3.087   1.00 20.55  ?  237 HOH A O   1 
HETATM 694 O O   . HOH C 3 .  ? 6.610   8.336   7.845   1.00 39.20  ?  238 HOH A O   1 
HETATM 695 O O   . HOH C 3 .  ? -13.284 -9.818  -1.919  1.00 41.86  ?  239 HOH A O   1 
HETATM 696 O O   . HOH C 3 .  ? 14.094  6.087   -2.628  1.00 42.65  ?  240 HOH A O   1 
HETATM 697 O O   . HOH C 3 .  ? 2.914   14.826  -0.416  1.00 50.96  ?  241 HOH A O   1 
HETATM 698 O O   . HOH C 3 .  ? 4.923   3.698   11.168  1.00 49.05  ?  242 HOH A O   1 
HETATM 699 O O   . HOH C 3 .  ? -3.701  -13.826 4.551   1.00 21.19  ?  243 HOH A O   1 
HETATM 700 O O   . HOH C 3 .  ? -16.192 -3.957  -2.545  1.00 30.39  ?  244 HOH A O   1 
HETATM 701 O O   . HOH C 3 .  ? -7.836  5.842   5.873   1.00 20.13  ?  245 HOH A O   1 
HETATM 702 O O   . HOH C 3 .  ? 11.525  1.855   8.010   1.00 30.28  ?  246 HOH A O   1 
HETATM 703 O O   . HOH C 3 .  ? 3.189   3.530   12.539  1.00 44.17  ?  247 HOH A O   1 
HETATM 704 O O   . HOH C 3 .  ? -3.120  -1.987  7.964   1.00 14.74  ?  248 HOH A O   1 
HETATM 705 O O   . HOH C 3 .  ? 0.606   3.713   12.999  1.00 43.18  ?  249 HOH A O   1 
HETATM 706 O O   . HOH C 3 .  ? -5.332  -3.077  15.456  1.00 45.17  ?  250 HOH A O   1 
HETATM 707 O O   . HOH C 3 .  ? 10.049  9.962   2.696   1.00 49.83  ?  251 HOH A O   1 
HETATM 708 O O   . HOH C 3 .  ? -5.100  -7.974  -8.590  1.00 42.44  ?  252 HOH A O   1 
HETATM 709 O O   . HOH C 3 .  ? 5.129   13.025  5.269   1.00 40.17  ?  253 HOH A O   1 
HETATM 710 O O   . HOH C 3 .  ? 3.196   -10.997 4.787   1.00 24.68  ?  254 HOH A O   1 
HETATM 711 O O   . HOH C 3 .  ? -7.245  -10.850 0.823   1.00 26.40  ?  255 HOH A O   1 
HETATM 712 O O   . HOH C 3 .  ? 12.077  5.504   -6.609  1.00 30.83  ?  256 HOH A O   1 
HETATM 713 O O   . HOH C 3 .  ? 4.511   6.610   8.376   1.00 27.51  ?  257 HOH A O   1 
HETATM 714 O O   . HOH C 3 .  ? -10.977 0.742   12.499  1.00 34.32  ?  258 HOH A O   1 
HETATM 715 O O   . HOH C 3 .  ? -10.584 -10.578 -1.720  1.00 38.60  ?  259 HOH A O   1 
HETATM 716 O O   . HOH C 3 .  ? 7.615   9.986   0.471   1.00 30.70  ?  260 HOH A O   1 
HETATM 717 O O   . HOH C 3 .  ? -10.867 -4.698  -8.034  1.00 42.46  ?  261 HOH A O   1 
HETATM 718 O O   . HOH C 3 .  ? 7.409   11.872  -3.068  1.00 26.01  ?  262 HOH A O   1 
HETATM 719 O O   . HOH C 3 .  ? 4.532   -7.254  14.688  1.00 52.75  ?  263 HOH A O   1 
HETATM 720 O O   . HOH C 3 .  ? 15.836  -4.067  -3.706  1.00 51.09  ?  264 HOH A O   1 
HETATM 721 O O   . HOH C 3 .  ? 7.087   10.678  3.812   1.00 33.42  ?  265 HOH A O   1 
HETATM 722 O O   . HOH C 3 .  ? 12.874  2.442   -0.377  1.00 20.79  ?  266 HOH A O   1 
HETATM 723 O O   . HOH C 3 .  ? -11.983 4.554   0.001   1.00 40.39  ?  267 HOH A O   1 
HETATM 724 O O   . HOH C 3 .  ? -7.807  8.360   7.120   1.00 18.88  ?  268 HOH A O   1 
HETATM 725 O O   . HOH C 3 .  ? -16.005 -7.089  -0.402  1.00 37.23  ?  269 HOH A O   1 
HETATM 726 O O   . HOH C 3 .  ? -5.548  -13.344 4.840   1.00 41.67  ?  270 HOH A O   1 
HETATM 727 O O   . HOH C 3 .  ? 5.032   -1.033  -11.362 1.00 19.54  ?  271 HOH A O   1 
HETATM 728 O O   . HOH C 3 .  ? -1.826  -10.586 -9.135  1.00 35.73  ?  272 HOH A O   1 
HETATM 729 O O   . HOH C 3 .  ? -6.528  -9.989  -8.037  1.00 55.59  ?  273 HOH A O   1 
HETATM 730 O O   . HOH C 3 .  ? 15.436  -5.322  -0.503  1.00 42.61  ?  274 HOH A O   1 
HETATM 731 O O   . HOH C 3 .  ? 7.082   -1.974  1.775   1.00 61.09  ?  275 HOH A O   1 
HETATM 732 O O   . HOH C 3 .  ? -5.960  -12.170 1.497   1.00 45.96  ?  276 HOH A O   1 
HETATM 733 O O   . HOH C 3 .  ? 9.025   -9.223  -2.847  1.00 42.64  ?  277 HOH A O   1 
HETATM 734 O O   . HOH C 3 .  ? -5.768  -13.668 -7.792  1.00 43.32  ?  278 HOH A O   1 
HETATM 735 O O   . HOH C 3 .  ? -5.768  -13.644 0.468   1.00 28.28  ?  279 HOH A O   1 
HETATM 736 O O   . HOH C 3 .  ? -0.424  -2.193  7.019   1.00 12.31  ?  280 HOH A O   1 
HETATM 737 O O   . HOH C 3 .  ? 5.323   -11.134 5.507   1.00 38.25  ?  281 HOH A O   1 
HETATM 738 O O   . HOH C 3 .  ? 5.849   -2.069  2.819   1.00 20.51  ?  282 HOH A O   1 
HETATM 739 O O   . HOH C 3 .  ? -16.106 -9.816  0.363   1.00 33.39  ?  283 HOH A O   1 
HETATM 740 O O   . HOH C 3 .  ? -14.951 -6.645  -3.686  1.00 44.43  ?  284 HOH A O   1 
HETATM 741 O O   . HOH C 3 .  ? -9.247  0.581   5.941   1.00 38.84  ?  285 HOH A O   1 
HETATM 742 O O   . HOH C 3 .  ? 7.499   -10.759 4.423   1.00 43.32  ?  286 HOH A O   1 
HETATM 743 O O   . HOH C 3 .  ? 5.783   -8.408  -8.376  1.00 43.25  ?  287 HOH A O   1 
HETATM 744 O O   . HOH C 3 .  ? -5.110  7.012   8.983   1.00 49.87  ?  288 HOH A O   1 
HETATM 745 O O   . HOH C 3 .  ? -6.059  -15.714 -5.467  1.00 57.99  ?  289 HOH A O   1 
HETATM 746 O O   . HOH C 3 .  ? -14.813 -1.232  -7.313  1.00 39.30  ?  290 HOH A O   1 
HETATM 747 O O   . HOH C 3 .  ? -1.288  -7.875  -14.636 1.00 41.92  ?  291 HOH A O   1 
HETATM 748 O O   . HOH C 3 .  ? 10.822  9.630   5.268   1.00 57.20  ?  292 HOH A O   1 
HETATM 749 O O   . HOH C 3 .  ? -7.199  7.871   -10.345 1.00 48.99  ?  293 HOH A O   1 
HETATM 750 O O   . HOH C 3 .  ? 11.273  -4.613  10.467  1.00 4.13   ?  294 HOH A O   1 
HETATM 751 O O   . HOH C 3 .  ? -8.440  -9.772  -8.587  1.00 49.19  ?  295 HOH A O   1 
HETATM 752 O O   . HOH C 3 .  ? -2.937  -5.346  -10.924 1.00 62.65  ?  296 HOH A O   1 
HETATM 753 O O   . HOH C 3 .  ? -14.503 -5.941  -5.627  1.00 49.92  ?  297 HOH A O   1 
HETATM 754 O O   . HOH C 3 .  ? -15.886 -5.329  1.424   1.00 30.21  ?  298 HOH A O   1 
HETATM 755 O O   . HOH C 3 .  ? 10.343  11.291  0.258   1.00 57.27  ?  299 HOH A O   1 
HETATM 756 O O   . HOH C 3 .  ? 7.570   1.664   10.535  1.00 38.40  ?  300 HOH A O   1 
HETATM 757 O O   . HOH C 3 .  ? 14.877  3.580   1.492   1.00 40.01  ?  301 HOH A O   1 
HETATM 758 O O   . HOH C 3 .  ? -10.557 -3.451  11.800  1.00 65.95  ?  302 HOH A O   1 
HETATM 759 O O   . HOH C 3 .  ? 6.902   -9.314  -4.194  1.00 36.31  ?  303 HOH A O   1 
HETATM 760 O O   . HOH C 3 .  ? -9.797  10.286  -7.194  1.00 44.49  ?  304 HOH A O   1 
HETATM 761 O O   . HOH C 3 .  ? -4.619  -3.327  -12.360 1.00 58.24  ?  305 HOH A O   1 
HETATM 762 O O   . HOH C 3 .  ? 7.518   -10.202 2.216   1.00 47.01  ?  306 HOH A O   1 
HETATM 763 O O   . HOH C 3 .  ? 11.241  -9.409  -2.438  1.00 65.32  ?  307 HOH A O   1 
HETATM 764 O O   . HOH C 3 .  ? 8.775   12.060  1.635   1.00 85.93  ?  308 HOH A O   1 
HETATM 765 O O   . HOH C 3 .  ? -5.122  -16.953 -2.320  1.00 28.65  ?  309 HOH A O   1 
HETATM 766 O O   . HOH C 3 .  ? 13.748  3.461   3.292   1.00 56.90  ?  310 HOH A O   1 
HETATM 767 O O   . HOH C 3 .  ? 14.866  0.952   -1.680  1.00 29.30  ?  311 HOH A O   1 
HETATM 768 O O   . HOH C 3 .  ? -4.211  -16.232 3.506   1.00 50.45  ?  312 HOH A O   1 
HETATM 769 O O   . HOH C 3 .  ? 7.834   -12.715 7.184   1.00 52.40  ?  313 HOH A O   1 
HETATM 770 O O   . HOH C 3 .  ? -10.018 3.344   6.054   1.00 58.14  ?  314 HOH A O   1 
HETATM 771 O O   . HOH C 3 .  ? 9.574   4.683   -12.517 1.00 59.72  ?  315 HOH A O   1 
HETATM 772 O O   . HOH C 3 .  ? 13.610  -0.083  -4.123  1.00 37.58  ?  316 HOH A O   1 
HETATM 773 O O   . HOH C 3 .  ? 3.325   -0.619  17.475  1.00 56.06  ?  317 HOH A O   1 
HETATM 774 O O   . HOH C 3 .  ? -6.664  -16.886 2.505   1.00 50.40  ?  318 HOH A O   1 
HETATM 775 O O   . HOH C 3 .  ? 6.980   -10.738 -2.906  1.00 29.35  ?  319 HOH A O   1 
HETATM 776 O O   . HOH C 3 .  ? -17.650 -2.064  -1.219  1.00 35.36  ?  320 HOH A O   1 
HETATM 777 O O   . HOH C 3 .  ? -3.611  11.181  12.520  1.00 49.61  ?  321 HOH A O   1 
HETATM 778 O O   . HOH C 3 .  ? -6.790  -4.824  -14.021 1.00 57.85  ?  322 HOH A O   1 
# 
loop_
_atom_site_anisotrop.id 
_atom_site_anisotrop.type_symbol 
_atom_site_anisotrop.pdbx_label_atom_id 
_atom_site_anisotrop.pdbx_label_alt_id 
_atom_site_anisotrop.pdbx_label_comp_id 
_atom_site_anisotrop.pdbx_label_asym_id 
_atom_site_anisotrop.pdbx_label_seq_id 
_atom_site_anisotrop.pdbx_PDB_ins_code 
_atom_site_anisotrop.U[1][1] 
_atom_site_anisotrop.U[2][2] 
_atom_site_anisotrop.U[3][3] 
_atom_site_anisotrop.U[1][2] 
_atom_site_anisotrop.U[1][3] 
_atom_site_anisotrop.U[2][3] 
_atom_site_anisotrop.pdbx_auth_seq_id 
_atom_site_anisotrop.pdbx_auth_comp_id 
_atom_site_anisotrop.pdbx_auth_asym_id 
_atom_site_anisotrop.pdbx_auth_atom_id 
1   N N   . PRO A 3  ? 0.2165 0.3667 0.2882 0.0576  -0.0546 -0.0089 3   PRO A N   
2   C CA  . PRO A 3  ? 0.2157 0.3611 0.2824 0.0134  -0.0525 -0.0210 3   PRO A CA  
3   C C   . PRO A 3  ? 0.2000 0.3308 0.2756 -0.0036 -0.0350 -0.0466 3   PRO A C   
4   O O   . PRO A 3  ? 0.2475 0.4000 0.2880 0.0132  -0.0273 -0.0420 3   PRO A O   
5   C CB  . PRO A 3  ? 0.2563 0.3809 0.2948 0.0340  -0.0471 0.0044  3   PRO A CB  
6   C CG  . PRO A 3  ? 0.2956 0.4126 0.3157 0.0155  -0.0617 0.0395  3   PRO A CG  
7   C CD  . PRO A 3  ? 0.2702 0.4165 0.3089 0.0283  -0.0534 0.0232  3   PRO A CD  
8   N N   . MET A 4  ? 0.1896 0.2403 0.2629 -0.0005 -0.0255 -0.0585 4   MET A N   
9   C CA  . MET A 4  ? 0.2318 0.2031 0.2707 -0.0106 -0.0343 -0.0476 4   MET A CA  
10  C C   . MET A 4  ? 0.1878 0.1998 0.2531 0.0352  -0.0074 -0.0707 4   MET A C   
11  O O   . MET A 4  ? 0.2152 0.2354 0.2587 0.0024  0.0194  -0.0855 4   MET A O   
12  C CB  . MET A 4  ? 0.3230 0.2768 0.3226 -0.0475 -0.0394 0.0302  4   MET A CB  
13  C CG  . MET A 4  ? 0.4294 0.3026 0.3624 -0.0291 -0.0426 0.0745  4   MET A CG  
14  S SD  . MET A 4  ? 0.4621 0.3228 0.4026 -0.0206 -0.0427 0.1198  4   MET A SD  
15  C CE  . MET A 4  ? 0.4856 0.3998 0.3891 -0.0382 -0.0417 0.1001  4   MET A CE  
16  N N   . LYS A 5  ? 0.1942 0.1725 0.2435 0.0367  -0.0240 -0.0683 5   LYS A N   
17  C CA  . LYS A 5  ? 0.2127 0.1705 0.2395 0.0247  -0.0630 -0.0496 5   LYS A CA  
18  C C   . LYS A 5  ? 0.1895 0.1528 0.2213 0.0157  -0.0390 -0.0268 5   LYS A C   
19  O O   . LYS A 5  ? 0.1756 0.2318 0.2333 0.0190  0.0062  -0.0392 5   LYS A O   
20  C CB  . LYS A 5  ? 0.3075 0.2085 0.2789 0.0633  -0.0689 -0.0446 5   LYS A CB  
21  C CG  . LYS A 5  ? 0.3800 0.2258 0.3241 0.0865  -0.0759 -0.0350 5   LYS A CG  
22  C CD  . LYS A 5  ? 0.4996 0.3700 0.3563 0.0636  -0.0642 -0.0006 5   LYS A CD  
23  C CE  . LYS A 5  ? 0.6319 0.4870 0.4091 0.0461  -0.0584 0.0232  5   LYS A CE  
24  N NZ  . LYS A 5  ? 0.6899 0.5305 0.4439 0.0359  -0.0561 0.0438  5   LYS A NZ  
25  N N   . LEU A 6  ? 0.1530 0.1257 0.2124 0.0212  -0.0539 -0.0058 6   LEU A N   
26  C CA  . LEU A 6  ? 0.1652 0.1087 0.1871 0.0187  -0.0277 -0.0108 6   LEU A CA  
27  C C   . LEU A 6  ? 0.1665 0.0927 0.1653 0.0209  -0.0032 -0.0220 6   LEU A C   
28  O O   . LEU A 6  ? 0.1740 0.1097 0.1559 0.0201  0.0020  -0.0162 6   LEU A O   
29  C CB  . LEU A 6  ? 0.1888 0.0966 0.1981 0.0105  -0.0160 -0.0192 6   LEU A CB  
30  C CG  . LEU A 6  ? 0.2385 0.1245 0.2181 -0.0400 -0.0046 -0.0261 6   LEU A CG  
31  C CD1 . LEU A 6  ? 0.2879 0.1292 0.2283 -0.0415 -0.0057 -0.0330 6   LEU A CD1 
32  C CD2 . LEU A 6  ? 0.2440 0.2009 0.2331 -0.0589 0.0114  0.0134  6   LEU A CD2 
33  N N   . ARG A 7  ? 0.1506 0.1076 0.1650 0.0250  0.0024  -0.0120 7   ARG A N   
34  C CA  . ARG A 7  ? 0.1417 0.0991 0.1543 0.0293  0.0092  -0.0003 7   ARG A CA  
35  C C   . ARG A 7  ? 0.1512 0.0549 0.1520 0.0118  0.0022  -0.0083 7   ARG A C   
36  O O   . ARG A 7  ? 0.1730 0.0757 0.1768 0.0283  0.0060  -0.0096 7   ARG A O   
37  C CB  . ARG A 7  ? 0.1502 0.1359 0.1740 0.0531  0.0068  -0.0059 7   ARG A CB  
38  C CG  . ARG A 7  ? 0.2131 0.1279 0.1938 0.0251  -0.0005 -0.0252 7   ARG A CG  
39  C CD  . ARG A 7  ? 0.2235 0.1305 0.2007 0.0121  0.0036  -0.0085 7   ARG A CD  
40  N NE  . ARG A 7  ? 0.2189 0.1304 0.1983 0.0216  0.0184  -0.0122 7   ARG A NE  
41  C CZ  . ARG A 7  ? 0.2335 0.1107 0.1972 0.0270  0.0489  -0.0212 7   ARG A CZ  
42  N NH1 . ARG A 7  ? 0.2273 0.1259 0.2021 0.0362  0.0606  -0.0164 7   ARG A NH1 
43  N NH2 . ARG A 7  ? 0.2026 0.1615 0.2016 0.0110  0.0383  -0.0030 7   ARG A NH2 
44  N N   . VAL A 8  ? 0.1435 0.1195 0.1687 0.0000  0.0064  0.0072  8   VAL A N   
45  C CA  . VAL A 8  ? 0.1603 0.1246 0.1710 0.0083  0.0099  -0.0036 8   VAL A CA  
46  C C   . VAL A 8  ? 0.1572 0.0775 0.1682 0.0235  0.0212  -0.0170 8   VAL A C   
47  O O   . VAL A 8  ? 0.1704 0.0978 0.1870 0.0245  0.0033  -0.0127 8   VAL A O   
48  C CB  . VAL A 8  ? 0.1487 0.2087 0.1840 0.0046  0.0063  -0.0158 8   VAL A CB  
49  C CG1 . VAL A 8  ? 0.1976 0.1937 0.2040 0.0019  0.0120  -0.0100 8   VAL A CG1 
50  C CG2 . VAL A 8  ? 0.1764 0.2215 0.1968 -0.0060 -0.0075 -0.0196 8   VAL A CG2 
51  N N   . MET A 9  ? 0.1512 0.1081 0.1826 0.0051  -0.0055 -0.0062 9   MET A N   
52  C CA  . MET A 9  ? 0.1435 0.1102 0.1800 0.0116  0.0173  -0.0201 9   MET A CA  
53  C C   . MET A 9  ? 0.1477 0.0766 0.1898 -0.0129 0.0080  -0.0134 9   MET A C   
54  O O   . MET A 9  ? 0.1379 0.1133 0.1810 0.0071  0.0077  -0.0296 9   MET A O   
55  C CB  . MET A 9  ? 0.1388 0.1505 0.2096 0.0263  0.0244  -0.0250 9   MET A CB  
56  C CG  . MET A 9  ? 0.1941 0.1795 0.2308 0.0304  0.0117  -0.0658 9   MET A CG  
57  S SD  . MET A 9  ? 0.2602 0.2669 0.2594 0.0126  0.0184  -0.0812 9   MET A SD  
58  C CE  . MET A 9  ? 0.3188 0.3772 0.2724 0.0174  -0.0052 -0.0665 9   MET A CE  
59  N N   . GLU A 10 ? 0.1340 0.1135 0.1890 0.0097  -0.0156 -0.0197 10  GLU A N   
60  C CA  A GLU A 10 ? 0.1304 0.1186 0.1943 -0.0021 -0.0120 -0.0270 10  GLU A CA  
61  C CA  B GLU A 10 ? 0.1124 0.1188 0.2081 -0.0064 -0.0073 -0.0193 10  GLU A CA  
62  C C   . GLU A 10 ? 0.1182 0.1079 0.1777 0.0176  -0.0036 -0.0088 10  GLU A C   
63  O O   . GLU A 10 ? 0.1404 0.1424 0.1795 -0.0072 0.0353  0.0129  10  GLU A O   
64  C CB  A GLU A 10 ? 0.1653 0.1472 0.2161 -0.0255 -0.0036 -0.0519 10  GLU A CB  
65  C CB  B GLU A 10 ? 0.1487 0.1530 0.2537 -0.0183 0.0096  -0.0109 10  GLU A CB  
66  C CG  A GLU A 10 ? 0.2089 0.1465 0.2392 -0.0674 -0.0068 -0.0655 10  GLU A CG  
67  C CG  B GLU A 10 ? 0.1924 0.1844 0.2885 -0.0112 0.0170  0.0305  10  GLU A CG  
68  C CD  A GLU A 10 ? 0.2843 0.2807 0.2662 -0.0428 0.0085  -0.0505 10  GLU A CD  
69  C CD  B GLU A 10 ? 0.2242 0.1862 0.3201 -0.0862 -0.0252 0.0527  10  GLU A CD  
70  O OE1 A GLU A 10 ? 0.3157 0.3447 0.2868 -0.0369 0.0095  -0.0335 10  GLU A OE1 
71  O OE1 B GLU A 10 ? 0.3238 0.3212 0.3743 -0.0981 -0.0437 0.0482  10  GLU A OE1 
72  O OE2 A GLU A 10 ? 0.3314 0.3365 0.2811 -0.0163 0.0216  -0.0559 10  GLU A OE2 
73  O OE2 B GLU A 10 ? 0.1973 0.1352 0.3110 -0.0535 -0.0535 0.0642  10  GLU A OE2 
74  N N   . ALA A 11 ? 0.1234 0.1184 0.1635 0.0301  0.0219  0.0016  11  ALA A N   
75  C CA  . ALA A 11 ? 0.1349 0.0914 0.1543 0.0238  0.0175  -0.0003 11  ALA A CA  
76  C C   . ALA A 11 ? 0.1255 0.1116 0.1533 0.0083  0.0046  0.0010  11  ALA A C   
77  O O   . ALA A 11 ? 0.1468 0.1127 0.1735 -0.0161 -0.0063 0.0130  11  ALA A O   
78  C CB  . ALA A 11 ? 0.1650 0.1239 0.1611 0.0134  0.0161  0.0039  11  ALA A CB  
79  N N   . TYR A 12 ? 0.1158 0.1135 0.1518 0.0066  0.0018  0.0225  12  TYR A N   
80  C CA  . TYR A 12 ? 0.1057 0.1556 0.1559 0.0075  0.0000  0.0296  12  TYR A CA  
81  C C   . TYR A 12 ? 0.1051 0.1086 0.1614 0.0182  0.0088  0.0100  12  TYR A C   
82  O O   . TYR A 12 ? 0.1315 0.1153 0.1523 0.0098  0.0154  -0.0039 12  TYR A O   
83  C CB  . TYR A 12 ? 0.1104 0.1178 0.1743 0.0056  0.0078  0.0252  12  TYR A CB  
84  C CG  . TYR A 12 ? 0.1116 0.1144 0.1717 0.0088  -0.0013 0.0067  12  TYR A CG  
85  C CD1 . TYR A 12 ? 0.1205 0.1448 0.1621 0.0009  0.0097  -0.0087 12  TYR A CD1 
86  C CD2 . TYR A 12 ? 0.1203 0.1233 0.1809 0.0089  -0.0066 0.0219  12  TYR A CD2 
87  C CE1 . TYR A 12 ? 0.1457 0.1592 0.1590 -0.0089 -0.0037 0.0019  12  TYR A CE1 
88  C CE2 . TYR A 12 ? 0.1294 0.1374 0.1615 0.0115  0.0069  0.0067  12  TYR A CE2 
89  C CZ  . TYR A 12 ? 0.1376 0.1341 0.1603 0.0027  0.0102  -0.0037 12  TYR A CZ  
90  O OH  . TYR A 12 ? 0.1440 0.1481 0.1599 0.0122  0.0283  0.0056  12  TYR A OH  
91  N N   . PRO A 13 ? 0.1072 0.1013 0.1740 -0.0014 -0.0109 0.0017  13  PRO A N   
92  C CA  . PRO A 13 ? 0.0940 0.1480 0.1686 0.0148  0.0065  -0.0071 13  PRO A CA  
93  C C   . PRO A 13 ? 0.1170 0.1250 0.1710 0.0070  -0.0070 0.0219  13  PRO A C   
94  O O   . PRO A 13 ? 0.1300 0.1566 0.1604 0.0043  0.0072  0.0202  13  PRO A O   
95  C CB  . PRO A 13 ? 0.0982 0.1694 0.1926 0.0111  -0.0105 -0.0070 13  PRO A CB  
96  C CG  . PRO A 13 ? 0.1085 0.1657 0.1915 -0.0012 -0.0091 -0.0156 13  PRO A CG  
97  C CD  . PRO A 13 ? 0.1289 0.1529 0.1749 0.0097  -0.0056 -0.0235 13  PRO A CD  
98  N N   . GLU A 14 ? 0.1106 0.1097 0.1714 0.0060  -0.0053 0.0163  14  GLU A N   
99  C CA  . GLU A 14 ? 0.1183 0.0958 0.1531 0.0100  -0.0105 -0.0132 14  GLU A CA  
100 C C   . GLU A 14 ? 0.1036 0.1308 0.1396 0.0014  -0.0094 -0.0044 14  GLU A C   
101 O O   . GLU A 14 ? 0.1594 0.1595 0.1326 0.0207  -0.0023 -0.0148 14  GLU A O   
102 C CB  . GLU A 14 ? 0.1183 0.1249 0.1685 -0.0002 0.0013  0.0149  14  GLU A CB  
103 C CG  . GLU A 14 ? 0.1006 0.1199 0.1736 -0.0024 -0.0072 0.0036  14  GLU A CG  
104 C CD  . GLU A 14 ? 0.1105 0.1120 0.1799 -0.0012 -0.0056 -0.0054 14  GLU A CD  
105 O OE1 . GLU A 14 ? 0.1238 0.1324 0.1960 -0.0131 -0.0047 -0.0106 14  GLU A OE1 
106 O OE2 . GLU A 14 ? 0.1321 0.1186 0.1790 0.0077  -0.0121 0.0171  14  GLU A OE2 
107 N N   . ASP A 15 ? 0.0856 0.1361 0.1470 0.0073  -0.0061 0.0164  15  ASP A N   
108 C CA  . ASP A 15 ? 0.1197 0.1496 0.1615 0.0173  0.0126  0.0107  15  ASP A CA  
109 C C   . ASP A 15 ? 0.1556 0.1386 0.1663 0.0025  0.0159  0.0045  15  ASP A C   
110 O O   . ASP A 15 ? 0.1964 0.2350 0.1572 -0.0026 0.0011  0.0277  15  ASP A O   
111 C CB  . ASP A 15 ? 0.1007 0.1577 0.1696 -0.0085 0.0115  0.0177  15  ASP A CB  
112 C CG  . ASP A 15 ? 0.1121 0.1205 0.1815 0.0293  -0.0106 -0.0042 15  ASP A CG  
113 O OD1 . ASP A 15 ? 0.1325 0.1527 0.1988 0.0063  -0.0137 0.0115  15  ASP A OD1 
114 O OD2 . ASP A 15 ? 0.1260 0.1160 0.1904 0.0001  0.0051  0.0123  15  ASP A OD2 
115 N N   . VAL A 16 ? 0.1505 0.1471 0.1940 -0.0026 0.0341  0.0390  16  VAL A N   
116 C CA  . VAL A 16 ? 0.1589 0.1807 0.2125 0.0242  0.0419  0.0671  16  VAL A CA  
117 C C   . VAL A 16 ? 0.1603 0.2442 0.2326 0.0443  0.0531  0.0909  16  VAL A C   
118 O O   . VAL A 16 ? 0.1734 0.2736 0.2424 0.0717  0.0670  0.0885  16  VAL A O   
119 C CB  . VAL A 16 ? 0.1836 0.1951 0.2349 -0.0156 0.0236  0.0680  16  VAL A CB  
120 C CG1 . VAL A 16 ? 0.2140 0.2198 0.2542 -0.0180 0.0310  0.0990  16  VAL A CG1 
121 C CG2 . VAL A 16 ? 0.2290 0.1728 0.2246 0.0126  0.0120  0.0577  16  VAL A CG2 
122 N N   . GLY A 17 ? 0.1710 0.1993 0.2222 0.0103  0.0674  0.0797  17  GLY A N   
123 C CA  . GLY A 17 ? 0.1780 0.1751 0.2335 0.0158  0.0703  0.0587  17  GLY A CA  
124 C C   . GLY A 17 ? 0.1785 0.1827 0.2505 0.0508  0.0632  0.0518  17  GLY A C   
125 O O   . GLY A 17 ? 0.2046 0.2997 0.2344 0.0284  0.0627  0.0459  17  GLY A O   
126 N N   . LYS A 18 ? 0.1630 0.1933 0.2915 0.0387  0.0542  0.0444  18  LYS A N   
127 C CA  . LYS A 18 ? 0.1948 0.1600 0.3264 0.0145  0.0184  0.0627  18  LYS A CA  
128 C C   . LYS A 18 ? 0.1679 0.2045 0.3089 0.0273  0.0352  0.0760  18  LYS A C   
129 O O   . LYS A 18 ? 0.1878 0.2819 0.3028 0.0287  0.0304  0.0450  18  LYS A O   
130 C CB  . LYS A 18 ? 0.2224 0.1819 0.3721 -0.0029 -0.0143 0.0636  18  LYS A CB  
131 C CG  . LYS A 18 ? 0.2096 0.2058 0.4084 0.0368  -0.0506 0.0529  18  LYS A CG  
132 C CD  . LYS A 18 ? 0.2422 0.2018 0.4196 -0.0158 -0.0960 0.0216  18  LYS A CD  
133 C CE  . LYS A 18 ? 0.3262 0.3212 0.4215 -0.0413 -0.1317 -0.0234 18  LYS A CE  
134 N NZ  . LYS A 18 ? 0.4656 0.4789 0.4927 -0.0291 -0.1307 0.0126  18  LYS A NZ  
135 N N   . GLY A 19 ? 0.1392 0.2799 0.3029 0.0479  0.0516  0.1047  19  GLY A N   
136 C CA  . GLY A 19 ? 0.1645 0.2993 0.2719 0.0505  0.0396  0.1156  19  GLY A CA  
137 C C   . GLY A 19 ? 0.1764 0.2960 0.2317 0.0453  0.0314  0.0847  19  GLY A C   
138 O O   . GLY A 19 ? 0.1698 0.3497 0.2120 0.0481  0.0194  0.0817  19  GLY A O   
139 N N   . ILE A 20 ? 0.1618 0.1654 0.2329 0.0239  0.0458  0.0720  20  ILE A N   
140 C CA  . ILE A 20 ? 0.1864 0.1293 0.2192 0.0116  0.0451  0.0539  20  ILE A CA  
141 C C   . ILE A 20 ? 0.1786 0.1059 0.1710 -0.0374 0.0271  0.0125  20  ILE A C   
142 O O   . ILE A 20 ? 0.1815 0.1415 0.1838 -0.0340 0.0364  0.0163  20  ILE A O   
143 C CB  . ILE A 20 ? 0.2311 0.2170 0.2352 0.0317  0.0643  0.0499  20  ILE A CB  
144 C CG1 . ILE A 20 ? 0.2689 0.1503 0.2162 -0.0084 0.0056  0.0170  20  ILE A CG1 
145 C CG2 . ILE A 20 ? 0.2257 0.2145 0.2665 0.0685  0.0735  0.0851  20  ILE A CG2 
146 C CD1 . ILE A 20 ? 0.3460 0.2586 0.2089 -0.0673 -0.0019 0.0273  20  ILE A CD1 
147 N N   . VAL A 21 ? 0.1424 0.1178 0.1297 -0.0079 0.0255  -0.0164 21  VAL A N   
148 C CA  . VAL A 21 ? 0.1841 0.1279 0.1554 -0.0201 0.0629  -0.0139 21  VAL A CA  
149 C C   . VAL A 21 ? 0.1919 0.0833 0.1511 -0.0493 0.0608  -0.0292 21  VAL A C   
150 O O   . VAL A 21 ? 0.3320 0.1599 0.1633 -0.1098 0.0857  -0.0469 21  VAL A O   
151 C CB  . VAL A 21 ? 0.1927 0.1322 0.1961 0.0098  0.0628  0.0063  21  VAL A CB  
152 C CG1 . VAL A 21 ? 0.2729 0.1916 0.1942 -0.0010 0.0509  0.0015  21  VAL A CG1 
153 C CG2 . VAL A 21 ? 0.1889 0.1583 0.2377 0.0120  0.0168  0.0387  21  VAL A CG2 
154 N N   . ARG A 22 ? 0.1020 0.1173 0.1262 0.0153  0.0234  -0.0072 22  ARG A N   
155 C CA  . ARG A 22 ? 0.1052 0.1371 0.1199 0.0020  0.0191  0.0107  22  ARG A CA  
156 C C   . ARG A 22 ? 0.1033 0.0742 0.1349 0.0184  0.0103  0.0196  22  ARG A C   
157 O O   . ARG A 22 ? 0.1332 0.0810 0.1531 -0.0001 0.0143  0.0153  22  ARG A O   
158 C CB  . ARG A 22 ? 0.1039 0.1083 0.1203 0.0144  -0.0039 -0.0133 22  ARG A CB  
159 C CG  . ARG A 22 ? 0.1170 0.1173 0.1346 0.0251  0.0094  -0.0044 22  ARG A CG  
160 C CD  . ARG A 22 ? 0.1186 0.1031 0.1442 0.0484  -0.0073 -0.0180 22  ARG A CD  
161 N NE  . ARG A 22 ? 0.1210 0.1160 0.1516 0.0245  0.0038  -0.0113 22  ARG A NE  
162 C CZ  . ARG A 22 ? 0.0840 0.1028 0.1671 0.0246  0.0068  0.0059  22  ARG A CZ  
163 N NH1 . ARG A 22 ? 0.1076 0.1204 0.1673 0.0105  0.0048  -0.0036 22  ARG A NH1 
164 N NH2 . ARG A 22 ? 0.1232 0.1142 0.1869 0.0392  0.0037  0.0108  22  ARG A NH2 
165 N N   . MET A 23 ? 0.0976 0.1348 0.1471 -0.0032 0.0009  0.0254  23  MET A N   
166 C CA  . MET A 23 ? 0.0914 0.1211 0.1623 0.0133  0.0158  0.0303  23  MET A CA  
167 C C   . MET A 23 ? 0.1115 0.0986 0.1514 0.0018  0.0178  0.0157  23  MET A C   
168 O O   . MET A 23 ? 0.1188 0.1065 0.1596 0.0114  0.0229  0.0085  23  MET A O   
169 C CB  . MET A 23 ? 0.1642 0.1441 0.1659 0.0170  -0.0023 0.0154  23  MET A CB  
170 C CG  . MET A 23 ? 0.1919 0.1389 0.1575 0.0071  0.0006  0.0025  23  MET A CG  
171 S SD  . MET A 23 ? 0.2212 0.1656 0.1968 0.0318  -0.0320 0.0099  23  MET A SD  
172 C CE  . MET A 23 ? 0.2553 0.1863 0.2093 0.0233  -0.0377 0.0387  23  MET A CE  
173 N N   . ASP A 24 ? 0.1083 0.1215 0.1522 -0.0213 0.0140  0.0142  24  ASP A N   
174 C CA  . ASP A 24 ? 0.1131 0.1315 0.1537 -0.0118 0.0094  0.0100  24  ASP A CA  
175 C C   . ASP A 24 ? 0.0995 0.1096 0.1522 0.0023  0.0106  0.0105  24  ASP A C   
176 O O   . ASP A 24 ? 0.1134 0.1148 0.1586 0.0196  0.0074  0.0000  24  ASP A O   
177 C CB  . ASP A 24 ? 0.1358 0.1093 0.1547 0.0098  0.0194  -0.0063 24  ASP A CB  
178 C CG  . ASP A 24 ? 0.1578 0.1278 0.1625 0.0110  0.0247  0.0003  24  ASP A CG  
179 O OD1 . ASP A 24 ? 0.1375 0.1225 0.1731 0.0150  0.0184  0.0068  24  ASP A OD1 
180 O OD2 . ASP A 24 ? 0.1592 0.1326 0.1787 0.0262  0.0077  -0.0002 24  ASP A OD2 
181 N N   . LYS A 25 ? 0.1143 0.0853 0.1592 -0.0121 0.0165  -0.0005 25  LYS A N   
182 C CA  . LYS A 25 ? 0.1066 0.1145 0.1749 0.0050  0.0222  0.0197  25  LYS A CA  
183 C C   . LYS A 25 ? 0.1002 0.1141 0.1713 0.0065  0.0196  0.0248  25  LYS A C   
184 O O   . LYS A 25 ? 0.1307 0.1349 0.1702 -0.0113 -0.0006 0.0097  25  LYS A O   
185 C CB  . LYS A 25 ? 0.1442 0.0736 0.1789 -0.0023 0.0215  0.0114  25  LYS A CB  
186 C CG  . LYS A 25 ? 0.1347 0.0852 0.1802 -0.0160 0.0193  0.0025  25  LYS A CG  
187 C CD  . LYS A 25 ? 0.1773 0.1117 0.1757 -0.0271 0.0066  -0.0158 25  LYS A CD  
188 C CE  . LYS A 25 ? 0.1684 0.1328 0.1821 -0.0367 0.0250  -0.0224 25  LYS A CE  
189 N NZ  . LYS A 25 ? 0.2197 0.1835 0.2019 -0.0244 0.0648  -0.0185 25  LYS A NZ  
190 N N   . ALA A 26 ? 0.1064 0.1440 0.1858 0.0155  0.0295  0.0247  26  ALA A N   
191 C CA  . ALA A 26 ? 0.1094 0.1503 0.1887 0.0181  0.0159  0.0252  26  ALA A CA  
192 C C   . ALA A 26 ? 0.1349 0.1246 0.1847 0.0152  0.0141  0.0223  26  ALA A C   
193 O O   . ALA A 26 ? 0.1258 0.1698 0.1955 -0.0042 0.0053  0.0358  26  ALA A O   
194 C CB  . ALA A 26 ? 0.1319 0.2126 0.1812 0.0467  0.0389  0.0009  26  ALA A CB  
195 N N   . SER A 27 ? 0.1323 0.1225 0.1897 0.0031  0.0330  0.0131  27  SER A N   
196 C CA  . SER A 27 ? 0.1421 0.1078 0.1860 -0.0079 0.0125  -0.0019 27  SER A CA  
197 C C   . SER A 27 ? 0.1460 0.1043 0.1809 0.0034  0.0054  0.0079  27  SER A C   
198 O O   . SER A 27 ? 0.1477 0.1407 0.1838 0.0087  -0.0005 0.0251  27  SER A O   
199 C CB  . SER A 27 ? 0.1741 0.1157 0.1912 -0.0215 -0.0118 -0.0049 27  SER A CB  
200 O OG  . SER A 27 ? 0.1769 0.1226 0.2054 0.0088  0.0028  0.0017  27  SER A OG  
201 N N   . ARG A 28 ? 0.1196 0.1059 0.1827 0.0092  0.0213  -0.0043 28  ARG A N   
202 C CA  . ARG A 28 ? 0.1086 0.1399 0.1905 0.0142  0.0104  0.0020  28  ARG A CA  
203 C C   . ARG A 28 ? 0.1145 0.1495 0.1929 -0.0102 -0.0052 -0.0024 28  ARG A C   
204 O O   . ARG A 28 ? 0.1396 0.1777 0.1839 -0.0048 -0.0128 -0.0051 28  ARG A O   
205 C CB  . ARG A 28 ? 0.1265 0.1551 0.1792 0.0085  0.0070  -0.0013 28  ARG A CB  
206 C CG  . ARG A 28 ? 0.1104 0.1153 0.1834 0.0027  0.0088  0.0297  28  ARG A CG  
207 C CD  . ARG A 28 ? 0.1437 0.1361 0.1725 0.0086  0.0185  0.0250  28  ARG A CD  
208 N NE  . ARG A 28 ? 0.1557 0.1328 0.1552 0.0098  0.0109  -0.0106 28  ARG A NE  
209 C CZ  . ARG A 28 ? 0.1164 0.0991 0.1487 0.0149  0.0095  -0.0231 28  ARG A CZ  
210 N NH1 . ARG A 28 ? 0.1085 0.1431 0.1664 0.0147  0.0136  0.0010  28  ARG A NH1 
211 N NH2 . ARG A 28 ? 0.1326 0.1177 0.1816 -0.0072 0.0092  0.0080  28  ARG A NH2 
212 N N   . GLU A 29 ? 0.1198 0.1695 0.2083 -0.0253 -0.0022 0.0039  29  GLU A N   
213 C CA  . GLU A 29 ? 0.1335 0.2049 0.2519 -0.0426 0.0015  0.0286  29  GLU A CA  
214 C C   . GLU A 29 ? 0.1275 0.1995 0.2492 -0.0076 -0.0260 0.0252  29  GLU A C   
215 O O   . GLU A 29 ? 0.1575 0.2293 0.2428 -0.0348 -0.0329 0.0186  29  GLU A O   
216 C CB  . GLU A 29 ? 0.2049 0.2252 0.3224 -0.0818 -0.0131 0.0525  29  GLU A CB  
217 C CG  . GLU A 29 ? 0.3210 0.2552 0.3902 -0.1352 -0.0158 0.0397  29  GLU A CG  
218 C CD  . GLU A 29 ? 0.4324 0.4063 0.4777 -0.1087 0.0102  0.0602  29  GLU A CD  
219 O OE1 . GLU A 29 ? 0.4664 0.3902 0.4912 -0.0828 0.0118  0.0534  29  GLU A OE1 
220 O OE2 . GLU A 29 ? 0.4866 0.5343 0.5528 -0.0815 0.0504  0.0702  29  GLU A OE2 
221 N N   . LYS A 30 ? 0.1546 0.1930 0.2718 0.0082  -0.0275 0.0438  30  LYS A N   
222 C CA  . LYS A 30 ? 0.1923 0.2559 0.3214 0.0195  -0.0535 0.0792  30  LYS A CA  
223 C C   . LYS A 30 ? 0.1894 0.2378 0.3043 -0.0212 -0.0675 0.0865  30  LYS A C   
224 O O   . LYS A 30 ? 0.2210 0.2927 0.3029 -0.0230 -0.0846 0.0972  30  LYS A O   
225 C CB  . LYS A 30 ? 0.2866 0.3105 0.3753 0.1017  -0.0625 0.0925  30  LYS A CB  
226 C CG  . LYS A 30 ? 0.4444 0.4598 0.4263 0.1054  -0.0641 0.1016  30  LYS A CG  
227 C CD  . LYS A 30 ? 0.5758 0.5624 0.4720 0.0936  -0.0621 0.1038  30  LYS A CD  
228 C CE  . LYS A 30 ? 0.6751 0.6247 0.4889 0.0762  -0.0566 0.1053  30  LYS A CE  
229 N NZ  . LYS A 30 ? 0.7223 0.6530 0.5322 0.0823  -0.0503 0.0987  30  LYS A NZ  
230 N N   . LEU A 31 ? 0.1708 0.2137 0.2830 -0.0223 -0.0442 0.0785  31  LEU A N   
231 C CA  . LEU A 31 ? 0.1896 0.2380 0.2608 -0.0328 -0.0303 0.0749  31  LEU A CA  
232 C C   . LEU A 31 ? 0.2015 0.3023 0.2405 -0.0455 -0.0543 0.0689  31  LEU A C   
233 O O   . LEU A 31 ? 0.3165 0.3418 0.2400 -0.0862 -0.0738 0.0758  31  LEU A O   
234 C CB  . LEU A 31 ? 0.2068 0.2252 0.2650 -0.0296 -0.0125 0.0648  31  LEU A CB  
235 C CG  . LEU A 31 ? 0.2670 0.2225 0.2547 -0.0329 -0.0227 0.0376  31  LEU A CG  
236 C CD1 . LEU A 31 ? 0.2678 0.2402 0.2749 -0.0722 -0.0456 0.0418  31  LEU A CD1 
237 C CD2 . LEU A 31 ? 0.2690 0.1968 0.2434 -0.0105 -0.0226 0.0494  31  LEU A CD2 
238 N N   . GLY A 32 ? 0.1632 0.2577 0.2355 -0.0224 -0.0516 0.0510  32  GLY A N   
239 C CA  . GLY A 32 ? 0.1895 0.3401 0.2248 -0.0035 -0.0316 0.0076  32  GLY A CA  
240 C C   . GLY A 32 ? 0.2247 0.4033 0.2219 0.0396  -0.0409 -0.0262 32  GLY A C   
241 O O   . GLY A 32 ? 0.2815 0.5108 0.2477 0.0398  -0.0494 -0.0195 32  GLY A O   
242 N N   . VAL A 33 ? 0.1925 0.3361 0.2211 0.0122  -0.0464 -0.0194 33  VAL A N   
243 C CA  . VAL A 33 ? 0.2236 0.3393 0.2090 0.0572  -0.0206 -0.0254 33  VAL A CA  
244 C C   . VAL A 33 ? 0.2260 0.2370 0.2209 0.0434  -0.0122 -0.0458 33  VAL A C   
245 O O   . VAL A 33 ? 0.2519 0.2304 0.2261 0.0397  0.0010  -0.0347 33  VAL A O   
246 C CB  . VAL A 33 ? 0.2529 0.3767 0.2067 0.0523  -0.0231 -0.0011 33  VAL A CB  
247 C CG1 . VAL A 33 ? 0.3376 0.4211 0.2277 0.0387  -0.0200 0.0190  33  VAL A CG1 
248 C CG2 . VAL A 33 ? 0.2242 0.3632 0.1891 0.0498  -0.0136 -0.0012 33  VAL A CG2 
249 N N   . SER A 34 ? 0.2393 0.2584 0.2296 0.0814  -0.0243 -0.0603 34  SER A N   
250 C CA  . SER A 34 ? 0.2365 0.2074 0.2605 0.0149  -0.0390 -0.0646 34  SER A CA  
251 C C   . SER A 34 ? 0.2395 0.1500 0.2459 0.0402  -0.0236 -0.0563 34  SER A C   
252 O O   . SER A 34 ? 0.2381 0.1583 0.2481 0.0374  -0.0426 -0.0285 34  SER A O   
253 C CB  . SER A 34 ? 0.2054 0.2209 0.2969 0.0177  -0.0371 -0.0950 34  SER A CB  
254 O OG  . SER A 34 ? 0.2539 0.2676 0.3465 -0.0050 -0.0290 -0.0684 34  SER A OG  
255 N N   . ALA A 35 ? 0.2381 0.1698 0.2415 0.0438  -0.0228 -0.0454 35  ALA A N   
256 C CA  . ALA A 35 ? 0.2356 0.1549 0.2242 0.0610  -0.0287 -0.0502 35  ALA A CA  
257 C C   . ALA A 35 ? 0.2413 0.1073 0.2168 0.0287  -0.0258 -0.0469 35  ALA A C   
258 O O   . ALA A 35 ? 0.2226 0.1169 0.2343 0.0254  0.0002  -0.0353 35  ALA A O   
259 C CB  . ALA A 35 ? 0.2543 0.1945 0.2122 0.0743  0.0000  -0.0593 35  ALA A CB  
260 N N   . GLY A 36 ? 0.2113 0.0986 0.2034 0.0278  -0.0283 -0.0419 36  GLY A N   
261 C CA  . GLY A 36 ? 0.2346 0.1280 0.2149 0.0434  -0.0301 -0.0152 36  GLY A CA  
262 C C   . GLY A 36 ? 0.2337 0.1230 0.2202 0.0317  -0.0323 -0.0404 36  GLY A C   
263 O O   . GLY A 36 ? 0.2447 0.1298 0.2349 0.0318  -0.0225 -0.0270 36  GLY A O   
264 N N   . ASP A 37 ? 0.2688 0.1334 0.2289 0.0281  -0.0565 -0.0340 37  ASP A N   
265 C CA  . ASP A 37 ? 0.2969 0.1633 0.2192 0.0391  -0.0804 -0.0407 37  ASP A CA  
266 C C   . ASP A 37 ? 0.3335 0.1386 0.1955 0.0633  -0.0913 -0.0397 37  ASP A C   
267 O O   . ASP A 37 ? 0.3136 0.1562 0.1795 0.0443  -0.0538 -0.0334 37  ASP A O   
268 C CB  . ASP A 37 ? 0.3413 0.3351 0.2375 0.0093  -0.0611 -0.0327 37  ASP A CB  
269 C CG  . ASP A 37 ? 0.3948 0.4653 0.2485 0.0018  -0.0063 -0.0474 37  ASP A CG  
270 O OD1 . ASP A 37 ? 0.4113 0.3606 0.2679 0.0021  -0.0002 -0.0724 37  ASP A OD1 
271 O OD2 . ASP A 37 ? 0.4281 0.5943 0.2339 -0.0067 0.0154  -0.0638 37  ASP A OD2 
272 N N   . LEU A 38 ? 0.4523 0.1402 0.2145 0.0413  -0.0988 -0.0234 38  LEU A N   
273 C CA  . LEU A 38 ? 0.4781 0.1984 0.2429 0.0552  -0.0745 -0.0119 38  LEU A CA  
274 C C   . LEU A 38 ? 0.4458 0.2163 0.2918 0.0119  -0.1294 0.0099  38  LEU A C   
275 O O   . LEU A 38 ? 0.4961 0.2318 0.3495 -0.0224 -0.1591 0.0226  38  LEU A O   
276 C CB  . LEU A 38 ? 0.5536 0.3441 0.2217 0.0283  -0.0235 -0.0302 38  LEU A CB  
277 C CG  . LEU A 38 ? 0.5727 0.4101 0.2043 0.0431  0.0056  -0.0781 38  LEU A CG  
278 C CD1 . LEU A 38 ? 0.6062 0.4581 0.1850 0.0145  0.0080  -0.1002 38  LEU A CD1 
279 C CD2 . LEU A 38 ? 0.5709 0.4230 0.2169 0.0679  0.0143  -0.0728 38  LEU A CD2 
280 N N   . VAL A 39 ? 0.3615 0.1281 0.2799 -0.0042 -0.1216 0.0261  39  VAL A N   
281 C CA  . VAL A 39 ? 0.2973 0.1724 0.2512 -0.0442 -0.0790 0.0325  39  VAL A CA  
282 C C   . VAL A 39 ? 0.2109 0.1479 0.2154 0.0059  -0.0419 0.0177  39  VAL A C   
283 O O   . VAL A 39 ? 0.2276 0.1893 0.1981 0.0387  0.0005  0.0214  39  VAL A O   
284 C CB  . VAL A 39 ? 0.2987 0.2303 0.2685 -0.0800 -0.0176 0.0838  39  VAL A CB  
285 C CG1 . VAL A 39 ? 0.3347 0.2931 0.2856 -0.1159 -0.0162 0.1118  39  VAL A CG1 
286 C CG2 . VAL A 39 ? 0.2905 0.1666 0.2449 -0.0404 0.0049  0.0416  39  VAL A CG2 
287 N N   . GLU A 40 ? 0.2276 0.1714 0.2253 0.0126  -0.0218 0.0173  40  GLU A N   
288 C CA  . GLU A 40 ? 0.2376 0.1560 0.2240 0.0212  -0.0182 0.0127  40  GLU A CA  
289 C C   . GLU A 40 ? 0.2126 0.1664 0.2160 -0.0020 -0.0082 0.0117  40  GLU A C   
290 O O   . GLU A 40 ? 0.2008 0.2099 0.2115 -0.0094 0.0107  0.0075  40  GLU A O   
291 C CB  . GLU A 40 ? 0.2788 0.1760 0.2283 -0.0352 -0.0422 0.0109  40  GLU A CB  
292 C CG  . GLU A 40 ? 0.3821 0.2982 0.2638 -0.0836 -0.0499 0.0678  40  GLU A CG  
293 C CD  . GLU A 40 ? 0.5008 0.4661 0.2973 -0.1216 -0.0754 0.0965  40  GLU A CD  
294 O OE1 . GLU A 40 ? 0.5505 0.5503 0.3197 -0.1161 -0.0963 0.1020  40  GLU A OE1 
295 O OE2 . GLU A 40 ? 0.5797 0.5635 0.3242 -0.1201 -0.0733 0.1104  40  GLU A OE2 
296 N N   . ILE A 41 ? 0.1950 0.1333 0.2321 -0.0131 -0.0016 0.0066  41  ILE A N   
297 C CA  . ILE A 41 ? 0.2047 0.1281 0.2566 -0.0075 0.0121  0.0293  41  ILE A CA  
298 C C   . ILE A 41 ? 0.2330 0.1344 0.2932 -0.0183 0.0205  0.0241  41  ILE A C   
299 O O   . ILE A 41 ? 0.2383 0.1619 0.2663 -0.0248 0.0418  0.0258  41  ILE A O   
300 C CB  . ILE A 41 ? 0.2105 0.1646 0.2497 -0.0076 -0.0134 0.0335  41  ILE A CB  
301 C CG1 . ILE A 41 ? 0.2655 0.2117 0.2590 0.0058  -0.0353 0.0525  41  ILE A CG1 
302 C CG2 . ILE A 41 ? 0.2438 0.1961 0.2539 -0.0164 -0.0147 0.0406  41  ILE A CG2 
303 C CD1 . ILE A 41 ? 0.2922 0.3210 0.2793 0.0272  -0.0542 0.0834  41  ILE A CD1 
304 N N   . LYS A 42 ? 0.3043 0.1445 0.3771 0.0277  0.0476  0.0156  42  LYS A N   
305 C CA  . LYS A 42 ? 0.3910 0.2191 0.4998 0.0404  0.0120  0.0318  42  LYS A CA  
306 C C   . LYS A 42 ? 0.3607 0.2323 0.5941 0.0238  -0.0204 0.0430  42  LYS A C   
307 O O   . LYS A 42 ? 0.3642 0.2037 0.5733 -0.0293 -0.0191 0.0258  42  LYS A O   
308 C CB  . LYS A 42 ? 0.5642 0.3913 0.5383 0.0190  -0.0171 0.0423  42  LYS A CB  
309 C CG  . LYS A 42 ? 0.7112 0.5547 0.5893 -0.0117 -0.0346 0.0528  42  LYS A CG  
310 C CD  . LYS A 42 ? 0.8109 0.7023 0.6280 -0.0369 -0.0489 0.0559  42  LYS A CD  
311 C CE  . LYS A 42 ? 0.8857 0.8087 0.6515 -0.0387 -0.0590 0.0653  42  LYS A CE  
312 N NZ  . LYS A 42 ? 0.9088 0.8628 0.7053 -0.0393 -0.0596 0.0567  42  LYS A NZ  
313 N N   . GLY A 43 ? 0.3790 0.2472 0.7235 0.0470  -0.0546 0.0786  43  GLY A N   
314 C CA  . GLY A 43 ? 0.4907 0.3742 0.8546 0.0367  -0.0751 0.1046  43  GLY A CA  
315 C C   . GLY A 43 ? 0.6700 0.5960 0.9841 0.0304  -0.0860 0.1400  43  GLY A C   
316 O O   . GLY A 43 ? 0.5665 0.5245 0.9755 0.0184  -0.0826 0.1266  43  GLY A O   
323 N N   . LYS A 45 ? 1.0666 0.9105 1.2244 -0.0113 0.0660  0.1750  45  LYS A N   
324 C CA  . LYS A 45 ? 0.7685 0.5885 0.9520 -0.0331 0.0536  0.1741  45  LYS A CA  
325 C C   . LYS A 45 ? 0.6251 0.4433 0.7857 -0.0124 0.0414  0.2019  45  LYS A C   
326 O O   . LYS A 45 ? 0.6014 0.4151 0.7765 -0.0228 0.0444  0.2192  45  LYS A O   
327 C CB  . LYS A 45 ? 0.6762 0.4952 0.8528 -0.0927 0.0575  0.1636  45  LYS A CB  
328 C CG  . LYS A 45 ? 0.6271 0.4485 0.7719 -0.1533 0.0526  0.1666  45  LYS A CG  
329 C CD  . LYS A 45 ? 0.6569 0.4412 0.7082 -0.1560 0.0372  0.1728  45  LYS A CD  
330 C CE  . LYS A 45 ? 0.6386 0.3667 0.6660 -0.1910 0.0527  0.1838  45  LYS A CE  
331 N NZ  . LYS A 45 ? 0.6258 0.4060 0.6525 -0.2089 0.0572  0.1905  45  LYS A NZ  
332 N N   . THR A 46 ? 0.5369 0.3642 0.6351 0.0094  0.0379  0.2030  46  THR A N   
333 C CA  . THR A 46 ? 0.4903 0.3939 0.5047 0.0169  0.0321  0.1947  46  THR A CA  
334 C C   . THR A 46 ? 0.4045 0.3469 0.4118 -0.0259 0.0400  0.1683  46  THR A C   
335 O O   . THR A 46 ? 0.3330 0.3097 0.3941 -0.0448 0.0509  0.1719  46  THR A O   
336 C CB  . THR A 46 ? 0.5457 0.5048 0.4857 0.0391  0.0176  0.1981  46  THR A CB  
337 O OG1 . THR A 46 ? 0.5721 0.5731 0.4827 0.0559  0.0247  0.1916  46  THR A OG1 
338 C CG2 . THR A 46 ? 0.5631 0.5410 0.4698 0.0293  0.0147  0.1865  46  THR A CG2 
339 N N   . PRO A 47 ? 0.4121 0.3409 0.3521 -0.0537 0.0284  0.1350  47  PRO A N   
340 C CA  . PRO A 47 ? 0.3916 0.2986 0.3149 -0.0429 0.0375  0.1005  47  PRO A CA  
341 C C   . PRO A 47 ? 0.3379 0.2850 0.2730 -0.0142 0.0802  0.0765  47  PRO A C   
342 O O   . PRO A 47 ? 0.3736 0.3721 0.2495 0.0209  0.1181  0.0643  47  PRO A O   
343 C CB  . PRO A 47 ? 0.4334 0.3162 0.3329 -0.0788 -0.0008 0.0874  47  PRO A CB  
344 C CG  . PRO A 47 ? 0.4779 0.3789 0.3526 -0.0680 -0.0139 0.1109  47  PRO A CG  
345 C CD  . PRO A 47 ? 0.4565 0.3831 0.3506 -0.0698 -0.0140 0.1128  47  PRO A CD  
346 N N   . MET A 48 ? 0.2827 0.1900 0.2684 -0.0042 0.0816  0.0516  48  MET A N   
347 C CA  . MET A 48 ? 0.2929 0.1841 0.2780 -0.0215 0.0645  0.0169  48  MET A CA  
348 C C   . MET A 48 ? 0.2712 0.2054 0.2606 -0.0026 0.0578  0.0291  48  MET A C   
349 O O   . MET A 48 ? 0.2525 0.2213 0.2986 0.0301  0.0769  0.0553  48  MET A O   
350 C CB  . MET A 48 ? 0.3420 0.2967 0.3208 -0.0206 0.0330  0.0011  48  MET A CB  
351 C CG  . MET A 48 ? 0.3936 0.3348 0.3429 -0.0482 0.0198  -0.0469 48  MET A CG  
352 S SD  . MET A 48 ? 0.3561 0.3080 0.3537 -0.0242 0.0509  -0.1102 48  MET A SD  
353 C CE  . MET A 48 ? 0.3441 0.3559 0.3850 0.0008  0.0575  -0.0661 48  MET A CE  
354 N N   . LYS A 49 ? 0.2446 0.1663 0.2180 -0.0047 0.0472  0.0033  49  LYS A N   
355 C CA  . LYS A 49 ? 0.2564 0.1750 0.2114 0.0028  0.0426  0.0356  49  LYS A CA  
356 C C   . LYS A 49 ? 0.1995 0.2374 0.2145 0.0522  0.0668  0.0465  49  LYS A C   
357 O O   . LYS A 49 ? 0.2081 0.2905 0.2337 0.0589  0.0593  0.0681  49  LYS A O   
358 C CB  . LYS A 49 ? 0.3438 0.2207 0.2157 -0.0361 0.0074  0.0355  49  LYS A CB  
359 C CG  . LYS A 49 ? 0.4286 0.2800 0.2310 -0.0684 -0.0525 0.0163  49  LYS A CG  
360 C CD  . LYS A 49 ? 0.4817 0.4095 0.2556 -0.0483 -0.0653 0.0109  49  LYS A CD  
361 C CE  . LYS A 49 ? 0.5153 0.5108 0.2614 -0.0332 -0.0791 -0.0026 49  LYS A CE  
362 N NZ  . LYS A 49 ? 0.5657 0.6019 0.2733 -0.0197 -0.0669 -0.0013 49  LYS A NZ  
363 N N   . LEU A 50 ? 0.2087 0.1980 0.1924 0.0336  0.0642  0.0354  50  LEU A N   
364 C CA  . LEU A 50 ? 0.1779 0.2036 0.1957 0.0202  0.0280  0.0199  50  LEU A CA  
365 C C   . LEU A 50 ? 0.1715 0.1681 0.1777 0.0222  0.0286  0.0084  50  LEU A C   
366 O O   . LEU A 50 ? 0.2188 0.1288 0.1700 -0.0053 0.0046  0.0097  50  LEU A O   
367 C CB  . LEU A 50 ? 0.2087 0.1792 0.2183 -0.0142 0.0249  -0.0026 50  LEU A CB  
368 C CG  . LEU A 50 ? 0.1945 0.1956 0.2545 0.0022  0.0366  0.0052  50  LEU A CG  
369 C CD1 . LEU A 50 ? 0.3002 0.2627 0.2669 -0.0424 0.0282  0.0181  50  LEU A CD1 
370 C CD2 . LEU A 50 ? 0.2580 0.2857 0.2816 -0.0206 0.0074  0.0162  50  LEU A CD2 
371 N N   . ARG A 51 ? 0.1843 0.1865 0.1778 0.0379  0.0515  0.0165  51  ARG A N   
372 C CA  . ARG A 51 ? 0.2119 0.1669 0.1692 0.0443  0.0678  -0.0166 51  ARG A CA  
373 C C   . ARG A 51 ? 0.1832 0.1375 0.1569 0.0073  0.0452  -0.0044 51  ARG A C   
374 O O   . ARG A 51 ? 0.1727 0.1385 0.1615 -0.0118 0.0317  -0.0020 51  ARG A O   
375 C CB  . ARG A 51 ? 0.3013 0.2731 0.2177 0.1083  0.0991  -0.0299 51  ARG A CB  
376 C CG  . ARG A 51 ? 0.3913 0.3522 0.2874 0.1181  0.1117  -0.0475 51  ARG A CG  
377 C CD  . ARG A 51 ? 0.4731 0.3973 0.3544 0.0994  0.1166  -0.0840 51  ARG A CD  
378 N NE  . ARG A 51 ? 0.5830 0.4846 0.4304 0.1132  0.1003  -0.0998 51  ARG A NE  
379 C CZ  . ARG A 51 ? 0.6805 0.6207 0.5036 0.1125  0.1127  -0.1100 51  ARG A CZ  
380 N NH1 . ARG A 51 ? 0.7001 0.6478 0.5731 0.1088  0.1238  -0.1318 51  ARG A NH1 
381 N NH2 . ARG A 51 ? 0.7325 0.6782 0.5080 0.0973  0.1170  -0.1123 51  ARG A NH2 
382 N N   . VAL A 52 ? 0.1703 0.1076 0.1547 0.0137  0.0279  -0.0072 52  VAL A N   
383 C CA  . VAL A 52 ? 0.1384 0.1330 0.1596 0.0099  0.0215  -0.0028 52  VAL A CA  
384 C C   . VAL A 52 ? 0.2015 0.0799 0.1512 -0.0224 -0.0131 -0.0319 52  VAL A C   
385 O O   . VAL A 52 ? 0.3610 0.1147 0.1647 -0.0270 -0.0527 -0.0231 52  VAL A O   
386 C CB  . VAL A 52 ? 0.1554 0.1932 0.1971 -0.0023 0.0253  0.0130  52  VAL A CB  
387 C CG1 . VAL A 52 ? 0.2465 0.2367 0.2106 -0.0030 0.0103  0.0101  52  VAL A CG1 
388 C CG2 . VAL A 52 ? 0.1878 0.2124 0.2178 0.0281  0.0511  0.0231  52  VAL A CG2 
389 N N   . MET A 53 ? 0.1796 0.0921 0.1299 -0.0178 0.0139  -0.0300 53  MET A N   
390 C CA  . MET A 53 ? 0.1387 0.1086 0.1343 0.0102  0.0284  -0.0151 53  MET A CA  
391 C C   . MET A 53 ? 0.1617 0.0741 0.1356 -0.0057 0.0161  0.0037  53  MET A C   
392 O O   . MET A 53 ? 0.1662 0.0860 0.1413 0.0046  0.0225  -0.0024 53  MET A O   
393 C CB  . MET A 53 ? 0.1448 0.1508 0.1584 0.0202  0.0425  -0.0127 53  MET A CB  
394 C CG  . MET A 53 ? 0.1844 0.1125 0.1963 0.0073  0.0525  -0.0139 53  MET A CG  
395 S SD  . MET A 53 ? 0.2530 0.1305 0.2295 -0.0066 0.0857  -0.0221 53  MET A SD  
396 C CE  . MET A 53 ? 0.2823 0.1859 0.2128 -0.0298 0.0797  -0.0360 53  MET A CE  
397 N N   . GLU A 54 ? 0.1415 0.0857 0.1403 0.0176  0.0233  0.0092  54  GLU A N   
398 C CA  . GLU A 54 ? 0.1622 0.0787 0.1346 0.0026  0.0235  -0.0004 54  GLU A CA  
399 C C   . GLU A 54 ? 0.0962 0.0901 0.1391 0.0176  -0.0006 -0.0036 54  GLU A C   
400 O O   . GLU A 54 ? 0.1064 0.1194 0.1521 0.0125  0.0079  -0.0092 54  GLU A O   
401 C CB  . GLU A 54 ? 0.1874 0.0682 0.1475 0.0146  0.0248  -0.0046 54  GLU A CB  
402 C CG  . GLU A 54 ? 0.1703 0.0954 0.1639 -0.0145 0.0328  -0.0033 54  GLU A CG  
403 C CD  . GLU A 54 ? 0.1815 0.0987 0.1902 -0.0007 0.0348  0.0075  54  GLU A CD  
404 O OE1 . GLU A 54 ? 0.1822 0.0847 0.1842 0.0186  0.0409  -0.0086 54  GLU A OE1 
405 O OE2 . GLU A 54 ? 0.2121 0.1192 0.2021 0.0043  0.0680  -0.0016 54  GLU A OE2 
406 N N   . ALA A 55 ? 0.1147 0.1051 0.1233 0.0149  0.0111  -0.0062 55  ALA A N   
407 C CA  . ALA A 55 ? 0.1381 0.0929 0.1295 0.0046  -0.0029 -0.0072 55  ALA A CA  
408 C C   . ALA A 55 ? 0.1176 0.0971 0.1456 0.0016  -0.0083 0.0073  55  ALA A C   
409 O O   . ALA A 55 ? 0.1385 0.1043 0.1645 -0.0029 -0.0137 0.0081  55  ALA A O   
410 C CB  . ALA A 55 ? 0.1244 0.1119 0.1526 0.0295  0.0206  -0.0048 55  ALA A CB  
411 N N   . TYR A 56 ? 0.1141 0.1091 0.1343 0.0064  -0.0162 -0.0172 56  TYR A N   
412 C CA  . TYR A 56 ? 0.1192 0.1394 0.1591 0.0217  -0.0160 -0.0116 56  TYR A CA  
413 C C   . TYR A 56 ? 0.1466 0.1287 0.1714 0.0138  0.0025  0.0064  56  TYR A C   
414 O O   . TYR A 56 ? 0.1374 0.1189 0.1593 -0.0012 -0.0050 -0.0098 56  TYR A O   
415 C CB  . TYR A 56 ? 0.1247 0.1674 0.1663 -0.0157 -0.0300 -0.0021 56  TYR A CB  
416 C CG  . TYR A 56 ? 0.1274 0.1410 0.1740 -0.0047 -0.0245 0.0114  56  TYR A CG  
417 C CD1 . TYR A 56 ? 0.1258 0.1155 0.1844 -0.0090 -0.0259 0.0136  56  TYR A CD1 
418 C CD2 . TYR A 56 ? 0.1138 0.1584 0.1661 -0.0033 -0.0220 0.0195  56  TYR A CD2 
419 C CE1 . TYR A 56 ? 0.1182 0.1577 0.2028 0.0019  -0.0050 0.0224  56  TYR A CE1 
420 C CE2 . TYR A 56 ? 0.1112 0.1598 0.1766 0.0133  -0.0245 0.0142  56  TYR A CE2 
421 C CZ  . TYR A 56 ? 0.1077 0.1606 0.2067 0.0076  -0.0103 0.0226  56  TYR A CZ  
422 O OH  . TYR A 56 ? 0.1257 0.1714 0.2224 0.0019  -0.0027 0.0065  56  TYR A OH  
423 N N   . PRO A 57 ? 0.1520 0.1172 0.1653 0.0065  -0.0001 0.0131  57  PRO A N   
424 C CA  . PRO A 57 ? 0.1622 0.1714 0.1565 0.0105  0.0022  0.0201  57  PRO A CA  
425 C C   . PRO A 57 ? 0.1662 0.1626 0.1562 0.0098  0.0146  0.0133  57  PRO A C   
426 O O   . PRO A 57 ? 0.1816 0.1934 0.1641 0.0019  0.0246  0.0168  57  PRO A O   
427 C CB  . PRO A 57 ? 0.1955 0.1483 0.1597 -0.0011 0.0228  0.0247  57  PRO A CB  
428 C CG  . PRO A 57 ? 0.1957 0.1982 0.1744 -0.0197 0.0154  0.0427  57  PRO A CG  
429 C CD  . PRO A 57 ? 0.1538 0.1524 0.1710 -0.0089 0.0078  0.0333  57  PRO A CD  
430 N N   . GLU A 58 ? 0.1881 0.1500 0.1594 -0.0103 -0.0139 -0.0044 58  GLU A N   
431 C CA  . GLU A 58 ? 0.2297 0.1655 0.1983 0.0062  -0.0201 -0.0204 58  GLU A CA  
432 C C   . GLU A 58 ? 0.1998 0.1175 0.1855 0.0212  0.0057  -0.0161 58  GLU A C   
433 O O   . GLU A 58 ? 0.2980 0.1685 0.1773 0.0153  0.0165  -0.0335 58  GLU A O   
434 C CB  . GLU A 58 ? 0.3048 0.2424 0.2690 0.0148  -0.0671 -0.0504 58  GLU A CB  
435 C CG  . GLU A 58 ? 0.3489 0.3899 0.3440 0.0574  -0.1003 -0.0275 58  GLU A CG  
436 C CD  . GLU A 58 ? 0.3702 0.5077 0.4012 0.0970  -0.1213 -0.0288 58  GLU A CD  
437 O OE1 . GLU A 58 ? 0.2708 0.3281 0.4344 0.1284  -0.1193 -0.1118 58  GLU A OE1 
438 O OE2 . GLU A 58 ? 0.4152 0.6206 0.4394 0.0981  -0.1375 0.0024  58  GLU A OE2 
439 N N   . ASP A 59 ? 0.1416 0.1340 0.1646 -0.0017 0.0319  -0.0110 59  ASP A N   
440 C CA  . ASP A 59 ? 0.1477 0.1239 0.1637 -0.0006 0.0196  -0.0048 59  ASP A CA  
441 C C   . ASP A 59 ? 0.1253 0.1079 0.1647 0.0102  0.0215  -0.0092 59  ASP A C   
442 O O   . ASP A 59 ? 0.1480 0.1473 0.1989 0.0059  0.0063  0.0287  59  ASP A O   
443 C CB  . ASP A 59 ? 0.1182 0.1427 0.1608 0.0126  0.0343  -0.0052 59  ASP A CB  
444 C CG  . ASP A 59 ? 0.1439 0.1216 0.1735 0.0196  0.0155  -0.0138 59  ASP A CG  
445 O OD1 . ASP A 59 ? 0.1344 0.1254 0.1638 0.0066  0.0181  -0.0098 59  ASP A OD1 
446 O OD2 . ASP A 59 ? 0.1662 0.1400 0.1940 -0.0004 0.0348  -0.0165 59  ASP A OD2 
447 N N   . VAL A 60 ? 0.1262 0.1294 0.1599 -0.0184 0.0202  -0.0160 60  VAL A N   
448 C CA  . VAL A 60 ? 0.1460 0.1060 0.1825 0.0012  0.0267  -0.0043 60  VAL A CA  
449 C C   . VAL A 60 ? 0.1507 0.1229 0.1919 0.0096  0.0551  -0.0034 60  VAL A C   
450 O O   . VAL A 60 ? 0.1895 0.1543 0.2032 0.0220  0.0708  -0.0132 60  VAL A O   
451 C CB  . VAL A 60 ? 0.1307 0.1109 0.1913 -0.0063 0.0156  -0.0053 60  VAL A CB  
452 C CG1 . VAL A 60 ? 0.1283 0.1561 0.2207 -0.0113 0.0045  0.0162  60  VAL A CG1 
453 C CG2 . VAL A 60 ? 0.1552 0.1029 0.1920 0.0146  -0.0127 -0.0255 60  VAL A CG2 
454 N N   . GLY A 61 ? 0.1350 0.1206 0.1994 0.0401  0.0458  0.0133  61  GLY A N   
455 C CA  . GLY A 61 ? 0.1875 0.1453 0.2198 0.0234  0.0265  0.0180  61  GLY A CA  
456 C C   . GLY A 61 ? 0.1899 0.1539 0.2287 0.0671  0.0190  -0.0019 61  GLY A C   
457 O O   . GLY A 61 ? 0.2110 0.2212 0.2605 0.0553  0.0401  -0.0121 61  GLY A O   
458 N N   . LYS A 62 ? 0.2139 0.1186 0.2078 0.0257  0.0508  -0.0071 62  LYS A N   
459 C CA  . LYS A 62 ? 0.2354 0.1122 0.2112 0.0335  0.0627  -0.0054 62  LYS A CA  
460 C C   . LYS A 62 ? 0.2686 0.0926 0.2076 0.0194  0.0809  -0.0100 62  LYS A C   
461 O O   . LYS A 62 ? 0.2984 0.1336 0.2159 0.0252  0.0634  -0.0212 62  LYS A O   
462 C CB  . LYS A 62 ? 0.2302 0.1811 0.2249 0.0545  0.0368  -0.0075 62  LYS A CB  
463 C CG  . LYS A 62 ? 0.2405 0.2936 0.2482 0.0446  0.0312  0.0045  62  LYS A CG  
464 C CD  . LYS A 62 ? 0.3048 0.3828 0.2554 -0.0006 0.0258  0.0289  62  LYS A CD  
465 C CE  . LYS A 62 ? 0.3423 0.3609 0.2562 -0.0214 0.0148  0.0278  62  LYS A CE  
466 N NZ  . LYS A 62 ? 0.3602 0.2899 0.2520 -0.0289 0.0234  -0.0020 62  LYS A NZ  
467 N N   . GLY A 63 ? 0.2384 0.1140 0.1967 0.0267  0.0851  0.0119  63  GLY A N   
468 C CA  . GLY A 63 ? 0.1903 0.1570 0.2075 0.0461  0.0786  0.0310  63  GLY A CA  
469 C C   . GLY A 63 ? 0.1923 0.0969 0.1932 0.0220  0.0475  0.0084  63  GLY A C   
470 O O   . GLY A 63 ? 0.1672 0.1123 0.2004 0.0274  0.0425  0.0170  63  GLY A O   
471 N N   . ILE A 64 ? 0.1705 0.1066 0.1804 0.0435  0.0272  0.0035  64  ILE A N   
472 C CA  . ILE A 64 ? 0.1554 0.1025 0.1811 0.0270  0.0037  -0.0143 64  ILE A CA  
473 C C   . ILE A 64 ? 0.1469 0.0942 0.1828 0.0312  -0.0033 -0.0273 64  ILE A C   
474 O O   . ILE A 64 ? 0.1460 0.1104 0.2031 0.0219  -0.0107 -0.0214 64  ILE A O   
475 C CB  . ILE A 64 ? 0.1908 0.1219 0.1875 0.0138  -0.0143 -0.0144 64  ILE A CB  
476 C CG1 . ILE A 64 ? 0.2117 0.1105 0.2052 0.0118  -0.0388 0.0058  64  ILE A CG1 
477 C CG2 . ILE A 64 ? 0.1952 0.1448 0.1817 0.0207  0.0193  -0.0247 64  ILE A CG2 
478 C CD1 . ILE A 64 ? 0.2115 0.1176 0.2179 0.0070  -0.0284 0.0193  64  ILE A CD1 
479 N N   . VAL A 65 ? 0.1263 0.1001 0.1715 0.0305  -0.0068 -0.0299 65  VAL A N   
480 C CA  . VAL A 65 ? 0.1318 0.1124 0.1659 0.0391  0.0017  -0.0493 65  VAL A CA  
481 C C   . VAL A 65 ? 0.1303 0.0917 0.1795 0.0177  -0.0105 -0.0414 65  VAL A C   
482 O O   . VAL A 65 ? 0.1459 0.1168 0.2351 0.0087  -0.0218 -0.0312 65  VAL A O   
483 C CB  . VAL A 65 ? 0.1628 0.1163 0.1637 0.0198  0.0012  -0.0520 65  VAL A CB  
484 C CG1 . VAL A 65 ? 0.1825 0.1241 0.1776 0.0067  0.0106  -0.0286 65  VAL A CG1 
485 C CG2 . VAL A 65 ? 0.1853 0.1680 0.1740 0.0431  0.0035  -0.0426 65  VAL A CG2 
486 N N   . ARG A 66 ? 0.0988 0.1051 0.1523 0.0253  0.0033  -0.0154 66  ARG A N   
487 C CA  . ARG A 66 ? 0.1211 0.0932 0.1333 -0.0005 0.0026  -0.0075 66  ARG A CA  
488 C C   . ARG A 66 ? 0.1084 0.0830 0.1351 -0.0030 0.0033  -0.0039 66  ARG A C   
489 O O   . ARG A 66 ? 0.1296 0.0919 0.1247 -0.0003 0.0193  -0.0065 66  ARG A O   
490 C CB  . ARG A 66 ? 0.1121 0.1295 0.1242 0.0178  -0.0006 0.0009  66  ARG A CB  
491 C CG  . ARG A 66 ? 0.1361 0.1267 0.1259 0.0169  -0.0088 -0.0148 66  ARG A CG  
492 C CD  . ARG A 66 ? 0.1298 0.1164 0.1331 0.0192  0.0081  -0.0079 66  ARG A CD  
493 N NE  . ARG A 66 ? 0.1428 0.0965 0.1399 0.0025  0.0107  -0.0142 66  ARG A NE  
494 C CZ  . ARG A 66 ? 0.1552 0.1154 0.1597 0.0093  0.0290  -0.0051 66  ARG A CZ  
495 N NH1 . ARG A 66 ? 0.1793 0.1122 0.1814 -0.0237 0.0168  0.0045  66  ARG A NH1 
496 N NH2 . ARG A 66 ? 0.1820 0.1627 0.1412 -0.0071 0.0304  -0.0265 66  ARG A NH2 
497 N N   . MET A 67 ? 0.1182 0.0954 0.1489 0.0085  0.0148  0.0060  67  MET A N   
498 C CA  . MET A 67 ? 0.1182 0.1432 0.1499 -0.0046 0.0187  0.0083  67  MET A CA  
499 C C   . MET A 67 ? 0.1493 0.0993 0.1609 -0.0045 0.0321  -0.0013 67  MET A C   
500 O O   . MET A 67 ? 0.1354 0.1159 0.1720 0.0000  0.0232  -0.0059 67  MET A O   
501 C CB  . MET A 67 ? 0.1745 0.2048 0.1925 0.0122  -0.0083 0.0517  67  MET A CB  
502 C CG  . MET A 67 ? 0.1957 0.1974 0.2318 -0.0208 -0.0596 0.0687  67  MET A CG  
503 S SD  . MET A 67 ? 0.2133 0.1978 0.2478 -0.0044 -0.0280 0.0785  67  MET A SD  
504 C CE  . MET A 67 ? 0.1982 0.2003 0.2577 -0.0117 -0.0277 0.0635  67  MET A CE  
505 N N   . ASP A 68 ? 0.1143 0.1064 0.1682 0.0012  0.0096  0.0120  68  ASP A N   
506 C CA  . ASP A 68 ? 0.1282 0.1047 0.1784 -0.0095 0.0119  0.0104  68  ASP A CA  
507 C C   . ASP A 68 ? 0.1399 0.1290 0.1687 -0.0113 0.0203  0.0035  68  ASP A C   
508 O O   . ASP A 68 ? 0.1669 0.1148 0.1615 0.0066  0.0120  0.0174  68  ASP A O   
509 C CB  . ASP A 68 ? 0.1541 0.1360 0.1678 0.0084  0.0304  0.0089  68  ASP A CB  
510 C CG  . ASP A 68 ? 0.1489 0.1512 0.1962 0.0049  0.0060  0.0276  68  ASP A CG  
511 O OD1 . ASP A 68 ? 0.1960 0.1587 0.1983 0.0428  0.0169  0.0108  68  ASP A OD1 
512 O OD2 . ASP A 68 ? 0.1624 0.1340 0.1743 0.0072  0.0199  0.0089  68  ASP A OD2 
513 N N   . LYS A 69 ? 0.1446 0.1262 0.1973 -0.0170 0.0177  0.0151  69  LYS A N   
514 C CA  . LYS A 69 ? 0.1816 0.1359 0.2586 -0.0514 -0.0004 0.0420  69  LYS A CA  
515 C C   . LYS A 69 ? 0.1815 0.1767 0.2304 -0.0291 0.0156  0.0419  69  LYS A C   
516 O O   . LYS A 69 ? 0.1993 0.1390 0.2050 -0.0252 0.0149  0.0381  69  LYS A O   
517 C CB  . LYS A 69 ? 0.2758 0.1521 0.3803 -0.0806 -0.0286 0.0655  69  LYS A CB  
518 C CG  . LYS A 69 ? 0.3778 0.2135 0.5339 -0.1153 -0.0533 0.0754  69  LYS A CG  
519 C CD  . LYS A 69 ? 0.5507 0.3991 0.6868 -0.1660 -0.0716 0.0921  69  LYS A CD  
520 C CE  . LYS A 69 ? 0.7100 0.6235 0.8049 -0.1980 -0.0865 0.1111  69  LYS A CE  
521 N NZ  . LYS A 69 ? 0.7933 0.7354 0.8719 -0.2056 -0.0957 0.1208  69  LYS A NZ  
522 N N   . ALA A 70 ? 0.1707 0.1723 0.2170 -0.0376 0.0265  0.0196  70  ALA A N   
523 C CA  . ALA A 70 ? 0.1828 0.2113 0.2126 -0.0255 0.0316  0.0337  70  ALA A CA  
524 C C   . ALA A 70 ? 0.1723 0.2034 0.1949 -0.0003 0.0422  0.0323  70  ALA A C   
525 O O   . ALA A 70 ? 0.2103 0.2130 0.1950 -0.0259 0.0490  0.0462  70  ALA A O   
526 C CB  . ALA A 70 ? 0.1804 0.2377 0.2374 0.0206  0.0312  0.0486  70  ALA A CB  
527 N N   . SER A 71 ? 0.1492 0.1545 0.1787 -0.0081 0.0372  0.0110  71  SER A N   
528 C CA  . SER A 71 ? 0.1767 0.1364 0.1837 -0.0018 0.0301  0.0188  71  SER A CA  
529 C C   . SER A 71 ? 0.1984 0.1284 0.1670 0.0134  0.0209  0.0245  71  SER A C   
530 O O   . SER A 71 ? 0.2148 0.1504 0.1715 0.0310  0.0166  0.0414  71  SER A O   
531 C CB  . SER A 71 ? 0.1823 0.0930 0.1873 0.0103  0.0477  0.0238  71  SER A CB  
532 O OG  . SER A 71 ? 0.1996 0.1254 0.1815 0.0037  0.0415  0.0104  71  SER A OG  
533 N N   . ARG A 72 ? 0.1989 0.1013 0.1714 -0.0142 0.0188  0.0230  72  ARG A N   
534 C CA  . ARG A 72 ? 0.2290 0.1053 0.1653 0.0008  0.0146  0.0043  72  ARG A CA  
535 C C   . ARG A 72 ? 0.2109 0.1020 0.1875 -0.0035 0.0006  0.0271  72  ARG A C   
536 O O   . ARG A 72 ? 0.2405 0.1377 0.1886 0.0299  0.0033  0.0382  72  ARG A O   
537 C CB  . ARG A 72 ? 0.2237 0.1385 0.1617 -0.0085 0.0183  0.0168  72  ARG A CB  
538 C CG  . ARG A 72 ? 0.2150 0.1378 0.1431 -0.0135 0.0245  -0.0168 72  ARG A CG  
539 C CD  . ARG A 72 ? 0.2371 0.1357 0.1691 0.0141  0.0151  -0.0160 72  ARG A CD  
540 N NE  . ARG A 72 ? 0.2419 0.1391 0.1873 -0.0066 0.0111  -0.0050 72  ARG A NE  
541 C CZ  . ARG A 72 ? 0.2038 0.1454 0.1989 -0.0254 0.0074  -0.0177 72  ARG A CZ  
542 N NH1 . ARG A 72 ? 0.2096 0.1396 0.1899 -0.0357 0.0034  0.0053  72  ARG A NH1 
543 N NH2 . ARG A 72 ? 0.2489 0.1808 0.2211 -0.0495 0.0003  -0.0085 72  ARG A NH2 
544 N N   . GLU A 73 ? 0.1966 0.1325 0.2107 -0.0234 0.0151  0.0369  73  GLU A N   
545 C CA  . GLU A 73 ? 0.2328 0.1627 0.2433 -0.0379 0.0060  0.0780  73  GLU A CA  
546 C C   . GLU A 73 ? 0.2449 0.1654 0.2162 -0.0154 0.0278  0.0706  73  GLU A C   
547 O O   . GLU A 73 ? 0.2695 0.1649 0.2161 -0.0249 0.0183  0.0679  73  GLU A O   
548 C CB  . GLU A 73 ? 0.2615 0.2523 0.2843 -0.0841 -0.0370 0.1085  73  GLU A CB  
549 C CG  . GLU A 73 ? 0.3544 0.3116 0.3224 -0.1549 -0.0677 0.1352  73  GLU A CG  
550 C CD  . GLU A 73 ? 0.4586 0.4502 0.3678 -0.1792 -0.0997 0.1529  73  GLU A CD  
551 O OE1 . GLU A 73 ? 0.4838 0.5506 0.3915 -0.1606 -0.1116 0.1758  73  GLU A OE1 
552 O OE2 . GLU A 73 ? 0.5023 0.4701 0.3831 -0.2150 -0.1181 0.1455  73  GLU A OE2 
553 N N   . LYS A 74 ? 0.2245 0.1778 0.2040 -0.0355 0.0321  0.0489  74  LYS A N   
554 C CA  . LYS A 74 ? 0.2377 0.2430 0.2056 -0.0113 0.0317  0.0297  74  LYS A CA  
555 C C   . LYS A 74 ? 0.2218 0.2291 0.1874 -0.0122 0.0229  0.0343  74  LYS A C   
556 O O   . LYS A 74 ? 0.2464 0.2442 0.1946 0.0229  0.0226  0.0502  74  LYS A O   
557 C CB  . LYS A 74 ? 0.3223 0.2509 0.2438 0.0031  0.0400  0.0130  74  LYS A CB  
558 C CG  . LYS A 74 ? 0.4193 0.3929 0.2837 0.0162  0.0273  0.0247  74  LYS A CG  
559 C CD  . LYS A 74 ? 0.4595 0.5087 0.3131 0.0354  0.0164  0.0239  74  LYS A CD  
560 C CE  . LYS A 74 ? 0.4612 0.6175 0.3399 0.0639  0.0089  0.0267  74  LYS A CE  
561 N NZ  . LYS A 74 ? 0.4777 0.6718 0.3635 0.0604  -0.0003 0.0370  74  LYS A NZ  
562 N N   . LEU A 75 ? 0.2005 0.1908 0.1914 -0.0137 0.0229  0.0197  75  LEU A N   
563 C CA  . LEU A 75 ? 0.2123 0.1963 0.2013 -0.0085 0.0134  0.0619  75  LEU A CA  
564 C C   . LEU A 75 ? 0.2177 0.2107 0.2306 0.0151  -0.0003 0.0712  75  LEU A C   
565 O O   . LEU A 75 ? 0.2344 0.2331 0.2601 0.0181  -0.0187 0.0782  75  LEU A O   
566 C CB  . LEU A 75 ? 0.2532 0.1857 0.1945 -0.0464 0.0156  0.0583  75  LEU A CB  
567 C CG  . LEU A 75 ? 0.2363 0.2122 0.1849 -0.0466 0.0006  0.0393  75  LEU A CG  
568 C CD1 . LEU A 75 ? 0.2160 0.2194 0.1919 -0.0309 0.0184  0.0661  75  LEU A CD1 
569 C CD2 . LEU A 75 ? 0.2589 0.2024 0.1822 -0.0222 0.0055  0.0151  75  LEU A CD2 
570 N N   . GLY A 76 ? 0.2252 0.1747 0.2320 -0.0126 0.0160  0.0594  76  GLY A N   
571 C CA  . GLY A 76 ? 0.2262 0.1923 0.2333 0.0175  0.0401  0.0678  76  GLY A CA  
572 C C   . GLY A 76 ? 0.2503 0.1704 0.2397 0.0402  0.0559  0.0588  76  GLY A C   
573 O O   . GLY A 76 ? 0.2580 0.2074 0.2587 0.0352  0.0460  0.0643  76  GLY A O   
574 N N   . VAL A 77 ? 0.2436 0.1748 0.2327 0.0168  0.0537  0.0755  77  VAL A N   
575 C CA  . VAL A 77 ? 0.2243 0.1910 0.2252 0.0069  0.0687  0.0400  77  VAL A CA  
576 C C   . VAL A 77 ? 0.2089 0.1515 0.2318 0.0126  0.0658  0.0225  77  VAL A C   
577 O O   . VAL A 77 ? 0.2068 0.1601 0.2336 -0.0082 0.0498  0.0032  77  VAL A O   
578 C CB  . VAL A 77 ? 0.2225 0.2419 0.2454 -0.0041 0.0274  0.0547  77  VAL A CB  
579 C CG1 . VAL A 77 ? 0.2156 0.3244 0.2621 0.0072  0.0060  0.0740  77  VAL A CG1 
580 C CG2 . VAL A 77 ? 0.2206 0.1858 0.2574 0.0194  0.0426  0.0730  77  VAL A CG2 
581 N N   . SER A 78 ? 0.2154 0.1294 0.2370 0.0191  0.0667  -0.0015 78  SER A N   
582 C CA  . SER A 78 ? 0.2358 0.1513 0.2332 -0.0144 0.0534  -0.0245 78  SER A CA  
583 C C   . SER A 78 ? 0.2184 0.1450 0.2126 -0.0496 0.0279  -0.0382 78  SER A C   
584 O O   . SER A 78 ? 0.2308 0.1371 0.2113 -0.0142 0.0312  -0.0272 78  SER A O   
585 C CB  . SER A 78 ? 0.3272 0.1744 0.2706 -0.0586 0.0574  -0.0002 78  SER A CB  
586 O OG  . SER A 78 ? 0.4058 0.2585 0.2950 -0.0760 0.0499  0.0185  78  SER A OG  
587 N N   . ALA A 79 ? 0.2298 0.1787 0.2171 -0.0205 0.0145  -0.0223 79  ALA A N   
588 C CA  . ALA A 79 ? 0.1870 0.1899 0.2254 0.0191  -0.0082 0.0046  79  ALA A CA  
589 C C   . ALA A 79 ? 0.2108 0.1280 0.2020 0.0122  -0.0071 -0.0267 79  ALA A C   
590 O O   . ALA A 79 ? 0.2614 0.1423 0.2077 -0.0185 0.0068  -0.0331 79  ALA A O   
591 C CB  . ALA A 79 ? 0.1856 0.2697 0.2463 0.0071  -0.0164 0.0377  79  ALA A CB  
592 N N   . GLY A 80 ? 0.1930 0.1021 0.1931 0.0081  -0.0005 -0.0168 80  GLY A N   
593 C CA  . GLY A 80 ? 0.1920 0.1102 0.1935 0.0152  0.0049  -0.0107 80  GLY A CA  
594 C C   . GLY A 80 ? 0.2001 0.1264 0.1809 0.0212  0.0362  -0.0436 80  GLY A C   
595 O O   . GLY A 80 ? 0.1915 0.1552 0.2114 0.0160  0.0342  -0.0180 80  GLY A O   
596 N N   . ASP A 81 ? 0.2273 0.0728 0.1856 0.0064  0.0212  -0.0370 81  ASP A N   
597 C CA  . ASP A 81 ? 0.2342 0.1150 0.1951 0.0008  -0.0086 -0.0126 81  ASP A CA  
598 C C   . ASP A 81 ? 0.2377 0.0806 0.2035 0.0207  -0.0113 -0.0143 81  ASP A C   
599 O O   . ASP A 81 ? 0.2325 0.0970 0.2171 0.0302  -0.0112 -0.0071 81  ASP A O   
600 C CB  . ASP A 81 ? 0.2230 0.1350 0.2217 0.0356  0.0407  0.0234  81  ASP A CB  
601 C CG  . ASP A 81 ? 0.2649 0.1723 0.2635 0.0299  0.0526  0.0391  81  ASP A CG  
602 O OD1 . ASP A 81 ? 0.2472 0.1800 0.2819 -0.0031 0.0367  0.0255  81  ASP A OD1 
603 O OD2 . ASP A 81 ? 0.2731 0.2050 0.2834 0.0490  0.0715  0.0675  81  ASP A OD2 
604 N N   . LEU A 82 ? 0.2635 0.1005 0.2084 0.0093  -0.0369 -0.0116 82  LEU A N   
605 C CA  . LEU A 82 ? 0.3011 0.1044 0.2195 -0.0226 -0.0439 0.0024  82  LEU A CA  
606 C C   . LEU A 82 ? 0.3734 0.1379 0.2083 -0.0473 -0.0618 0.0004  82  LEU A C   
607 O O   . LEU A 82 ? 0.4416 0.1959 0.2190 -0.0748 -0.0446 0.0009  82  LEU A O   
608 C CB  . LEU A 82 ? 0.2521 0.1620 0.2496 0.0054  -0.0486 0.0327  82  LEU A CB  
609 C CG  . LEU A 82 ? 0.2643 0.1821 0.2315 0.0374  -0.0387 -0.0050 82  LEU A CG  
610 C CD1 . LEU A 82 ? 0.2687 0.2238 0.2462 0.0904  -0.0282 0.0017  82  LEU A CD1 
611 C CD2 . LEU A 82 ? 0.2526 0.1490 0.2183 0.0461  -0.0257 -0.0310 82  LEU A CD2 
612 N N   . VAL A 83 ? 0.3452 0.1322 0.1940 -0.0706 -0.0623 0.0031  83  VAL A N   
613 C CA  . VAL A 83 ? 0.2851 0.1254 0.1846 -0.0491 -0.0411 -0.0139 83  VAL A CA  
614 C C   . VAL A 83 ? 0.2944 0.1208 0.1856 -0.0200 -0.0432 -0.0155 83  VAL A C   
615 O O   . VAL A 83 ? 0.2253 0.1648 0.1845 -0.0260 -0.0286 0.0115  83  VAL A O   
616 C CB  . VAL A 83 ? 0.2930 0.2017 0.2099 -0.0683 -0.0469 -0.0063 83  VAL A CB  
617 C CG1 . VAL A 83 ? 0.3733 0.2809 0.2387 -0.0901 -0.0581 0.0294  83  VAL A CG1 
618 C CG2 . VAL A 83 ? 0.2716 0.2252 0.2136 -0.0498 -0.0526 0.0022  83  VAL A CG2 
619 N N   . GLU A 84 ? 0.2985 0.1506 0.2022 -0.0418 -0.0685 -0.0078 84  GLU A N   
620 C CA  . GLU A 84 ? 0.2810 0.1351 0.2219 0.0126  -0.0742 -0.0035 84  GLU A CA  
621 C C   . GLU A 84 ? 0.2513 0.1160 0.2172 -0.0292 -0.0556 -0.0042 84  GLU A C   
622 O O   . GLU A 84 ? 0.2798 0.1873 0.2351 -0.0148 -0.0176 0.0174  84  GLU A O   
623 C CB  . GLU A 84 ? 0.3350 0.2063 0.2660 0.0531  -0.1325 0.0265  84  GLU A CB  
624 C CG  . GLU A 84 ? 0.4131 0.3297 0.3174 0.0780  -0.1731 0.0534  84  GLU A CG  
625 C CD  . GLU A 84 ? 0.5307 0.4915 0.3562 0.0970  -0.1671 0.0552  84  GLU A CD  
626 O OE1 . GLU A 84 ? 0.6047 0.5650 0.3614 0.0742  -0.1662 0.0366  84  GLU A OE1 
627 O OE2 . GLU A 84 ? 0.5500 0.5266 0.3858 0.0911  -0.1707 0.0451  84  GLU A OE2 
628 N N   . ILE A 85 ? 0.1909 0.1327 0.2133 0.0035  -0.0439 -0.0152 85  ILE A N   
629 C CA  . ILE A 85 ? 0.1635 0.1262 0.2341 -0.0065 -0.0304 -0.0084 85  ILE A CA  
630 C C   . ILE A 85 ? 0.1696 0.1122 0.2540 0.0008  -0.0329 -0.0258 85  ILE A C   
631 O O   . ILE A 85 ? 0.1451 0.1724 0.2318 0.0030  -0.0303 -0.0171 85  ILE A O   
632 C CB  . ILE A 85 ? 0.2082 0.1505 0.2381 0.0039  -0.0176 0.0068  85  ILE A CB  
633 C CG1 . ILE A 85 ? 0.2842 0.2441 0.2392 -0.0001 -0.0180 0.0053  85  ILE A CG1 
634 C CG2 . ILE A 85 ? 0.2258 0.1566 0.2587 0.0155  -0.0083 0.0171  85  ILE A CG2 
635 C CD1 . ILE A 85 ? 0.3368 0.2938 0.2435 -0.0539 0.0009  0.0167  85  ILE A CD1 
636 N N   . LYS A 86 ? 0.2148 0.2062 0.2898 0.0093  -0.0323 -0.0898 86  LYS A N   
637 C CA  . LYS A 86 ? 0.3579 0.3667 0.3515 -0.0392 -0.0474 -0.1201 86  LYS A CA  
638 C C   . LYS A 86 ? 0.4483 0.3644 0.3522 -0.1200 -0.0719 -0.1359 86  LYS A C   
639 O O   . LYS A 86 ? 0.4810 0.3856 0.3697 -0.1042 -0.0719 -0.1047 86  LYS A O   
640 C CB  . LYS A 86 ? 0.4818 0.4662 0.4423 -0.0668 -0.0700 -0.0902 86  LYS A CB  
641 C CG  . LYS A 86 ? 0.6284 0.6231 0.5160 -0.0709 -0.0562 -0.0595 86  LYS A CG  
642 C CD  . LYS A 86 ? 0.7470 0.7133 0.6150 -0.1155 -0.0497 -0.0445 86  LYS A CD  
643 C CE  . LYS A 86 ? 0.8387 0.7558 0.6433 -0.1542 -0.0610 -0.0334 86  LYS A CE  
644 N NZ  . LYS A 86 ? 0.8695 0.7597 0.6653 -0.1776 -0.0710 -0.0329 86  LYS A NZ  
645 N N   . GLY A 87 ? 0.5081 0.4940 0.3615 -0.1005 -0.0479 -0.1278 87  GLY A N   
646 C CA  . GLY A 87 ? 0.5584 0.5984 0.3706 -0.1140 -0.0528 -0.1313 87  GLY A CA  
647 C C   . GLY A 87 ? 0.5947 0.6333 0.3740 -0.1330 -0.0637 -0.1484 87  GLY A C   
648 O O   . GLY A 87 ? 0.6138 0.6716 0.3805 -0.1360 -0.0687 -0.1449 87  GLY A O   
649 C C1  . MPD B .  ? 0.2757 0.2590 0.3369 -0.0409 -0.0202 0.0127  101 MPD A C1  
650 C C2  . MPD B .  ? 0.2032 0.2278 0.3343 0.0035  -0.0038 0.0127  101 MPD A C2  
651 O O2  . MPD B .  ? 0.2980 0.2691 0.3448 0.0161  0.0166  0.0209  101 MPD A O2  
652 C CM  . MPD B .  ? 0.1061 0.2200 0.3343 -0.0248 -0.0302 0.0206  101 MPD A CM  
653 C C3  . MPD B .  ? 0.2293 0.2293 0.3467 -0.0048 -0.0069 0.0437  101 MPD A C3  
654 C C4  . MPD B .  ? 0.2474 0.3130 0.3637 0.0242  -0.0036 0.0604  101 MPD A C4  
655 O O4  . MPD B .  ? 0.3208 0.3873 0.3513 0.0119  -0.0260 0.0499  101 MPD A O4  
656 C C5  . MPD B .  ? 0.3131 0.2859 0.3805 -0.0303 0.0229  0.0674  101 MPD A C5  
657 O O   . HOH C .  ? 0.5659 0.4192 0.4947 -0.1137 0.0119  -0.1875 201 HOH A O   
658 O O   . HOH C .  ? 0.4655 0.6449 0.8225 0.1324  0.2522  -0.1550 202 HOH A O   
659 O O   . HOH C .  ? 0.6295 0.4478 0.8491 -0.0164 -0.0953 0.1333  203 HOH A O   
660 O O   . HOH C .  ? 0.3595 0.3979 0.2956 0.2110  0.0892  0.0592  204 HOH A O   
661 O O   . HOH C .  ? 0.5950 0.4449 0.4309 0.0748  -0.1742 -0.0945 205 HOH A O   
662 O O   . HOH C .  ? 0.9060 0.8386 0.5142 -0.1829 0.1468  0.1264  206 HOH A O   
663 O O   . HOH C .  ? 0.2984 0.4558 0.5159 0.0686  0.0627  0.0932  207 HOH A O   
664 O O   . HOH C .  ? 0.7803 0.4532 0.8197 -0.2514 -0.0853 0.1537  208 HOH A O   
665 O O   . HOH C .  ? 0.9287 0.5656 0.7776 -0.2018 0.0222  -0.0149 209 HOH A O   
666 O O   . HOH C .  ? 0.3829 0.5461 0.4769 -0.0386 -0.0564 -0.1147 210 HOH A O   
667 O O   . HOH C .  ? 0.7433 0.5936 0.4698 0.0292  -0.0946 0.0278  211 HOH A O   
668 O O   . HOH C .  ? 0.5860 0.5744 0.6137 0.0462  0.1419  0.2461  212 HOH A O   
669 O O   . HOH C .  ? 0.8644 0.8154 0.8101 0.0550  -0.2005 0.0791  213 HOH A O   
670 O O   . HOH C .  ? 0.1576 0.1876 0.1925 0.0041  0.0018  0.0020  214 HOH A O   
671 O O   . HOH C .  ? 0.1230 0.1344 0.1526 0.0035  -0.0127 0.0103  215 HOH A O   
672 O O   . HOH C .  ? 0.3070 0.2821 0.2176 0.1164  0.0064  -0.0239 216 HOH A O   
673 O O   . HOH C .  ? 0.3669 0.4708 0.6929 0.1067  0.1114  -0.0744 217 HOH A O   
674 O O   . HOH C .  ? 0.5888 0.4370 0.6312 -0.0467 0.2316  -0.2491 218 HOH A O   
675 O O   . HOH C .  ? 0.4047 0.1558 0.2320 0.0399  -0.0714 -0.0077 219 HOH A O   
676 O O   . HOH C .  ? 0.1744 0.1258 0.2372 0.0445  0.0596  0.0354  220 HOH A O   
677 O O   . HOH C .  ? 0.2967 0.1861 0.3713 0.0748  -0.1202 -0.1002 221 HOH A O   
678 O O   . HOH C .  ? 0.2722 0.1750 0.3417 -0.0310 0.0644  -0.0784 222 HOH A O   
679 O O   . HOH C .  ? 0.2284 0.1354 0.1832 -0.0187 0.0082  0.0149  223 HOH A O   
680 O O   . HOH C .  ? 0.2850 0.1859 0.3102 0.0214  -0.0133 -0.0342 224 HOH A O   
681 O O   . HOH C .  ? 0.5100 0.7046 0.5517 0.0228  0.1945  -0.1223 225 HOH A O   
682 O O   . HOH C .  ? 0.8449 0.4192 0.4104 0.0500  0.1407  0.0309  226 HOH A O   
683 O O   . HOH C .  ? 0.1191 0.1121 0.1556 -0.0066 0.0180  -0.0029 227 HOH A O   
684 O O   . HOH C .  ? 0.7389 0.6502 0.4966 0.1778  -0.1021 -0.1652 228 HOH A O   
685 O O   . HOH C .  ? 0.3489 0.2723 0.3707 -0.0130 -0.0304 0.1047  229 HOH A O   
686 O O   . HOH C .  ? 0.1276 0.1400 0.2318 -0.0051 -0.0232 -0.0153 230 HOH A O   
687 O O   . HOH C .  ? 0.4303 0.1612 0.2649 0.0152  -0.1047 0.0238  231 HOH A O   
688 O O   . HOH C .  ? 0.2161 0.1526 0.1521 -0.0268 0.0232  0.0165  232 HOH A O   
689 O O   . HOH C .  ? 0.2541 0.7191 0.2968 -0.1511 0.0619  -0.1269 233 HOH A O   
690 O O   . HOH C .  ? 0.3598 0.2838 0.3586 -0.0515 0.0701  0.0360  234 HOH A O   
691 O O   . HOH C .  ? 0.2406 0.2073 0.4836 -0.0703 -0.1441 0.1258  235 HOH A O   
692 O O   . HOH C .  ? 0.2688 0.5064 0.3412 -0.0273 0.0935  -0.0379 236 HOH A O   
693 O O   . HOH C .  ? 0.2621 0.1766 0.3421 -0.0275 -0.0110 0.0000  237 HOH A O   
694 O O   . HOH C .  ? 0.4298 0.3163 0.7434 0.0340  -0.1597 0.0781  238 HOH A O   
695 O O   . HOH C .  ? 0.5936 0.4648 0.5321 -0.2399 -0.0746 -0.0215 239 HOH A O   
696 O O   . HOH C .  ? 0.3995 0.5863 0.6347 0.1199  0.0358  -0.0406 240 HOH A O   
697 O O   . HOH C .  ? 0.8871 0.3667 0.6826 -0.0722 0.1910  0.1792  241 HOH A O   
698 O O   . HOH C .  ? 0.7421 0.5104 0.6110 -0.1677 -0.1169 -0.2669 242 HOH A O   
699 O O   . HOH C .  ? 0.2148 0.2719 0.3185 -0.0538 -0.0307 0.0754  243 HOH A O   
700 O O   . HOH C .  ? 0.2671 0.4839 0.4036 -0.0730 -0.0151 0.0982  244 HOH A O   
701 O O   . HOH C .  ? 0.2266 0.1440 0.3941 0.0266  -0.0137 -0.0226 245 HOH A O   
702 O O   . HOH C .  ? 0.3713 0.2779 0.5014 -0.0061 -0.1753 0.0001  246 HOH A O   
703 O O   . HOH C .  ? 0.5826 0.5509 0.5446 -0.1513 0.0908  -0.3073 247 HOH A O   
704 O O   . HOH C .  ? 0.1843 0.1277 0.2481 0.0144  -0.0283 0.0127  248 HOH A O   
705 O O   . HOH C .  ? 0.6257 0.2890 0.7260 -0.1362 0.1077  -0.1024 249 HOH A O   
706 O O   . HOH C .  ? 0.7855 0.6395 0.2914 -0.0843 0.0027  -0.0099 250 HOH A O   
707 O O   . HOH C .  ? 0.7525 0.2642 0.8765 0.0818  -0.1680 0.0056  251 HOH A O   
708 O O   . HOH C .  ? 0.6182 0.6302 0.3640 0.2536  -0.1462 -0.1915 252 HOH A O   
709 O O   . HOH C .  ? 0.6510 0.5051 0.3703 -0.2731 0.0965  -0.1216 253 HOH A O   
710 O O   . HOH C .  ? 0.3420 0.1388 0.4569 0.0567  -0.0035 -0.0528 254 HOH A O   
711 O O   . HOH C .  ? 0.3530 0.2328 0.4174 0.0550  -0.1147 -0.1443 255 HOH A O   
712 O O   . HOH C .  ? 0.3863 0.4432 0.3420 -0.0226 0.1434  0.1352  256 HOH A O   
713 O O   . HOH C .  ? 0.5329 0.2251 0.2872 0.0387  -0.0371 -0.0854 257 HOH A O   
714 O O   . HOH C .  ? 0.3586 0.4636 0.4820 0.1703  0.1661  -0.0235 258 HOH A O   
715 O O   . HOH C .  ? 0.3407 0.5330 0.5931 -0.0440 0.0558  0.0156  259 HOH A O   
716 O O   . HOH C .  ? 0.3897 0.2682 0.5086 -0.0371 0.1294  0.0321  260 HOH A O   
717 O O   . HOH C .  ? 0.7021 0.6896 0.2214 0.0580  0.0357  -0.1154 261 HOH A O   
718 O O   . HOH C .  ? 0.3545 0.3032 0.3306 -0.0713 0.1160  0.0109  262 HOH A O   
719 O O   . HOH C .  ? 0.7550 0.7227 0.5267 0.2298  0.2893  -0.0497 263 HOH A O   
720 O O   . HOH C .  ? 0.6772 0.5378 0.7262 0.0333  -0.1443 0.0762  264 HOH A O   
721 O O   . HOH C .  ? 0.2009 0.4648 0.6042 -0.0136 0.0216  -0.0689 265 HOH A O   
722 O O   . HOH C .  ? 0.1966 0.3174 0.2761 0.0611  0.0252  0.0366  266 HOH A O   
723 O O   . HOH C .  ? 0.3802 0.6675 0.4868 0.1240  0.1081  -0.1196 267 HOH A O   
724 O O   . HOH C .  ? 0.2552 0.1723 0.2900 -0.0190 -0.0099 -0.0170 268 HOH A O   
725 O O   . HOH C .  ? 0.2615 0.5642 0.5888 -0.0937 0.0593  0.1558  269 HOH A O   
726 O O   . HOH C .  ? 0.5703 0.5060 0.5068 -0.2770 -0.0911 -0.0231 270 HOH A O   
727 O O   . HOH C .  ? 0.2901 0.2090 0.2434 0.0378  0.1033  0.0043  271 HOH A O   
728 O O   . HOH C .  ? 0.6387 0.4284 0.2903 -0.1430 -0.0129 -0.1051 272 HOH A O   
729 O O   . HOH C .  ? 0.6922 0.8110 0.6089 0.1314  -0.1380 0.0974  273 HOH A O   
730 O O   . HOH C .  ? 0.3829 0.9398 0.2960 0.1849  0.0618  0.1483  274 HOH A O   
731 O O   . HOH C .  ? 0.9292 0.6618 0.7302 0.1276  -0.0325 0.1363  275 HOH A O   
732 O O   . HOH C .  ? 0.8397 0.4414 0.4651 -0.1587 -0.2117 0.1603  276 HOH A O   
733 O O   . HOH C .  ? 0.5386 0.2653 0.8163 -0.0003 -0.1541 -0.0256 277 HOH A O   
734 O O   . HOH C .  ? 0.6141 0.3581 0.6739 -0.0643 -0.1140 -0.1890 278 HOH A O   
735 O O   . HOH C .  ? 0.3207 0.2619 0.4917 0.0039  0.0920  -0.1183 279 HOH A O   
736 O O   . HOH C .  ? 0.1834 0.1458 0.1386 0.0371  -0.0147 -0.0201 280 HOH A O   
737 O O   . HOH C .  ? 0.7235 0.2573 0.4724 -0.0849 0.1524  -0.0889 281 HOH A O   
738 O O   . HOH C .  ? 0.3531 0.1762 0.2500 0.0917  -0.1481 -0.0581 282 HOH A O   
739 O O   . HOH C .  ? 0.3371 0.5048 0.4269 0.1124  0.1623  0.1295  283 HOH A O   
740 O O   . HOH C .  ? 0.5606 0.4390 0.6886 -0.0751 -0.1781 0.0264  284 HOH A O   
741 O O   . HOH C .  ? 0.4702 0.4829 0.5228 -0.0941 -0.1935 0.2617  285 HOH A O   
742 O O   . HOH C .  ? 0.4077 0.5453 0.6930 -0.0854 -0.0444 0.1236  286 HOH A O   
743 O O   . HOH C .  ? 0.5881 0.6336 0.4215 0.2975  0.1197  0.0354  287 HOH A O   
744 O O   . HOH C .  ? 0.7120 0.6724 0.5105 -0.3183 0.1644  -0.1235 288 HOH A O   
745 O O   . HOH C .  ? 0.5068 0.7619 0.9346 -0.0258 -0.1719 -0.0715 289 HOH A O   
746 O O   . HOH C .  ? 0.4162 0.4385 0.6385 0.0126  -0.1091 -0.0443 290 HOH A O   
747 O O   . HOH C .  ? 0.5699 0.6227 0.4003 -0.2159 0.0042  0.0138  291 HOH A O   
748 O O   . HOH C .  ? 0.8189 0.7272 0.6270 -0.0041 -0.1638 0.0440  292 HOH A O   
749 O O   . HOH C .  ? 0.5877 0.8576 0.4161 0.0023  0.1752  0.0547  293 HOH A O   
750 O O   . HOH C .  ? 0.0585 0.0265 0.0718 0.0167  -0.0079 -0.0002 294 HOH A O   
751 O O   . HOH C .  ? 0.6438 0.6164 0.6087 0.0804  -0.1836 0.0424  295 HOH A O   
752 O O   . HOH C .  ? 0.8974 0.8007 0.6822 -0.0444 -0.0429 -0.1053 296 HOH A O   
753 O O   . HOH C .  ? 0.3911 0.9366 0.5692 0.1199  -0.0699 -0.0571 297 HOH A O   
754 O O   . HOH C .  ? 0.2127 0.6126 0.3226 -0.1210 -0.0025 0.0751  298 HOH A O   
755 O O   . HOH C .  ? 1.0088 0.4577 0.7094 -0.2438 0.0519  0.1291  299 HOH A O   
756 O O   . HOH C .  ? 0.3660 0.3922 0.7009 -0.0501 0.0528  0.0430  300 HOH A O   
758 O O   . HOH C .  ? 0.5662 1.0347 0.9050 -0.0601 -0.1325 -0.4110 302 HOH A O   
759 O O   . HOH C .  ? 0.4774 0.2754 0.6268 0.0050  0.0021  -0.0343 303 HOH A O   
760 O O   . HOH C .  ? 0.5274 0.6256 0.5374 0.2944  0.2095  0.2255  304 HOH A O   
761 O O   . HOH C .  ? 0.7067 0.8699 0.6361 0.0118  -0.0212 -0.1466 305 HOH A O   
762 O O   . HOH C .  ? 0.4552 0.7181 0.6129 0.0160  -0.1463 -0.0727 306 HOH A O   
763 O O   . HOH C .  ? 1.0528 0.5965 0.8323 -0.0832 0.0477  -0.3507 307 HOH A O   
764 O O   . HOH C .  ? 1.1111 1.1226 1.0311 -0.0772 -0.2005 -0.0362 308 HOH A O   
765 O O   . HOH C .  ? 0.2681 0.3591 0.4612 -0.0060 -0.0108 -0.0861 309 HOH A O   
766 O O   . HOH C .  ? 0.4973 0.6443 1.0205 -0.1147 0.2686  0.1305  310 HOH A O   
767 O O   . HOH C .  ? 0.4545 0.3137 0.3452 0.1848  0.1496  0.1043  311 HOH A O   
768 O O   . HOH C .  ? 0.5051 0.7525 0.6594 0.1075  0.1519  -0.0308 312 HOH A O   
769 O O   . HOH C .  ? 0.5871 0.7073 0.6965 -0.2430 -0.1875 -0.0648 313 HOH A O   
770 O O   . HOH C .  ? 0.4581 0.8897 0.8611 0.1585  0.2203  0.2216  314 HOH A O   
771 O O   . HOH C .  ? 1.1248 0.7010 0.4433 0.0312  0.0591  -0.0608 315 HOH A O   
772 O O   . HOH C .  ? 0.5173 0.4979 0.4127 0.0370  0.1998  0.0939  316 HOH A O   
773 O O   . HOH C .  ? 0.5356 0.9558 0.6386 -0.0490 -0.0939 -0.1196 317 HOH A O   
774 O O   . HOH C .  ? 0.7052 0.7205 0.4892 -0.2963 0.2780  -0.1344 318 HOH A O   
775 O O   . HOH C .  ? 0.4422 0.2743 0.3985 0.0199  0.1573  0.0544  319 HOH A O   
776 O O   . HOH C .  ? 0.3087 0.3267 0.7080 0.0591  0.0221  0.0914  320 HOH A O   
777 O O   . HOH C .  ? 0.6706 0.6327 0.5816 -0.1396 -0.3211 0.1224  321 HOH A O   
778 O O   . HOH C .  ? 0.9053 0.4237 0.8692 0.1145  -0.1638 0.1147  322 HOH A O   
# 
loop_
_pdbx_poly_seq_scheme.asym_id 
_pdbx_poly_seq_scheme.entity_id 
_pdbx_poly_seq_scheme.seq_id 
_pdbx_poly_seq_scheme.mon_id 
_pdbx_poly_seq_scheme.ndb_seq_num 
_pdbx_poly_seq_scheme.pdb_seq_num 
_pdbx_poly_seq_scheme.auth_seq_num 
_pdbx_poly_seq_scheme.pdb_mon_id 
_pdbx_poly_seq_scheme.auth_mon_id 
_pdbx_poly_seq_scheme.pdb_strand_id 
_pdbx_poly_seq_scheme.pdb_ins_code 
_pdbx_poly_seq_scheme.hetero 
A 1 1  GLY 1  1  ?  ?   ?   A . n 
A 1 2  PRO 2  2  ?  ?   ?   A . n 
A 1 3  PRO 3  3  3  PRO PRO A . n 
A 1 4  MET 4  4  4  MET MET A . n 
A 1 5  LYS 5  5  5  LYS LYS A . n 
A 1 6  LEU 6  6  6  LEU LEU A . n 
A 1 7  ARG 7  7  7  ARG ARG A . n 
A 1 8  VAL 8  8  8  VAL VAL A . n 
A 1 9  MET 9  9  9  MET MET A . n 
A 1 10 GLU 10 10 10 GLU GLU A . n 
A 1 11 ALA 11 11 11 ALA ALA A . n 
A 1 12 TYR 12 12 12 TYR TYR A . n 
A 1 13 PRO 13 13 13 PRO PRO A . n 
A 1 14 GLU 14 14 14 GLU GLU A . n 
A 1 15 ASP 15 15 15 ASP ASP A . n 
A 1 16 VAL 16 16 16 VAL VAL A . n 
A 1 17 GLY 17 17 17 GLY GLY A . n 
A 1 18 LYS 18 18 18 LYS LYS A . n 
A 1 19 GLY 19 19 19 GLY GLY A . n 
A 1 20 ILE 20 20 20 ILE ILE A . n 
A 1 21 VAL 21 21 21 VAL VAL A . n 
A 1 22 ARG 22 22 22 ARG ARG A . n 
A 1 23 MET 23 23 23 MET MET A . n 
A 1 24 ASP 24 24 24 ASP ASP A . n 
A 1 25 LYS 25 25 25 LYS LYS A . n 
A 1 26 ALA 26 26 26 ALA ALA A . n 
A 1 27 SER 27 27 27 SER SER A . n 
A 1 28 ARG 28 28 28 ARG ARG A . n 
A 1 29 GLU 29 29 29 GLU GLU A . n 
A 1 30 LYS 30 30 30 LYS LYS A . n 
A 1 31 LEU 31 31 31 LEU LEU A . n 
A 1 32 GLY 32 32 32 GLY GLY A . n 
A 1 33 VAL 33 33 33 VAL VAL A . n 
A 1 34 SER 34 34 34 SER SER A . n 
A 1 35 ALA 35 35 35 ALA ALA A . n 
A 1 36 GLY 36 36 36 GLY GLY A . n 
A 1 37 ASP 37 37 37 ASP ASP A . n 
A 1 38 LEU 38 38 38 LEU LEU A . n 
A 1 39 VAL 39 39 39 VAL VAL A . n 
A 1 40 GLU 40 40 40 GLU GLU A . n 
A 1 41 ILE 41 41 41 ILE ILE A . n 
A 1 42 LYS 42 42 42 LYS LYS A . n 
A 1 43 GLY 43 43 43 GLY GLY A . n 
A 1 44 SER 44 44 44 SER SER A . n 
A 1 45 LYS 45 45 45 LYS LYS A . n 
A 1 46 THR 46 46 46 THR THR A . n 
A 1 47 PRO 47 47 47 PRO PRO A . n 
A 1 48 MET 48 48 48 MET MET A . n 
A 1 49 LYS 49 49 49 LYS LYS A . n 
A 1 50 LEU 50 50 50 LEU LEU A . n 
A 1 51 ARG 51 51 51 ARG ARG A . n 
A 1 52 VAL 52 52 52 VAL VAL A . n 
A 1 53 MET 53 53 53 MET MET A . n 
A 1 54 GLU 54 54 54 GLU GLU A . n 
A 1 55 ALA 55 55 55 ALA ALA A . n 
A 1 56 TYR 56 56 56 TYR TYR A . n 
A 1 57 PRO 57 57 57 PRO PRO A . n 
A 1 58 GLU 58 58 58 GLU GLU A . n 
A 1 59 ASP 59 59 59 ASP ASP A . n 
A 1 60 VAL 60 60 60 VAL VAL A . n 
A 1 61 GLY 61 61 61 GLY GLY A . n 
A 1 62 LYS 62 62 62 LYS LYS A . n 
A 1 63 GLY 63 63 63 GLY GLY A . n 
A 1 64 ILE 64 64 64 ILE ILE A . n 
A 1 65 VAL 65 65 65 VAL VAL A . n 
A 1 66 ARG 66 66 66 ARG ARG A . n 
A 1 67 MET 67 67 67 MET MET A . n 
A 1 68 ASP 68 68 68 ASP ASP A . n 
A 1 69 LYS 69 69 69 LYS LYS A . n 
A 1 70 ALA 70 70 70 ALA ALA A . n 
A 1 71 SER 71 71 71 SER SER A . n 
A 1 72 ARG 72 72 72 ARG ARG A . n 
A 1 73 GLU 73 73 73 GLU GLU A . n 
A 1 74 LYS 74 74 74 LYS LYS A . n 
A 1 75 LEU 75 75 75 LEU LEU A . n 
A 1 76 GLY 76 76 76 GLY GLY A . n 
A 1 77 VAL 77 77 77 VAL VAL A . n 
A 1 78 SER 78 78 78 SER SER A . n 
A 1 79 ALA 79 79 79 ALA ALA A . n 
A 1 80 GLY 80 80 80 GLY GLY A . n 
A 1 81 ASP 81 81 81 ASP ASP A . n 
A 1 82 LEU 82 82 82 LEU LEU A . n 
A 1 83 VAL 83 83 83 VAL VAL A . n 
A 1 84 GLU 84 84 84 GLU GLU A . n 
A 1 85 ILE 85 85 85 ILE ILE A . n 
A 1 86 LYS 86 86 86 LYS LYS A . n 
A 1 87 GLY 87 87 87 GLY GLY A . n 
# 
loop_
_pdbx_nonpoly_scheme.asym_id 
_pdbx_nonpoly_scheme.entity_id 
_pdbx_nonpoly_scheme.mon_id 
_pdbx_nonpoly_scheme.ndb_seq_num 
_pdbx_nonpoly_scheme.pdb_seq_num 
_pdbx_nonpoly_scheme.auth_seq_num 
_pdbx_nonpoly_scheme.pdb_mon_id 
_pdbx_nonpoly_scheme.auth_mon_id 
_pdbx_nonpoly_scheme.pdb_strand_id 
_pdbx_nonpoly_scheme.pdb_ins_code 
B 2 MPD 1   101 507 MPD MPD A . 
C 3 HOH 1   201 119 HOH HOH A . 
C 3 HOH 2   202 86  HOH HOH A . 
C 3 HOH 3   203 65  HOH HOH A . 
C 3 HOH 4   204 28  HOH HOH A . 
C 3 HOH 5   205 39  HOH HOH A . 
C 3 HOH 6   206 115 HOH HOH A . 
C 3 HOH 7   207 63  HOH HOH A . 
C 3 HOH 8   208 112 HOH HOH A . 
C 3 HOH 9   209 116 HOH HOH A . 
C 3 HOH 10  210 55  HOH HOH A . 
C 3 HOH 11  211 69  HOH HOH A . 
C 3 HOH 12  212 95  HOH HOH A . 
C 3 HOH 13  213 49  HOH HOH A . 
C 3 HOH 14  214 6   HOH HOH A . 
C 3 HOH 15  215 1   HOH HOH A . 
C 3 HOH 16  216 66  HOH HOH A . 
C 3 HOH 17  217 70  HOH HOH A . 
C 3 HOH 18  218 34  HOH HOH A . 
C 3 HOH 19  219 15  HOH HOH A . 
C 3 HOH 20  220 3   HOH HOH A . 
C 3 HOH 21  221 20  HOH HOH A . 
C 3 HOH 22  222 12  HOH HOH A . 
C 3 HOH 23  223 9   HOH HOH A . 
C 3 HOH 24  224 16  HOH HOH A . 
C 3 HOH 25  225 50  HOH HOH A . 
C 3 HOH 26  226 75  HOH HOH A . 
C 3 HOH 27  227 2   HOH HOH A . 
C 3 HOH 28  228 59  HOH HOH A . 
C 3 HOH 29  229 21  HOH HOH A . 
C 3 HOH 30  230 4   HOH HOH A . 
C 3 HOH 31  231 17  HOH HOH A . 
C 3 HOH 32  232 7   HOH HOH A . 
C 3 HOH 33  233 32  HOH HOH A . 
C 3 HOH 34  234 117 HOH HOH A . 
C 3 HOH 35  235 22  HOH HOH A . 
C 3 HOH 36  236 89  HOH HOH A . 
C 3 HOH 37  237 77  HOH HOH A . 
C 3 HOH 38  238 48  HOH HOH A . 
C 3 HOH 39  239 52  HOH HOH A . 
C 3 HOH 40  240 33  HOH HOH A . 
C 3 HOH 41  241 67  HOH HOH A . 
C 3 HOH 42  242 61  HOH HOH A . 
C 3 HOH 43  243 19  HOH HOH A . 
C 3 HOH 44  244 41  HOH HOH A . 
C 3 HOH 45  245 25  HOH HOH A . 
C 3 HOH 46  246 42  HOH HOH A . 
C 3 HOH 47  247 47  HOH HOH A . 
C 3 HOH 48  248 8   HOH HOH A . 
C 3 HOH 49  249 64  HOH HOH A . 
C 3 HOH 50  250 38  HOH HOH A . 
C 3 HOH 51  251 73  HOH HOH A . 
C 3 HOH 52  252 40  HOH HOH A . 
C 3 HOH 53  253 44  HOH HOH A . 
C 3 HOH 54  254 53  HOH HOH A . 
C 3 HOH 55  255 27  HOH HOH A . 
C 3 HOH 56  256 35  HOH HOH A . 
C 3 HOH 57  257 10  HOH HOH A . 
C 3 HOH 58  258 45  HOH HOH A . 
C 3 HOH 59  259 60  HOH HOH A . 
C 3 HOH 60  260 31  HOH HOH A . 
C 3 HOH 61  261 91  HOH HOH A . 
C 3 HOH 62  262 36  HOH HOH A . 
C 3 HOH 63  263 124 HOH HOH A . 
C 3 HOH 64  264 114 HOH HOH A . 
C 3 HOH 65  265 23  HOH HOH A . 
C 3 HOH 66  266 18  HOH HOH A . 
C 3 HOH 67  267 30  HOH HOH A . 
C 3 HOH 68  268 11  HOH HOH A . 
C 3 HOH 69  269 37  HOH HOH A . 
C 3 HOH 70  270 107 HOH HOH A . 
C 3 HOH 71  271 14  HOH HOH A . 
C 3 HOH 72  272 29  HOH HOH A . 
C 3 HOH 73  273 102 HOH HOH A . 
C 3 HOH 74  274 58  HOH HOH A . 
C 3 HOH 75  275 125 HOH HOH A . 
C 3 HOH 76  276 109 HOH HOH A . 
C 3 HOH 77  277 43  HOH HOH A . 
C 3 HOH 78  278 68  HOH HOH A . 
C 3 HOH 79  279 24  HOH HOH A . 
C 3 HOH 80  280 5   HOH HOH A . 
C 3 HOH 81  281 54  HOH HOH A . 
C 3 HOH 82  282 13  HOH HOH A . 
C 3 HOH 83  283 46  HOH HOH A . 
C 3 HOH 84  284 72  HOH HOH A . 
C 3 HOH 85  285 78  HOH HOH A . 
C 3 HOH 86  286 80  HOH HOH A . 
C 3 HOH 87  287 97  HOH HOH A . 
C 3 HOH 88  288 83  HOH HOH A . 
C 3 HOH 89  289 106 HOH HOH A . 
C 3 HOH 90  290 90  HOH HOH A . 
C 3 HOH 91  291 96  HOH HOH A . 
C 3 HOH 92  292 85  HOH HOH A . 
C 3 HOH 93  293 92  HOH HOH A . 
C 3 HOH 94  294 76  HOH HOH A . 
C 3 HOH 95  295 113 HOH HOH A . 
C 3 HOH 96  296 82  HOH HOH A . 
C 3 HOH 97  297 100 HOH HOH A . 
C 3 HOH 98  298 123 HOH HOH A . 
C 3 HOH 99  299 74  HOH HOH A . 
C 3 HOH 100 300 121 HOH HOH A . 
C 3 HOH 101 301 126 HOH HOH A . 
C 3 HOH 102 302 101 HOH HOH A . 
C 3 HOH 103 303 88  HOH HOH A . 
C 3 HOH 104 304 51  HOH HOH A . 
C 3 HOH 105 305 84  HOH HOH A . 
C 3 HOH 106 306 108 HOH HOH A . 
C 3 HOH 107 307 71  HOH HOH A . 
C 3 HOH 108 308 87  HOH HOH A . 
C 3 HOH 109 309 26  HOH HOH A . 
C 3 HOH 110 310 99  HOH HOH A . 
C 3 HOH 111 311 56  HOH HOH A . 
C 3 HOH 112 312 81  HOH HOH A . 
C 3 HOH 113 313 79  HOH HOH A . 
C 3 HOH 114 314 104 HOH HOH A . 
C 3 HOH 115 315 103 HOH HOH A . 
C 3 HOH 116 316 93  HOH HOH A . 
C 3 HOH 117 317 111 HOH HOH A . 
C 3 HOH 118 318 105 HOH HOH A . 
C 3 HOH 119 319 62  HOH HOH A . 
C 3 HOH 120 320 57  HOH HOH A . 
C 3 HOH 121 321 110 HOH HOH A . 
C 3 HOH 122 322 98  HOH HOH A . 
# 
_pdbx_struct_assembly.id                   1 
_pdbx_struct_assembly.details              author_and_software_defined_assembly 
_pdbx_struct_assembly.method_details       PISA 
_pdbx_struct_assembly.oligomeric_details   monomeric 
_pdbx_struct_assembly.oligomeric_count     1 
# 
_pdbx_struct_assembly_gen.assembly_id       1 
_pdbx_struct_assembly_gen.oper_expression   1 
_pdbx_struct_assembly_gen.asym_id_list      A,B,C 
# 
loop_
_pdbx_struct_assembly_prop.biol_id 
_pdbx_struct_assembly_prop.type 
_pdbx_struct_assembly_prop.value 
_pdbx_struct_assembly_prop.details 
1 'ABSA (A^2)' 190  ? 
1 MORE         -6   ? 
1 'SSA (A^2)'  4820 ? 
# 
_pdbx_struct_oper_list.id                   1 
_pdbx_struct_oper_list.type                 'identity operation' 
_pdbx_struct_oper_list.name                 1_555 
_pdbx_struct_oper_list.symmetry_operation   x,y,z 
_pdbx_struct_oper_list.matrix[1][1]         1.0000000000 
_pdbx_struct_oper_list.matrix[1][2]         0.0000000000 
_pdbx_struct_oper_list.matrix[1][3]         0.0000000000 
_pdbx_struct_oper_list.vector[1]            0.0000000000 
_pdbx_struct_oper_list.matrix[2][1]         0.0000000000 
_pdbx_struct_oper_list.matrix[2][2]         1.0000000000 
_pdbx_struct_oper_list.matrix[2][3]         0.0000000000 
_pdbx_struct_oper_list.vector[2]            0.0000000000 
_pdbx_struct_oper_list.matrix[3][1]         0.0000000000 
_pdbx_struct_oper_list.matrix[3][2]         0.0000000000 
_pdbx_struct_oper_list.matrix[3][3]         1.0000000000 
_pdbx_struct_oper_list.vector[3]            0.0000000000 
# 
loop_
_pdbx_audit_revision_history.ordinal 
_pdbx_audit_revision_history.data_content_type 
_pdbx_audit_revision_history.major_revision 
_pdbx_audit_revision_history.minor_revision 
_pdbx_audit_revision_history.revision_date 
1 'Structure model' 1 0 2021-10-13 
2 'Structure model' 1 1 2021-11-17 
3 'Structure model' 1 2 2023-11-29 
# 
_pdbx_audit_revision_details.ordinal             1 
_pdbx_audit_revision_details.revision_ordinal    1 
_pdbx_audit_revision_details.data_content_type   'Structure model' 
_pdbx_audit_revision_details.provider            repository 
_pdbx_audit_revision_details.type                'Initial release' 
_pdbx_audit_revision_details.description         ? 
_pdbx_audit_revision_details.details             ? 
# 
loop_
_pdbx_audit_revision_group.ordinal 
_pdbx_audit_revision_group.revision_ordinal 
_pdbx_audit_revision_group.data_content_type 
_pdbx_audit_revision_group.group 
1 2 'Structure model' 'Database references'    
2 3 'Structure model' 'Data collection'        
3 3 'Structure model' 'Refinement description' 
# 
loop_
_pdbx_audit_revision_category.ordinal 
_pdbx_audit_revision_category.revision_ordinal 
_pdbx_audit_revision_category.data_content_type 
_pdbx_audit_revision_category.category 
1 2 'Structure model' citation                      
2 3 'Structure model' chem_comp_atom                
3 3 'Structure model' chem_comp_bond                
4 3 'Structure model' pdbx_initial_refinement_model 
# 
loop_
_pdbx_audit_revision_item.ordinal 
_pdbx_audit_revision_item.revision_ordinal 
_pdbx_audit_revision_item.data_content_type 
_pdbx_audit_revision_item.item 
1 2 'Structure model' '_citation.journal_volume' 
2 2 'Structure model' '_citation.page_first'     
3 2 'Structure model' '_citation.page_last'      
# 
loop_
_software.citation_id 
_software.classification 
_software.compiler_name 
_software.compiler_version 
_software.contact_author 
_software.contact_author_email 
_software.date 
_software.description 
_software.dependencies 
_software.hardware 
_software.language 
_software.location 
_software.mods 
_software.name 
_software.os 
_software.os_version 
_software.type 
_software.version 
_software.pdbx_ordinal 
? refinement        ? ? ? ? ? ? ? ? ? ? ? PHENIX      ? ? ? 1.14_3260 1 
? 'data extraction' ? ? ? ? ? ? ? ? ? ? ? PDB_EXTRACT ? ? ? 3.27      2 
? 'data reduction'  ? ? ? ? ? ? ? ? ? ? ? XDS         ? ? ? .         3 
? 'data scaling'    ? ? ? ? ? ? ? ? ? ? ? XDS         ? ? ? .         4 
? phasing           ? ? ? ? ? ? ? ? ? ? ? PHASER      ? ? ? .         5 
# 
_pdbx_entry_details.entry_id                 7DVF 
_pdbx_entry_details.nonpolymer_details       ? 
_pdbx_entry_details.sequence_details         ? 
_pdbx_entry_details.compound_details         ? 
_pdbx_entry_details.source_details           ? 
_pdbx_entry_details.has_ligand_of_interest   N 
# 
loop_
_pdbx_validate_close_contact.id 
_pdbx_validate_close_contact.PDB_model_num 
_pdbx_validate_close_contact.auth_atom_id_1 
_pdbx_validate_close_contact.auth_asym_id_1 
_pdbx_validate_close_contact.auth_comp_id_1 
_pdbx_validate_close_contact.auth_seq_id_1 
_pdbx_validate_close_contact.PDB_ins_code_1 
_pdbx_validate_close_contact.label_alt_id_1 
_pdbx_validate_close_contact.auth_atom_id_2 
_pdbx_validate_close_contact.auth_asym_id_2 
_pdbx_validate_close_contact.auth_comp_id_2 
_pdbx_validate_close_contact.auth_seq_id_2 
_pdbx_validate_close_contact.PDB_ins_code_2 
_pdbx_validate_close_contact.label_alt_id_2 
_pdbx_validate_close_contact.dist 
1  1 O   A HOH 275 ? ? O A HOH 282 ? ? 1.62 
2  1 O   A HOH 235 ? ? O A HOH 275 ? ? 1.65 
3  1 N   A PRO 3   ? ? O A HOH 201 ? ? 1.66 
4  1 O   A HOH 276 ? ? O A HOH 279 ? ? 1.81 
5  1 O   A HOH 237 ? ? O A HOH 270 ? ? 1.84 
6  1 O   A HOH 237 ? ? O A HOH 276 ? ? 1.85 
7  1 NZ  A LYS 5   ? ? O A HOH 202 ? ? 1.86 
8  1 O   A HOH 303 ? ? O A HOH 319 ? ? 1.92 
9  1 O   A HOH 243 ? ? O A HOH 270 ? ? 1.93 
10 1 O   A HOH 255 ? ? O A HOH 276 ? ? 1.96 
11 1 OE2 A GLU 10  ? A O A HOH 203 ? ? 1.97 
12 1 O   A HOH 273 ? ? O A HOH 295 ? ? 2.00 
13 1 O   A HOH 210 ? ? O A HOH 261 ? ? 2.11 
14 1 O   A HOH 284 ? ? O A HOH 297 ? ? 2.11 
15 1 O   A HOH 301 ? ? O A HOH 310 ? ? 2.13 
16 1 OE2 A GLU 58  ? ? O A HOH 204 ? ? 2.14 
17 1 NZ  A LYS 18  ? ? O A HOH 205 ? ? 2.17 
18 1 NZ  A LYS 69  ? ? O A HOH 206 ? ? 2.19 
# 
loop_
_pdbx_validate_symm_contact.id 
_pdbx_validate_symm_contact.PDB_model_num 
_pdbx_validate_symm_contact.auth_atom_id_1 
_pdbx_validate_symm_contact.auth_asym_id_1 
_pdbx_validate_symm_contact.auth_comp_id_1 
_pdbx_validate_symm_contact.auth_seq_id_1 
_pdbx_validate_symm_contact.PDB_ins_code_1 
_pdbx_validate_symm_contact.label_alt_id_1 
_pdbx_validate_symm_contact.site_symmetry_1 
_pdbx_validate_symm_contact.auth_atom_id_2 
_pdbx_validate_symm_contact.auth_asym_id_2 
_pdbx_validate_symm_contact.auth_comp_id_2 
_pdbx_validate_symm_contact.auth_seq_id_2 
_pdbx_validate_symm_contact.PDB_ins_code_2 
_pdbx_validate_symm_contact.label_alt_id_2 
_pdbx_validate_symm_contact.site_symmetry_2 
_pdbx_validate_symm_contact.dist 
1 1 CB  A SER 44  ? ? 1_555 NZ A LYS 74  ? ? 4_455 1.53 
2 1 CD  A GLU 29  ? ? 1_555 O  A HOH 263 ? ? 3_645 1.87 
3 1 OG  A SER 44  ? ? 1_555 NZ A LYS 74  ? ? 4_455 1.90 
4 1 OE1 A GLU 29  ? ? 1_555 O  A HOH 263 ? ? 3_645 1.99 
5 1 O   A HOH 209 ? ? 1_555 O  A HOH 264 ? ? 4_455 2.08 
6 1 O   A HOH 207 ? ? 1_555 O  A HOH 263 ? ? 3_645 2.12 
7 1 O   A HOH 261 ? ? 1_555 O  A HOH 304 ? ? 4_545 2.14 
# 
_pdbx_validate_torsion.id              1 
_pdbx_validate_torsion.PDB_model_num   1 
_pdbx_validate_torsion.auth_comp_id    LYS 
_pdbx_validate_torsion.auth_asym_id    A 
_pdbx_validate_torsion.auth_seq_id     45 
_pdbx_validate_torsion.PDB_ins_code    ? 
_pdbx_validate_torsion.label_alt_id    ? 
_pdbx_validate_torsion.phi             -117.30 
_pdbx_validate_torsion.psi             -140.91 
# 
loop_
_pdbx_unobs_or_zero_occ_residues.id 
_pdbx_unobs_or_zero_occ_residues.PDB_model_num 
_pdbx_unobs_or_zero_occ_residues.polymer_flag 
_pdbx_unobs_or_zero_occ_residues.occupancy_flag 
_pdbx_unobs_or_zero_occ_residues.auth_asym_id 
_pdbx_unobs_or_zero_occ_residues.auth_comp_id 
_pdbx_unobs_or_zero_occ_residues.auth_seq_id 
_pdbx_unobs_or_zero_occ_residues.PDB_ins_code 
_pdbx_unobs_or_zero_occ_residues.label_asym_id 
_pdbx_unobs_or_zero_occ_residues.label_comp_id 
_pdbx_unobs_or_zero_occ_residues.label_seq_id 
1 1 Y 1 A GLY 1  ? A GLY 1  
2 1 Y 1 A PRO 2  ? A PRO 2  
3 1 Y 0 A SER 44 ? A SER 44 
# 
loop_
_chem_comp_atom.comp_id 
_chem_comp_atom.atom_id 
_chem_comp_atom.type_symbol 
_chem_comp_atom.pdbx_aromatic_flag 
_chem_comp_atom.pdbx_stereo_config 
_chem_comp_atom.pdbx_ordinal 
ALA N    N N N 1   
ALA CA   C N S 2   
ALA C    C N N 3   
ALA O    O N N 4   
ALA CB   C N N 5   
ALA OXT  O N N 6   
ALA H    H N N 7   
ALA H2   H N N 8   
ALA HA   H N N 9   
ALA HB1  H N N 10  
ALA HB2  H N N 11  
ALA HB3  H N N 12  
ALA HXT  H N N 13  
ARG N    N N N 14  
ARG CA   C N S 15  
ARG C    C N N 16  
ARG O    O N N 17  
ARG CB   C N N 18  
ARG CG   C N N 19  
ARG CD   C N N 20  
ARG NE   N N N 21  
ARG CZ   C N N 22  
ARG NH1  N N N 23  
ARG NH2  N N N 24  
ARG OXT  O N N 25  
ARG H    H N N 26  
ARG H2   H N N 27  
ARG HA   H N N 28  
ARG HB2  H N N 29  
ARG HB3  H N N 30  
ARG HG2  H N N 31  
ARG HG3  H N N 32  
ARG HD2  H N N 33  
ARG HD3  H N N 34  
ARG HE   H N N 35  
ARG HH11 H N N 36  
ARG HH12 H N N 37  
ARG HH21 H N N 38  
ARG HH22 H N N 39  
ARG HXT  H N N 40  
ASP N    N N N 41  
ASP CA   C N S 42  
ASP C    C N N 43  
ASP O    O N N 44  
ASP CB   C N N 45  
ASP CG   C N N 46  
ASP OD1  O N N 47  
ASP OD2  O N N 48  
ASP OXT  O N N 49  
ASP H    H N N 50  
ASP H2   H N N 51  
ASP HA   H N N 52  
ASP HB2  H N N 53  
ASP HB3  H N N 54  
ASP HD2  H N N 55  
ASP HXT  H N N 56  
GLU N    N N N 57  
GLU CA   C N S 58  
GLU C    C N N 59  
GLU O    O N N 60  
GLU CB   C N N 61  
GLU CG   C N N 62  
GLU CD   C N N 63  
GLU OE1  O N N 64  
GLU OE2  O N N 65  
GLU OXT  O N N 66  
GLU H    H N N 67  
GLU H2   H N N 68  
GLU HA   H N N 69  
GLU HB2  H N N 70  
GLU HB3  H N N 71  
GLU HG2  H N N 72  
GLU HG3  H N N 73  
GLU HE2  H N N 74  
GLU HXT  H N N 75  
GLY N    N N N 76  
GLY CA   C N N 77  
GLY C    C N N 78  
GLY O    O N N 79  
GLY OXT  O N N 80  
GLY H    H N N 81  
GLY H2   H N N 82  
GLY HA2  H N N 83  
GLY HA3  H N N 84  
GLY HXT  H N N 85  
HOH O    O N N 86  
HOH H1   H N N 87  
HOH H2   H N N 88  
ILE N    N N N 89  
ILE CA   C N S 90  
ILE C    C N N 91  
ILE O    O N N 92  
ILE CB   C N S 93  
ILE CG1  C N N 94  
ILE CG2  C N N 95  
ILE CD1  C N N 96  
ILE OXT  O N N 97  
ILE H    H N N 98  
ILE H2   H N N 99  
ILE HA   H N N 100 
ILE HB   H N N 101 
ILE HG12 H N N 102 
ILE HG13 H N N 103 
ILE HG21 H N N 104 
ILE HG22 H N N 105 
ILE HG23 H N N 106 
ILE HD11 H N N 107 
ILE HD12 H N N 108 
ILE HD13 H N N 109 
ILE HXT  H N N 110 
LEU N    N N N 111 
LEU CA   C N S 112 
LEU C    C N N 113 
LEU O    O N N 114 
LEU CB   C N N 115 
LEU CG   C N N 116 
LEU CD1  C N N 117 
LEU CD2  C N N 118 
LEU OXT  O N N 119 
LEU H    H N N 120 
LEU H2   H N N 121 
LEU HA   H N N 122 
LEU HB2  H N N 123 
LEU HB3  H N N 124 
LEU HG   H N N 125 
LEU HD11 H N N 126 
LEU HD12 H N N 127 
LEU HD13 H N N 128 
LEU HD21 H N N 129 
LEU HD22 H N N 130 
LEU HD23 H N N 131 
LEU HXT  H N N 132 
LYS N    N N N 133 
LYS CA   C N S 134 
LYS C    C N N 135 
LYS O    O N N 136 
LYS CB   C N N 137 
LYS CG   C N N 138 
LYS CD   C N N 139 
LYS CE   C N N 140 
LYS NZ   N N N 141 
LYS OXT  O N N 142 
LYS H    H N N 143 
LYS H2   H N N 144 
LYS HA   H N N 145 
LYS HB2  H N N 146 
LYS HB3  H N N 147 
LYS HG2  H N N 148 
LYS HG3  H N N 149 
LYS HD2  H N N 150 
LYS HD3  H N N 151 
LYS HE2  H N N 152 
LYS HE3  H N N 153 
LYS HZ1  H N N 154 
LYS HZ2  H N N 155 
LYS HZ3  H N N 156 
LYS HXT  H N N 157 
MET N    N N N 158 
MET CA   C N S 159 
MET C    C N N 160 
MET O    O N N 161 
MET CB   C N N 162 
MET CG   C N N 163 
MET SD   S N N 164 
MET CE   C N N 165 
MET OXT  O N N 166 
MET H    H N N 167 
MET H2   H N N 168 
MET HA   H N N 169 
MET HB2  H N N 170 
MET HB3  H N N 171 
MET HG2  H N N 172 
MET HG3  H N N 173 
MET HE1  H N N 174 
MET HE2  H N N 175 
MET HE3  H N N 176 
MET HXT  H N N 177 
MPD C1   C N N 178 
MPD C2   C N N 179 
MPD O2   O N N 180 
MPD CM   C N N 181 
MPD C3   C N N 182 
MPD C4   C N S 183 
MPD O4   O N N 184 
MPD C5   C N N 185 
MPD H11  H N N 186 
MPD H12  H N N 187 
MPD H13  H N N 188 
MPD HO2  H N N 189 
MPD HM1  H N N 190 
MPD HM2  H N N 191 
MPD HM3  H N N 192 
MPD H31  H N N 193 
MPD H32  H N N 194 
MPD H4   H N N 195 
MPD HO4  H N N 196 
MPD H51  H N N 197 
MPD H52  H N N 198 
MPD H53  H N N 199 
PRO N    N N N 200 
PRO CA   C N S 201 
PRO C    C N N 202 
PRO O    O N N 203 
PRO CB   C N N 204 
PRO CG   C N N 205 
PRO CD   C N N 206 
PRO OXT  O N N 207 
PRO H    H N N 208 
PRO HA   H N N 209 
PRO HB2  H N N 210 
PRO HB3  H N N 211 
PRO HG2  H N N 212 
PRO HG3  H N N 213 
PRO HD2  H N N 214 
PRO HD3  H N N 215 
PRO HXT  H N N 216 
SER N    N N N 217 
SER CA   C N S 218 
SER C    C N N 219 
SER O    O N N 220 
SER CB   C N N 221 
SER OG   O N N 222 
SER OXT  O N N 223 
SER H    H N N 224 
SER H2   H N N 225 
SER HA   H N N 226 
SER HB2  H N N 227 
SER HB3  H N N 228 
SER HG   H N N 229 
SER HXT  H N N 230 
THR N    N N N 231 
THR CA   C N S 232 
THR C    C N N 233 
THR O    O N N 234 
THR CB   C N R 235 
THR OG1  O N N 236 
THR CG2  C N N 237 
THR OXT  O N N 238 
THR H    H N N 239 
THR H2   H N N 240 
THR HA   H N N 241 
THR HB   H N N 242 
THR HG1  H N N 243 
THR HG21 H N N 244 
THR HG22 H N N 245 
THR HG23 H N N 246 
THR HXT  H N N 247 
TYR N    N N N 248 
TYR CA   C N S 249 
TYR C    C N N 250 
TYR O    O N N 251 
TYR CB   C N N 252 
TYR CG   C Y N 253 
TYR CD1  C Y N 254 
TYR CD2  C Y N 255 
TYR CE1  C Y N 256 
TYR CE2  C Y N 257 
TYR CZ   C Y N 258 
TYR OH   O N N 259 
TYR OXT  O N N 260 
TYR H    H N N 261 
TYR H2   H N N 262 
TYR HA   H N N 263 
TYR HB2  H N N 264 
TYR HB3  H N N 265 
TYR HD1  H N N 266 
TYR HD2  H N N 267 
TYR HE1  H N N 268 
TYR HE2  H N N 269 
TYR HH   H N N 270 
TYR HXT  H N N 271 
VAL N    N N N 272 
VAL CA   C N S 273 
VAL C    C N N 274 
VAL O    O N N 275 
VAL CB   C N N 276 
VAL CG1  C N N 277 
VAL CG2  C N N 278 
VAL OXT  O N N 279 
VAL H    H N N 280 
VAL H2   H N N 281 
VAL HA   H N N 282 
VAL HB   H N N 283 
VAL HG11 H N N 284 
VAL HG12 H N N 285 
VAL HG13 H N N 286 
VAL HG21 H N N 287 
VAL HG22 H N N 288 
VAL HG23 H N N 289 
VAL HXT  H N N 290 
# 
loop_
_chem_comp_bond.comp_id 
_chem_comp_bond.atom_id_1 
_chem_comp_bond.atom_id_2 
_chem_comp_bond.value_order 
_chem_comp_bond.pdbx_aromatic_flag 
_chem_comp_bond.pdbx_stereo_config 
_chem_comp_bond.pdbx_ordinal 
ALA N   CA   sing N N 1   
ALA N   H    sing N N 2   
ALA N   H2   sing N N 3   
ALA CA  C    sing N N 4   
ALA CA  CB   sing N N 5   
ALA CA  HA   sing N N 6   
ALA C   O    doub N N 7   
ALA C   OXT  sing N N 8   
ALA CB  HB1  sing N N 9   
ALA CB  HB2  sing N N 10  
ALA CB  HB3  sing N N 11  
ALA OXT HXT  sing N N 12  
ARG N   CA   sing N N 13  
ARG N   H    sing N N 14  
ARG N   H2   sing N N 15  
ARG CA  C    sing N N 16  
ARG CA  CB   sing N N 17  
ARG CA  HA   sing N N 18  
ARG C   O    doub N N 19  
ARG C   OXT  sing N N 20  
ARG CB  CG   sing N N 21  
ARG CB  HB2  sing N N 22  
ARG CB  HB3  sing N N 23  
ARG CG  CD   sing N N 24  
ARG CG  HG2  sing N N 25  
ARG CG  HG3  sing N N 26  
ARG CD  NE   sing N N 27  
ARG CD  HD2  sing N N 28  
ARG CD  HD3  sing N N 29  
ARG NE  CZ   sing N N 30  
ARG NE  HE   sing N N 31  
ARG CZ  NH1  sing N N 32  
ARG CZ  NH2  doub N N 33  
ARG NH1 HH11 sing N N 34  
ARG NH1 HH12 sing N N 35  
ARG NH2 HH21 sing N N 36  
ARG NH2 HH22 sing N N 37  
ARG OXT HXT  sing N N 38  
ASP N   CA   sing N N 39  
ASP N   H    sing N N 40  
ASP N   H2   sing N N 41  
ASP CA  C    sing N N 42  
ASP CA  CB   sing N N 43  
ASP CA  HA   sing N N 44  
ASP C   O    doub N N 45  
ASP C   OXT  sing N N 46  
ASP CB  CG   sing N N 47  
ASP CB  HB2  sing N N 48  
ASP CB  HB3  sing N N 49  
ASP CG  OD1  doub N N 50  
ASP CG  OD2  sing N N 51  
ASP OD2 HD2  sing N N 52  
ASP OXT HXT  sing N N 53  
GLU N   CA   sing N N 54  
GLU N   H    sing N N 55  
GLU N   H2   sing N N 56  
GLU CA  C    sing N N 57  
GLU CA  CB   sing N N 58  
GLU CA  HA   sing N N 59  
GLU C   O    doub N N 60  
GLU C   OXT  sing N N 61  
GLU CB  CG   sing N N 62  
GLU CB  HB2  sing N N 63  
GLU CB  HB3  sing N N 64  
GLU CG  CD   sing N N 65  
GLU CG  HG2  sing N N 66  
GLU CG  HG3  sing N N 67  
GLU CD  OE1  doub N N 68  
GLU CD  OE2  sing N N 69  
GLU OE2 HE2  sing N N 70  
GLU OXT HXT  sing N N 71  
GLY N   CA   sing N N 72  
GLY N   H    sing N N 73  
GLY N   H2   sing N N 74  
GLY CA  C    sing N N 75  
GLY CA  HA2  sing N N 76  
GLY CA  HA3  sing N N 77  
GLY C   O    doub N N 78  
GLY C   OXT  sing N N 79  
GLY OXT HXT  sing N N 80  
HOH O   H1   sing N N 81  
HOH O   H2   sing N N 82  
ILE N   CA   sing N N 83  
ILE N   H    sing N N 84  
ILE N   H2   sing N N 85  
ILE CA  C    sing N N 86  
ILE CA  CB   sing N N 87  
ILE CA  HA   sing N N 88  
ILE C   O    doub N N 89  
ILE C   OXT  sing N N 90  
ILE CB  CG1  sing N N 91  
ILE CB  CG2  sing N N 92  
ILE CB  HB   sing N N 93  
ILE CG1 CD1  sing N N 94  
ILE CG1 HG12 sing N N 95  
ILE CG1 HG13 sing N N 96  
ILE CG2 HG21 sing N N 97  
ILE CG2 HG22 sing N N 98  
ILE CG2 HG23 sing N N 99  
ILE CD1 HD11 sing N N 100 
ILE CD1 HD12 sing N N 101 
ILE CD1 HD13 sing N N 102 
ILE OXT HXT  sing N N 103 
LEU N   CA   sing N N 104 
LEU N   H    sing N N 105 
LEU N   H2   sing N N 106 
LEU CA  C    sing N N 107 
LEU CA  CB   sing N N 108 
LEU CA  HA   sing N N 109 
LEU C   O    doub N N 110 
LEU C   OXT  sing N N 111 
LEU CB  CG   sing N N 112 
LEU CB  HB2  sing N N 113 
LEU CB  HB3  sing N N 114 
LEU CG  CD1  sing N N 115 
LEU CG  CD2  sing N N 116 
LEU CG  HG   sing N N 117 
LEU CD1 HD11 sing N N 118 
LEU CD1 HD12 sing N N 119 
LEU CD1 HD13 sing N N 120 
LEU CD2 HD21 sing N N 121 
LEU CD2 HD22 sing N N 122 
LEU CD2 HD23 sing N N 123 
LEU OXT HXT  sing N N 124 
LYS N   CA   sing N N 125 
LYS N   H    sing N N 126 
LYS N   H2   sing N N 127 
LYS CA  C    sing N N 128 
LYS CA  CB   sing N N 129 
LYS CA  HA   sing N N 130 
LYS C   O    doub N N 131 
LYS C   OXT  sing N N 132 
LYS CB  CG   sing N N 133 
LYS CB  HB2  sing N N 134 
LYS CB  HB3  sing N N 135 
LYS CG  CD   sing N N 136 
LYS CG  HG2  sing N N 137 
LYS CG  HG3  sing N N 138 
LYS CD  CE   sing N N 139 
LYS CD  HD2  sing N N 140 
LYS CD  HD3  sing N N 141 
LYS CE  NZ   sing N N 142 
LYS CE  HE2  sing N N 143 
LYS CE  HE3  sing N N 144 
LYS NZ  HZ1  sing N N 145 
LYS NZ  HZ2  sing N N 146 
LYS NZ  HZ3  sing N N 147 
LYS OXT HXT  sing N N 148 
MET N   CA   sing N N 149 
MET N   H    sing N N 150 
MET N   H2   sing N N 151 
MET CA  C    sing N N 152 
MET CA  CB   sing N N 153 
MET CA  HA   sing N N 154 
MET C   O    doub N N 155 
MET C   OXT  sing N N 156 
MET CB  CG   sing N N 157 
MET CB  HB2  sing N N 158 
MET CB  HB3  sing N N 159 
MET CG  SD   sing N N 160 
MET CG  HG2  sing N N 161 
MET CG  HG3  sing N N 162 
MET SD  CE   sing N N 163 
MET CE  HE1  sing N N 164 
MET CE  HE2  sing N N 165 
MET CE  HE3  sing N N 166 
MET OXT HXT  sing N N 167 
MPD C1  C2   sing N N 168 
MPD C1  H11  sing N N 169 
MPD C1  H12  sing N N 170 
MPD C1  H13  sing N N 171 
MPD C2  O2   sing N N 172 
MPD C2  CM   sing N N 173 
MPD C2  C3   sing N N 174 
MPD O2  HO2  sing N N 175 
MPD CM  HM1  sing N N 176 
MPD CM  HM2  sing N N 177 
MPD CM  HM3  sing N N 178 
MPD C3  C4   sing N N 179 
MPD C3  H31  sing N N 180 
MPD C3  H32  sing N N 181 
MPD C4  O4   sing N N 182 
MPD C4  C5   sing N N 183 
MPD C4  H4   sing N N 184 
MPD O4  HO4  sing N N 185 
MPD C5  H51  sing N N 186 
MPD C5  H52  sing N N 187 
MPD C5  H53  sing N N 188 
PRO N   CA   sing N N 189 
PRO N   CD   sing N N 190 
PRO N   H    sing N N 191 
PRO CA  C    sing N N 192 
PRO CA  CB   sing N N 193 
PRO CA  HA   sing N N 194 
PRO C   O    doub N N 195 
PRO C   OXT  sing N N 196 
PRO CB  CG   sing N N 197 
PRO CB  HB2  sing N N 198 
PRO CB  HB3  sing N N 199 
PRO CG  CD   sing N N 200 
PRO CG  HG2  sing N N 201 
PRO CG  HG3  sing N N 202 
PRO CD  HD2  sing N N 203 
PRO CD  HD3  sing N N 204 
PRO OXT HXT  sing N N 205 
SER N   CA   sing N N 206 
SER N   H    sing N N 207 
SER N   H2   sing N N 208 
SER CA  C    sing N N 209 
SER CA  CB   sing N N 210 
SER CA  HA   sing N N 211 
SER C   O    doub N N 212 
SER C   OXT  sing N N 213 
SER CB  OG   sing N N 214 
SER CB  HB2  sing N N 215 
SER CB  HB3  sing N N 216 
SER OG  HG   sing N N 217 
SER OXT HXT  sing N N 218 
THR N   CA   sing N N 219 
THR N   H    sing N N 220 
THR N   H2   sing N N 221 
THR CA  C    sing N N 222 
THR CA  CB   sing N N 223 
THR CA  HA   sing N N 224 
THR C   O    doub N N 225 
THR C   OXT  sing N N 226 
THR CB  OG1  sing N N 227 
THR CB  CG2  sing N N 228 
THR CB  HB   sing N N 229 
THR OG1 HG1  sing N N 230 
THR CG2 HG21 sing N N 231 
THR CG2 HG22 sing N N 232 
THR CG2 HG23 sing N N 233 
THR OXT HXT  sing N N 234 
TYR N   CA   sing N N 235 
TYR N   H    sing N N 236 
TYR N   H2   sing N N 237 
TYR CA  C    sing N N 238 
TYR CA  CB   sing N N 239 
TYR CA  HA   sing N N 240 
TYR C   O    doub N N 241 
TYR C   OXT  sing N N 242 
TYR CB  CG   sing N N 243 
TYR CB  HB2  sing N N 244 
TYR CB  HB3  sing N N 245 
TYR CG  CD1  doub Y N 246 
TYR CG  CD2  sing Y N 247 
TYR CD1 CE1  sing Y N 248 
TYR CD1 HD1  sing N N 249 
TYR CD2 CE2  doub Y N 250 
TYR CD2 HD2  sing N N 251 
TYR CE1 CZ   doub Y N 252 
TYR CE1 HE1  sing N N 253 
TYR CE2 CZ   sing Y N 254 
TYR CE2 HE2  sing N N 255 
TYR CZ  OH   sing N N 256 
TYR OH  HH   sing N N 257 
TYR OXT HXT  sing N N 258 
VAL N   CA   sing N N 259 
VAL N   H    sing N N 260 
VAL N   H2   sing N N 261 
VAL CA  C    sing N N 262 
VAL CA  CB   sing N N 263 
VAL CA  HA   sing N N 264 
VAL C   O    doub N N 265 
VAL C   OXT  sing N N 266 
VAL CB  CG1  sing N N 267 
VAL CB  CG2  sing N N 268 
VAL CB  HB   sing N N 269 
VAL CG1 HG11 sing N N 270 
VAL CG1 HG12 sing N N 271 
VAL CG1 HG13 sing N N 272 
VAL CG2 HG21 sing N N 273 
VAL CG2 HG22 sing N N 274 
VAL CG2 HG23 sing N N 275 
VAL OXT HXT  sing N N 276 
# 
_pdbx_audit_support.funding_organization   'Japan Society for the Promotion of Science (JSPS)' 
_pdbx_audit_support.country                Japan 
_pdbx_audit_support.grant_number           18H01328 
_pdbx_audit_support.ordinal                1 
# 
loop_
_pdbx_entity_nonpoly.entity_id 
_pdbx_entity_nonpoly.name 
_pdbx_entity_nonpoly.comp_id 
2 '(4S)-2-METHYL-2,4-PENTANEDIOL' MPD 
3 water                           HOH 
# 
_pdbx_initial_refinement_model.id               1 
_pdbx_initial_refinement_model.entity_id_list   ? 
_pdbx_initial_refinement_model.type             'experimental model' 
_pdbx_initial_refinement_model.source_name      PDB 
_pdbx_initial_refinement_model.accession_code   7DU6 
_pdbx_initial_refinement_model.details          ? 
# 
_pdbx_struct_assembly_auth_evidence.id                     1 
_pdbx_struct_assembly_auth_evidence.assembly_id            1 
_pdbx_struct_assembly_auth_evidence.experimental_support   'gel filtration' 
_pdbx_struct_assembly_auth_evidence.details                ? 
# 
